data_9BF6
#
_entry.id   9BF6
#
_cell.length_a   1.00
_cell.length_b   1.00
_cell.length_c   1.00
_cell.angle_alpha   90.00
_cell.angle_beta   90.00
_cell.angle_gamma   90.00
#
_symmetry.space_group_name_H-M   'P 1'
#
loop_
_entity.id
_entity.type
_entity.pdbx_description
1 polymer 'Envelope glycoprotein gp41'
2 polymer 'Envelope glycoprotein gp120'
3 polymer 'PGT122 heavy chain'
4 polymer 'PGT122 light chain'
5 branched beta-D-mannopyranose-(1-4)-2-acetamido-2-deoxy-beta-D-glucopyranose-(1-4)-2-acetamido-2-deoxy-beta-D-glucopyranose
6 branched alpha-D-mannopyranose-(1-2)-alpha-D-mannopyranose-(1-3)-[alpha-D-mannopyranose-(1-6)]beta-D-mannopyranose-(1-4)-2-acetamido-2-deoxy-beta-D-glucopyranose-(1-4)-2-acetamido-2-deoxy-beta-D-glucopyranose
7 branched alpha-D-mannopyranose-(1-3)-beta-D-mannopyranose-(1-4)-2-acetamido-2-deoxy-beta-D-glucopyranose-(1-4)-2-acetamido-2-deoxy-beta-D-glucopyranose
8 non-polymer 2-acetamido-2-deoxy-beta-D-glucopyranose
9 non-polymer 'PHOSPHATE ION'
#
loop_
_entity_poly.entity_id
_entity_poly.type
_entity_poly.pdbx_seq_one_letter_code
_entity_poly.pdbx_strand_id
1 'polypeptide(L)'
;AVTLGAVFLGFLGAAGSTMGAASLTLTVQARLLLSGIVQQQSNLLRAPEAQQHMLQLTVWGIKQLQARVLAIERYLKDQQ
LLGIWGCSGKLICTTTVPWNTSWSNKSYDYIWNNMTWMQWEREIDNYTGFIYTLIEESQNQQEKNELELLELD
;
A,B,I
2 'polypeptide(L)'
;AEQLWVTVYYGVPVWREANTTLFCASDAKAYDTEVHNVWATHACVPTDPNPQEVVMGNVTEDFNMWKNNMVEQMHEDIIS
LWCQSLKPCVKLTPLCVTLHCTNVTISSTNGSTANVTMREEMKNCSFNTTTVIRDKIQKEYALFYKLDIVPIEGKNTNTS
YRLINCNTSVITQACPKVSFEPIPIHYCAPAGFAILKCNNKTFNGKGPCRNVSTVQCTHGIKPVVSTQLLLNGSLAEEDI
IIRSENFTNNGKNIIVQLKEPVKINCTRPGNNTRRSINIGPGRAFYATGAIIGDIRKAHCNISTEQWNNTLTQIVDKLRE
QFGN(UNK)KTIIFNQSSGGDPEVVMHTFNCGGEFFYCNSTQLFNSTWFNNGTSTWNSTADNITLPCRIKQVINMWQEVG
GCGAMYAPPIRGQIDCSSNITGLILTRDGGSNSSQNETFRPGGGNMKDNWRSELYKYKVVKIEPLGIAPTRAKRRVVQRR
RRRR
;
C,F,J
3 'polypeptide(L)'
;QVHLQESGPGLVKPSETLSLTCNVSGTLVRDNYWSWIRQPLGKQPEWIGYVHDSGDTNYNPSLKSRVHLSLDKSKNLVSL
RLTGVTAADSAIYYCATTKHGRRIYGVVAFKEWFTYFYMDVWGKGTSVTVSS
;
D,G,K
4 'polypeptide(L)'
;TFVSVAPGQTARITCGEESLGSRSVIWYQQRPGQAPSLIIYNNNDRPSGIPDRFSGSPGSTFGTTATLTITSVEAGDEAD
YYCHIWDSRRPTNWVFGEGTTLIVL
;
E,H,L
#
# COMPACT_ATOMS: atom_id res chain seq x y z
N LEU A 9 35.28 36.85 2.49
CA LEU A 9 34.31 37.51 1.63
C LEU A 9 33.44 36.48 0.92
N GLY A 10 32.15 36.78 0.80
CA GLY A 10 31.20 35.89 0.17
C GLY A 10 29.92 35.75 0.97
N PHE A 11 29.42 34.53 1.08
CA PHE A 11 28.22 34.27 1.87
C PHE A 11 28.49 34.65 3.32
N LEU A 12 27.80 35.68 3.81
CA LEU A 12 28.04 36.22 5.15
C LEU A 12 29.50 36.67 5.30
N GLY A 13 30.09 37.13 4.20
CA GLY A 13 31.46 37.59 4.25
C GLY A 13 31.62 38.82 5.13
N ALA A 14 32.78 38.92 5.77
CA ALA A 14 33.12 40.06 6.62
C ALA A 14 32.11 40.22 7.76
N ALA A 15 31.65 39.08 8.29
CA ALA A 15 30.72 39.14 9.42
C ALA A 15 31.37 39.74 10.65
N GLY A 16 32.63 39.41 10.90
CA GLY A 16 33.37 39.93 12.03
C GLY A 16 34.07 41.25 11.77
N SER A 17 33.81 41.88 10.63
CA SER A 17 34.47 43.14 10.28
C SER A 17 33.80 44.31 10.99
N THR A 18 34.14 45.53 10.57
CA THR A 18 33.71 46.73 11.27
C THR A 18 32.18 46.78 11.39
N MET A 19 31.71 47.72 12.21
CA MET A 19 30.29 47.81 12.52
C MET A 19 29.54 48.62 11.47
N GLY A 20 30.06 49.79 11.12
CA GLY A 20 29.37 50.69 10.21
C GLY A 20 29.96 50.71 8.81
N ALA A 21 31.27 50.50 8.71
CA ALA A 21 31.96 50.50 7.43
C ALA A 21 31.98 49.13 6.76
N ALA A 22 31.26 48.15 7.31
CA ALA A 22 31.14 46.82 6.71
C ALA A 22 29.89 46.70 5.86
N SER A 23 29.44 47.80 5.26
CA SER A 23 28.26 47.78 4.41
C SER A 23 28.50 47.08 3.09
N LEU A 24 29.75 46.77 2.74
CA LEU A 24 30.03 46.13 1.46
C LEU A 24 29.38 44.75 1.36
N THR A 25 29.14 44.09 2.49
CA THR A 25 28.54 42.76 2.49
C THR A 25 27.01 42.81 2.52
N LEU A 26 26.42 44.00 2.42
CA LEU A 26 24.95 44.08 2.38
C LEU A 26 24.41 43.43 1.11
N THR A 27 24.97 43.77 -0.05
CA THR A 27 24.46 43.25 -1.31
C THR A 27 24.66 41.74 -1.42
N VAL A 28 25.82 41.21 -1.01
CA VAL A 28 26.06 39.78 -1.11
C VAL A 28 25.14 39.00 -0.18
N GLN A 29 24.76 39.58 0.96
CA GLN A 29 23.81 38.91 1.83
C GLN A 29 22.43 38.84 1.17
N ALA A 30 22.07 39.85 0.40
CA ALA A 30 20.74 39.90 -0.20
C ALA A 30 20.60 38.92 -1.35
N ARG A 31 21.60 38.82 -2.23
CA ARG A 31 21.48 37.92 -3.37
C ARG A 31 21.34 36.47 -2.95
N LEU A 32 22.12 36.03 -1.97
CA LEU A 32 22.13 34.64 -1.54
C LEU A 32 20.94 34.27 -0.67
N LEU A 33 20.09 35.23 -0.32
CA LEU A 33 19.02 34.94 0.63
C LEU A 33 17.97 34.01 0.04
N LEU A 34 17.73 34.08 -1.28
CA LEU A 34 16.78 33.20 -1.94
C LEU A 34 17.39 32.43 -3.11
N SER A 35 18.24 33.07 -3.91
CA SER A 35 18.80 32.40 -5.08
C SER A 35 19.67 31.21 -4.66
N GLY A 36 20.51 31.39 -3.64
CA GLY A 36 21.38 30.32 -3.17
C GLY A 36 22.50 30.03 -4.14
N THR A 58 9.98 10.53 -3.31
CA THR A 58 10.89 9.80 -2.44
C THR A 58 10.99 10.48 -1.08
N VAL A 59 11.92 10.01 -0.24
CA VAL A 59 12.07 10.56 1.10
C VAL A 59 12.49 12.02 1.04
N TRP A 60 13.46 12.33 0.17
CA TRP A 60 13.94 13.70 0.07
C TRP A 60 12.99 14.61 -0.69
N GLY A 61 12.20 14.05 -1.61
CA GLY A 61 11.28 14.90 -2.37
C GLY A 61 10.26 15.58 -1.49
N ILE A 62 9.63 14.84 -0.59
CA ILE A 62 8.72 15.45 0.38
C ILE A 62 9.49 16.42 1.26
N LYS A 63 10.73 16.07 1.61
CA LYS A 63 11.57 16.97 2.39
C LYS A 63 11.85 18.24 1.61
N GLN A 64 12.16 18.12 0.32
CA GLN A 64 12.45 19.29 -0.50
C GLN A 64 11.24 20.22 -0.58
N LEU A 65 10.03 19.65 -0.64
CA LEU A 65 8.83 20.49 -0.66
C LEU A 65 8.72 21.31 0.61
N GLN A 66 8.99 20.70 1.76
CA GLN A 66 9.10 21.47 3.01
C GLN A 66 10.56 21.87 3.25
N ALA A 67 11.20 22.33 2.18
CA ALA A 67 12.50 22.98 2.27
C ALA A 67 12.64 24.16 1.33
N ARG A 68 11.84 24.23 0.27
CA ARG A 68 11.90 25.31 -0.72
C ARG A 68 10.82 26.35 -0.48
N VAL A 69 9.65 25.94 0.00
CA VAL A 69 8.63 26.90 0.39
C VAL A 69 9.09 27.70 1.60
N LEU A 70 9.75 27.03 2.55
CA LEU A 70 10.26 27.73 3.73
C LEU A 70 11.26 28.80 3.34
N ALA A 71 12.10 28.51 2.34
CA ALA A 71 13.04 29.51 1.87
C ALA A 71 12.33 30.70 1.24
N ILE A 72 11.21 30.45 0.56
CA ILE A 72 10.50 31.53 -0.12
C ILE A 72 9.92 32.51 0.89
N GLU A 73 9.08 32.01 1.80
CA GLU A 73 8.47 32.90 2.80
C GLU A 73 9.50 33.56 3.69
N ARG A 74 10.65 32.91 3.92
CA ARG A 74 11.69 33.54 4.70
C ARG A 74 12.14 34.85 4.04
N TYR A 75 12.26 34.85 2.72
CA TYR A 75 12.59 36.08 2.01
C TYR A 75 11.43 37.06 2.03
N LEU A 76 10.21 36.57 1.82
CA LEU A 76 9.05 37.46 1.78
C LEU A 76 8.77 38.08 3.14
N LYS A 77 8.88 37.30 4.22
CA LYS A 77 8.59 37.83 5.55
C LYS A 77 9.52 38.98 5.88
N ASP A 78 10.82 38.83 5.59
CA ASP A 78 11.74 39.94 5.78
C ASP A 78 11.46 41.07 4.80
N GLN A 79 11.03 40.74 3.57
CA GLN A 79 10.69 41.77 2.61
C GLN A 79 9.35 42.43 2.92
N GLN A 80 8.49 41.78 3.69
CA GLN A 80 7.22 42.41 4.05
C GLN A 80 7.45 43.63 4.93
N LEU A 81 8.34 43.53 5.92
CA LEU A 81 8.60 44.66 6.79
C LEU A 81 9.18 45.84 6.02
N LEU A 82 10.10 45.57 5.10
CA LEU A 82 10.71 46.66 4.33
C LEU A 82 9.70 47.33 3.42
N GLY A 83 8.79 46.55 2.83
CA GLY A 83 7.86 47.11 1.86
C GLY A 83 6.88 48.10 2.48
N ILE A 84 6.33 47.77 3.65
CA ILE A 84 5.30 48.61 4.24
C ILE A 84 5.88 49.89 4.83
N TRP A 85 7.15 49.86 5.23
CA TRP A 85 7.75 51.05 5.84
C TRP A 85 8.17 52.08 4.82
N GLY A 86 7.89 51.89 3.54
CA GLY A 86 8.25 52.88 2.55
C GLY A 86 9.72 52.90 2.19
N CYS A 87 10.44 51.80 2.43
CA CYS A 87 11.85 51.71 2.11
C CYS A 87 12.14 50.38 1.41
N SER A 88 11.33 50.07 0.41
CA SER A 88 11.49 48.83 -0.34
C SER A 88 12.64 48.96 -1.33
N GLY A 89 13.56 48.00 -1.30
CA GLY A 89 14.64 47.95 -2.27
C GLY A 89 15.58 49.13 -2.22
N LYS A 90 16.01 49.55 -1.03
CA LYS A 90 16.97 50.63 -0.89
C LYS A 90 18.11 50.32 0.07
N LEU A 91 17.95 49.36 0.98
CA LEU A 91 18.96 49.02 1.98
C LEU A 91 19.15 50.12 3.02
N ILE A 92 18.36 51.18 2.94
CA ILE A 92 18.30 52.22 3.96
C ILE A 92 16.85 52.63 4.14
N CYS A 93 16.42 52.75 5.38
CA CYS A 93 15.03 53.05 5.72
C CYS A 93 14.99 54.39 6.46
N THR A 94 14.88 55.47 5.69
CA THR A 94 14.69 56.79 6.29
C THR A 94 13.31 56.86 6.94
N THR A 95 13.27 57.37 8.17
CA THR A 95 12.03 57.42 8.93
C THR A 95 11.86 58.76 9.62
N THR A 96 10.85 58.87 10.48
CA THR A 96 10.57 60.09 11.23
C THR A 96 10.52 59.88 12.73
N VAL A 97 10.34 58.65 13.20
CA VAL A 97 10.26 58.40 14.65
C VAL A 97 11.64 58.57 15.26
N PRO A 98 11.82 59.43 16.28
CA PRO A 98 13.13 59.60 16.88
C PRO A 98 13.42 58.51 17.92
N TRP A 99 14.61 58.58 18.50
CA TRP A 99 15.01 57.64 19.52
C TRP A 99 14.20 57.85 20.80
N ASN A 100 14.23 56.84 21.66
CA ASN A 100 13.57 56.88 22.96
C ASN A 100 14.55 56.47 24.05
N THR A 101 14.41 57.10 25.21
CA THR A 101 15.35 56.87 26.30
C THR A 101 15.31 55.42 26.81
N SER A 102 14.23 54.70 26.54
CA SER A 102 14.06 53.35 27.08
C SER A 102 14.94 52.31 26.38
N TRP A 103 15.50 52.62 25.21
CA TRP A 103 16.29 51.63 24.49
C TRP A 103 17.68 51.46 25.12
N SER A 104 18.46 52.54 25.15
CA SER A 104 19.81 52.52 25.69
C SER A 104 20.44 53.87 25.41
N ASN A 105 21.54 54.15 26.12
CA ASN A 105 22.37 55.33 25.88
C ASN A 105 23.67 54.85 25.24
N LYS A 106 23.82 55.08 23.94
CA LYS A 106 25.02 54.69 23.22
C LYS A 106 25.51 55.90 22.42
N SER A 107 26.79 56.21 22.56
CA SER A 107 27.37 57.37 21.90
C SER A 107 27.61 57.07 20.42
N TYR A 108 27.93 58.13 19.69
CA TYR A 108 28.16 58.07 18.25
C TYR A 108 29.65 58.11 17.97
N ASP A 109 30.11 57.23 17.09
CA ASP A 109 31.50 57.11 16.62
C ASP A 109 32.42 56.45 17.65
N TYR A 110 31.94 56.15 18.85
CA TYR A 110 32.69 55.39 19.83
C TYR A 110 32.12 53.98 20.03
N ILE A 111 30.81 53.87 20.19
CA ILE A 111 30.15 52.57 20.17
C ILE A 111 30.13 51.97 18.78
N TRP A 112 30.34 52.80 17.75
CA TRP A 112 30.19 52.39 16.36
C TRP A 112 31.48 51.88 15.74
N ASN A 113 32.56 51.76 16.52
CA ASN A 113 33.83 51.25 16.02
C ASN A 113 34.37 50.04 16.78
N ASN A 114 33.85 49.75 17.97
CA ASN A 114 34.28 48.56 18.71
C ASN A 114 33.09 48.06 19.52
N MET A 115 32.37 47.09 18.96
CA MET A 115 31.26 46.44 19.63
C MET A 115 30.82 45.24 18.81
N THR A 116 30.46 44.16 19.48
CA THR A 116 29.99 42.97 18.78
C THR A 116 28.54 43.16 18.37
N TRP A 117 28.28 43.11 17.07
CA TRP A 117 26.91 43.25 16.58
C TRP A 117 26.01 42.17 17.13
N MET A 118 26.57 40.99 17.45
CA MET A 118 25.79 39.95 18.13
C MET A 118 25.18 40.49 19.41
N GLN A 119 26.01 41.13 20.25
CA GLN A 119 25.51 41.68 21.51
C GLN A 119 24.58 42.86 21.29
N TRP A 120 24.78 43.63 20.21
CA TRP A 120 23.92 44.79 19.97
C TRP A 120 22.47 44.38 19.80
N GLU A 121 22.21 43.34 19.01
CA GLU A 121 20.83 42.93 18.78
C GLU A 121 20.21 42.36 20.06
N ARG A 122 20.99 41.60 20.84
CA ARG A 122 20.45 41.00 22.06
C ARG A 122 19.89 42.04 23.01
N GLU A 123 20.49 43.23 23.05
CA GLU A 123 20.04 44.25 23.99
C GLU A 123 18.62 44.68 23.71
N ILE A 124 18.26 44.85 22.43
CA ILE A 124 16.96 45.39 22.07
C ILE A 124 15.97 44.31 21.62
N ASP A 125 16.44 43.07 21.43
CA ASP A 125 15.53 42.01 20.98
C ASP A 125 14.33 41.85 21.90
N ASN A 126 14.50 42.07 23.20
CA ASN A 126 13.39 41.97 24.14
C ASN A 126 12.47 43.17 24.09
N TYR A 127 12.78 44.18 23.26
CA TYR A 127 11.88 45.32 23.07
C TYR A 127 11.80 45.79 21.63
N THR A 128 12.31 45.03 20.66
CA THR A 128 12.33 45.49 19.28
C THR A 128 10.95 45.48 18.62
N GLY A 129 10.01 44.69 19.14
CA GLY A 129 8.73 44.53 18.46
C GLY A 129 7.93 45.80 18.32
N PHE A 130 8.14 46.77 19.21
CA PHE A 130 7.36 48.01 19.17
C PHE A 130 7.71 48.87 17.97
N ILE A 131 8.95 48.81 17.48
CA ILE A 131 9.37 49.68 16.39
C ILE A 131 8.54 49.42 15.15
N TYR A 132 8.23 48.15 14.87
CA TYR A 132 7.56 47.80 13.61
C TYR A 132 6.21 48.48 13.50
N THR A 133 5.41 48.44 14.57
CA THR A 133 4.11 49.10 14.55
C THR A 133 4.24 50.62 14.55
N LEU A 134 5.15 51.16 15.36
CA LEU A 134 5.26 52.60 15.49
C LEU A 134 5.66 53.26 14.17
N ILE A 135 6.62 52.65 13.45
CA ILE A 135 7.06 53.22 12.18
C ILE A 135 5.91 53.25 11.20
N GLU A 136 5.13 52.18 11.14
CA GLU A 136 3.98 52.15 10.23
C GLU A 136 2.97 53.23 10.58
N GLU A 137 2.71 53.45 11.87
CA GLU A 137 1.81 54.52 12.28
C GLU A 137 2.30 55.88 11.83
N SER A 138 3.62 56.04 11.63
CA SER A 138 4.17 57.27 11.08
C SER A 138 4.31 57.22 9.57
N GLN A 139 4.54 56.03 9.00
CA GLN A 139 4.65 55.91 7.55
C GLN A 139 3.36 56.28 6.85
N ASN A 140 2.22 56.04 7.49
CA ASN A 140 0.93 56.37 6.91
C ASN A 140 0.58 57.84 7.03
N GLN A 141 1.30 58.61 7.86
CA GLN A 141 0.96 60.02 8.05
C GLN A 141 1.30 60.82 6.80
N GLN A 142 2.58 60.86 6.41
CA GLN A 142 2.98 61.60 5.23
C GLN A 142 2.48 60.98 3.95
N GLU A 143 1.99 59.73 3.98
CA GLU A 143 1.27 59.18 2.84
C GLU A 143 0.01 59.99 2.57
N LYS A 144 -0.73 60.32 3.63
CA LYS A 144 -1.92 61.14 3.46
C LYS A 144 -1.55 62.58 3.12
N ASN A 145 -0.53 63.12 3.78
CA ASN A 145 -0.11 64.50 3.54
C ASN A 145 0.46 64.69 2.14
N GLU A 146 0.94 63.63 1.51
CA GLU A 146 1.50 63.77 0.16
C GLU A 146 0.44 64.27 -0.82
N LEU A 147 -0.76 63.70 -0.76
CA LEU A 147 -1.85 64.20 -1.59
C LEU A 147 -2.26 65.60 -1.16
N GLU A 148 -2.31 65.85 0.15
CA GLU A 148 -2.71 67.16 0.63
C GLU A 148 -1.70 68.23 0.25
N LEU A 149 -0.41 67.98 0.52
CA LEU A 149 0.63 68.94 0.16
C LEU A 149 0.75 69.13 -1.34
N LEU A 150 0.40 68.11 -2.13
CA LEU A 150 0.44 68.21 -3.59
C LEU A 150 1.86 68.50 -4.07
N GLU B 2 20.55 64.39 21.48
CA GLU B 2 20.36 65.00 20.18
C GLU B 2 18.99 64.61 19.61
N GLN B 3 18.66 65.19 18.45
CA GLN B 3 17.41 64.86 17.75
C GLN B 3 17.61 63.59 16.92
N LEU B 4 18.01 62.53 17.60
CA LEU B 4 18.43 61.31 16.94
C LEU B 4 17.24 60.63 16.27
N TRP B 5 17.42 60.22 15.02
CA TRP B 5 16.44 59.46 14.27
C TRP B 5 16.85 57.98 14.27
N VAL B 6 16.10 57.17 13.52
CA VAL B 6 16.39 55.74 13.40
C VAL B 6 16.38 55.34 11.94
N THR B 7 17.14 54.31 11.62
CA THR B 7 17.24 53.78 10.27
C THR B 7 17.39 52.27 10.36
N VAL B 8 16.77 51.56 9.42
CA VAL B 8 16.78 50.10 9.38
C VAL B 8 17.75 49.65 8.30
N TYR B 9 18.69 48.78 8.68
CA TYR B 9 19.63 48.17 7.75
C TYR B 9 19.20 46.72 7.52
N TYR B 10 19.10 46.34 6.25
CA TYR B 10 18.65 45.01 5.85
C TYR B 10 19.80 44.28 5.20
N GLY B 11 20.02 43.03 5.60
CA GLY B 11 21.11 42.24 5.07
C GLY B 11 22.36 42.23 5.92
N VAL B 12 22.25 42.52 7.21
CA VAL B 12 23.40 42.57 8.10
C VAL B 12 23.56 41.21 8.77
N PRO B 13 24.79 40.72 8.99
CA PRO B 13 24.97 39.37 9.54
C PRO B 13 24.64 39.33 11.03
N VAL B 14 23.55 38.64 11.37
CA VAL B 14 23.19 38.33 12.74
C VAL B 14 22.65 36.91 12.78
N TRP B 15 22.95 36.19 13.85
CA TRP B 15 22.71 34.76 13.93
C TRP B 15 21.59 34.43 14.92
N ARG B 16 21.15 33.18 14.86
CA ARG B 16 20.13 32.65 15.74
C ARG B 16 20.05 31.15 15.52
N GLU B 17 19.82 30.41 16.60
CA GLU B 17 19.70 28.96 16.53
C GLU B 17 18.26 28.58 16.24
N ALA B 18 18.03 27.86 15.13
CA ALA B 18 16.69 27.47 14.73
C ALA B 18 16.73 26.04 14.20
N ASN B 19 15.93 25.18 14.79
CA ASN B 19 15.76 23.81 14.28
C ASN B 19 14.99 23.85 12.96
N THR B 20 15.49 23.13 11.96
CA THR B 20 14.91 23.13 10.63
C THR B 20 15.32 21.86 9.91
N THR B 21 15.07 21.81 8.60
CA THR B 21 15.38 20.67 7.77
C THR B 21 16.66 20.91 6.97
N LEU B 22 17.08 19.88 6.25
CA LEU B 22 18.33 19.89 5.49
C LEU B 22 18.09 19.26 4.13
N PHE B 23 19.03 19.49 3.21
CA PHE B 23 18.95 18.95 1.86
C PHE B 23 19.90 17.75 1.71
N CYS B 24 20.01 17.24 0.49
CA CYS B 24 20.93 16.20 0.09
C CYS B 24 21.73 16.63 -1.13
N ALA B 25 22.96 16.11 -1.22
CA ALA B 25 23.82 16.34 -2.37
C ALA B 25 24.56 15.05 -2.69
N SER B 26 24.28 14.48 -3.87
CA SER B 26 24.90 13.22 -4.27
C SER B 26 26.41 13.36 -4.40
N ASP B 27 26.88 14.43 -5.04
CA ASP B 27 28.30 14.65 -5.26
C ASP B 27 28.93 13.49 -6.01
N ALA B 28 28.35 13.19 -7.18
CA ALA B 28 28.83 12.10 -8.01
C ALA B 28 28.48 12.34 -9.47
N GLU B 34 25.18 2.00 -10.84
CA GLU B 34 24.48 3.20 -10.39
C GLU B 34 23.03 3.18 -10.85
N VAL B 35 22.35 2.07 -10.58
CA VAL B 35 20.94 1.92 -10.96
C VAL B 35 20.02 2.20 -9.78
N HIS B 36 20.38 1.69 -8.60
CA HIS B 36 19.63 1.97 -7.39
C HIS B 36 20.60 1.98 -6.21
N ASN B 37 20.11 2.48 -5.07
CA ASN B 37 20.89 2.53 -3.85
C ASN B 37 19.95 2.78 -2.69
N VAL B 38 20.22 2.10 -1.57
CA VAL B 38 19.36 2.25 -0.39
C VAL B 38 19.34 3.71 0.06
N TRP B 39 20.49 4.36 0.06
CA TRP B 39 20.56 5.80 0.15
C TRP B 39 20.33 6.36 -1.25
N ALA B 40 19.32 7.23 -1.38
CA ALA B 40 18.81 7.58 -2.71
C ALA B 40 19.93 8.05 -3.62
N THR B 41 20.53 9.20 -3.30
CA THR B 41 21.70 9.71 -4.01
C THR B 41 21.41 9.97 -5.49
N HIS B 42 20.13 9.94 -5.88
CA HIS B 42 19.74 10.12 -7.27
C HIS B 42 18.70 11.22 -7.39
N ALA B 43 17.88 11.39 -6.35
CA ALA B 43 16.86 12.45 -6.36
C ALA B 43 17.41 13.79 -5.94
N CYS B 44 18.50 13.81 -5.18
CA CYS B 44 19.01 15.06 -4.63
C CYS B 44 20.07 15.67 -5.54
N VAL B 45 20.23 16.98 -5.41
CA VAL B 45 20.98 17.77 -6.40
C VAL B 45 22.43 17.31 -6.42
N PRO B 46 23.00 16.92 -7.56
CA PRO B 46 24.43 16.57 -7.60
C PRO B 46 25.36 17.77 -7.63
N THR B 47 24.87 18.96 -7.96
CA THR B 47 25.75 20.09 -8.23
C THR B 47 26.31 20.65 -6.94
N ASP B 48 27.63 20.76 -6.86
CA ASP B 48 28.34 21.47 -5.79
C ASP B 48 29.43 22.32 -6.41
N PRO B 49 29.05 23.39 -7.14
CA PRO B 49 30.06 24.13 -7.92
C PRO B 49 30.99 25.01 -7.09
N ASN B 50 32.04 24.38 -6.56
CA ASN B 50 33.13 25.11 -5.92
C ASN B 50 32.63 25.94 -4.74
N PRO B 51 32.27 25.32 -3.62
CA PRO B 51 31.81 26.10 -2.46
C PRO B 51 32.87 27.08 -2.00
N GLN B 52 32.39 28.18 -1.39
CA GLN B 52 33.28 29.28 -1.03
C GLN B 52 34.01 29.04 0.28
N GLU B 53 33.40 28.31 1.21
CA GLU B 53 33.91 28.14 2.58
C GLU B 53 34.46 29.45 3.14
N VAL B 54 33.57 30.44 3.20
CA VAL B 54 33.96 31.76 3.67
C VAL B 54 34.37 31.68 5.13
N VAL B 55 35.43 32.41 5.49
CA VAL B 55 36.03 32.33 6.81
C VAL B 55 35.57 33.52 7.64
N MET B 56 34.85 33.26 8.73
CA MET B 56 34.52 34.30 9.68
C MET B 56 35.74 34.64 10.52
N GLY B 57 35.66 35.75 11.22
CA GLY B 57 36.77 36.23 12.03
C GLY B 57 36.32 36.81 13.35
N ASN B 58 37.14 36.59 14.37
CA ASN B 58 36.92 37.15 15.71
C ASN B 58 35.56 36.80 16.27
N VAL B 59 35.03 35.62 15.92
CA VAL B 59 33.72 35.18 16.36
C VAL B 59 33.88 34.27 17.57
N THR B 60 33.24 34.64 18.68
CA THR B 60 33.22 33.81 19.88
C THR B 60 31.85 33.12 19.93
N GLU B 61 31.74 32.01 19.21
CA GLU B 61 30.49 31.27 19.07
C GLU B 61 30.59 29.95 19.83
N ASP B 62 29.53 29.63 20.57
CA ASP B 62 29.45 28.39 21.35
C ASP B 62 28.69 27.34 20.55
N PHE B 63 29.25 26.14 20.49
CA PHE B 63 28.60 24.99 19.86
C PHE B 63 28.27 23.96 20.92
N ASN B 64 27.05 23.46 20.89
CA ASN B 64 26.59 22.42 21.80
C ASN B 64 26.57 21.08 21.05
N MET B 65 27.29 20.10 21.59
CA MET B 65 27.41 18.79 20.94
C MET B 65 26.28 17.85 21.32
N TRP B 66 25.97 17.71 22.61
CA TRP B 66 24.85 16.87 23.01
C TRP B 66 23.53 17.45 22.55
N LYS B 67 23.36 18.76 22.67
CA LYS B 67 22.08 19.41 22.43
C LYS B 67 21.78 19.64 20.95
N ASN B 68 22.76 19.51 20.07
CA ASN B 68 22.52 19.74 18.65
C ASN B 68 21.57 18.69 18.10
N ASN B 69 20.64 19.13 17.25
CA ASN B 69 19.62 18.26 16.68
C ASN B 69 19.88 17.91 15.22
N MET B 70 21.04 18.26 14.67
CA MET B 70 21.37 17.77 13.34
C MET B 70 21.43 16.25 13.31
N VAL B 71 22.07 15.66 14.32
CA VAL B 71 22.11 14.20 14.41
C VAL B 71 20.70 13.64 14.57
N GLU B 72 19.91 14.22 15.48
CA GLU B 72 18.55 13.72 15.69
C GLU B 72 17.72 13.90 14.42
N GLN B 73 17.87 15.02 13.73
CA GLN B 73 17.20 15.19 12.45
C GLN B 73 17.66 14.12 11.45
N MET B 74 18.96 13.86 11.41
CA MET B 74 19.47 12.89 10.45
C MET B 74 19.17 11.46 10.90
N HIS B 75 19.06 11.24 12.20
CA HIS B 75 18.78 9.89 12.70
C HIS B 75 17.44 9.39 12.20
N GLU B 76 16.41 10.24 12.23
CA GLU B 76 15.12 9.86 11.67
C GLU B 76 15.20 9.74 10.15
N ASP B 77 16.06 10.55 9.51
CA ASP B 77 16.19 10.49 8.06
C ASP B 77 16.70 9.13 7.62
N ILE B 78 17.73 8.61 8.29
CA ILE B 78 18.30 7.32 7.91
C ILE B 78 17.27 6.22 8.05
N ILE B 79 16.49 6.23 9.13
CA ILE B 79 15.46 5.22 9.32
C ILE B 79 14.44 5.29 8.18
N SER B 80 14.11 6.50 7.74
CA SER B 80 13.13 6.65 6.66
C SER B 80 13.63 6.01 5.37
N LEU B 81 14.91 6.23 5.05
CA LEU B 81 15.46 5.65 3.82
C LEU B 81 15.43 4.13 3.87
N TRP B 82 15.95 3.55 4.97
CA TRP B 82 15.95 2.10 5.11
C TRP B 82 14.56 1.51 5.05
N CYS B 83 13.65 2.01 5.87
CA CYS B 83 12.31 1.43 5.93
C CYS B 83 11.52 1.67 4.65
N GLN B 84 11.70 2.83 4.02
CA GLN B 84 10.94 3.15 2.82
C GLN B 84 11.54 2.53 1.56
N SER B 85 12.77 2.01 1.64
CA SER B 85 13.37 1.35 0.50
C SER B 85 13.06 -0.14 0.44
N LEU B 86 12.33 -0.67 1.42
CA LEU B 86 11.98 -2.09 1.44
C LEU B 86 10.53 -2.36 1.04
N LYS B 87 9.63 -1.40 1.23
CA LYS B 87 8.23 -1.65 0.86
C LYS B 87 8.07 -2.01 -0.60
N PRO B 88 8.75 -1.36 -1.59
CA PRO B 88 8.62 -1.77 -2.99
C PRO B 88 9.46 -2.99 -3.36
N CYS B 89 9.37 -4.03 -2.54
CA CYS B 89 10.14 -5.24 -2.75
C CYS B 89 9.34 -6.43 -2.25
N VAL B 90 9.73 -7.63 -2.72
CA VAL B 90 9.01 -8.84 -2.35
C VAL B 90 9.15 -9.08 -0.86
N LYS B 91 8.12 -9.71 -0.28
CA LYS B 91 8.11 -10.06 1.13
C LYS B 91 8.33 -11.56 1.29
N LEU B 92 9.12 -11.92 2.30
CA LEU B 92 9.44 -13.32 2.53
C LEU B 92 8.18 -14.14 2.81
N THR B 93 7.30 -13.62 3.65
CA THR B 93 6.08 -14.35 3.98
C THR B 93 5.22 -14.50 2.71
N PRO B 94 4.62 -15.67 2.48
CA PRO B 94 4.68 -16.93 3.23
C PRO B 94 5.96 -17.74 2.98
N LEU B 95 6.87 -17.74 3.95
CA LEU B 95 7.98 -18.71 3.96
C LEU B 95 8.32 -19.25 5.33
N CYS B 96 7.88 -18.65 6.43
CA CYS B 96 8.29 -19.10 7.75
C CYS B 96 7.36 -20.17 8.31
N VAL B 97 7.18 -21.23 7.53
CA VAL B 97 6.48 -22.42 8.00
C VAL B 97 7.51 -23.31 8.67
N THR B 98 7.06 -24.23 9.52
CA THR B 98 7.98 -25.18 10.13
C THR B 98 8.74 -25.94 9.05
N LEU B 99 10.05 -26.01 9.22
CA LEU B 99 10.95 -26.57 8.21
C LEU B 99 11.34 -27.98 8.63
N HIS B 100 11.06 -28.96 7.78
CA HIS B 100 11.57 -30.30 8.01
C HIS B 100 13.06 -30.25 7.75
N CYS B 101 13.84 -30.01 8.80
CA CYS B 101 15.17 -29.45 8.67
C CYS B 101 16.15 -30.33 9.44
N THR B 102 17.19 -30.78 8.75
CA THR B 102 18.10 -31.78 9.32
C THR B 102 19.56 -31.40 9.10
N ASN B 103 20.46 -32.32 9.44
CA ASN B 103 21.89 -32.10 9.22
C ASN B 103 22.17 -32.08 7.71
N VAL B 104 23.43 -31.84 7.36
CA VAL B 104 23.86 -31.70 5.97
C VAL B 104 24.59 -32.97 5.55
N THR B 105 24.24 -33.47 4.38
CA THR B 105 24.86 -34.67 3.82
C THR B 105 26.07 -34.29 2.96
N THR B 117 32.24 -32.20 2.88
CA THR B 117 30.85 -31.89 3.16
C THR B 117 30.69 -30.52 3.82
N MET B 118 29.55 -29.88 3.60
CA MET B 118 29.26 -28.64 4.29
C MET B 118 29.23 -28.87 5.79
N ARG B 119 29.51 -27.83 6.55
CA ARG B 119 29.69 -27.97 7.99
C ARG B 119 29.52 -26.61 8.65
N GLU B 120 29.73 -26.60 9.97
CA GLU B 120 29.69 -25.38 10.78
C GLU B 120 28.25 -24.89 10.90
N GLU B 121 27.93 -23.70 10.36
CA GLU B 121 26.60 -23.13 10.51
C GLU B 121 25.61 -23.61 9.45
N MET B 122 26.08 -24.26 8.39
CA MET B 122 25.20 -24.61 7.28
C MET B 122 24.37 -25.84 7.63
N LYS B 123 23.06 -25.72 7.44
CA LYS B 123 22.09 -26.67 7.97
C LYS B 123 21.04 -27.01 6.90
N ASN B 124 21.51 -27.49 5.74
CA ASN B 124 20.70 -27.74 4.54
C ASN B 124 19.29 -28.19 4.89
N CYS B 125 18.29 -27.52 4.33
CA CYS B 125 16.99 -27.42 4.97
C CYS B 125 15.88 -27.38 3.92
N SER B 126 14.69 -27.85 4.30
CA SER B 126 13.57 -28.00 3.39
C SER B 126 12.45 -27.02 3.73
N PHE B 127 11.54 -26.79 2.77
CA PHE B 127 10.54 -25.72 2.86
C PHE B 127 9.10 -26.22 2.84
N ASN B 128 8.74 -27.07 1.88
CA ASN B 128 7.32 -27.28 1.56
C ASN B 128 6.74 -25.93 1.10
N THR B 129 7.19 -25.49 -0.07
CA THR B 129 7.08 -24.13 -0.59
C THR B 129 5.61 -23.80 -0.89
N THR B 130 5.33 -22.58 -1.40
CA THR B 130 3.98 -22.20 -1.80
C THR B 130 3.76 -22.00 -3.30
N THR B 131 4.28 -22.90 -4.11
CA THR B 131 3.67 -23.33 -5.38
C THR B 131 3.84 -22.50 -6.64
N VAL B 132 4.33 -21.27 -6.58
CA VAL B 132 4.36 -20.30 -7.70
C VAL B 132 3.02 -20.15 -8.44
N ILE B 133 2.21 -21.21 -8.59
CA ILE B 133 0.90 -21.16 -9.24
C ILE B 133 -0.23 -21.34 -8.23
N ARG B 134 -0.01 -20.93 -6.99
CA ARG B 134 -1.03 -20.80 -5.93
C ARG B 134 -1.49 -22.13 -5.31
N ASP B 135 -1.15 -23.27 -5.91
CA ASP B 135 -1.46 -24.63 -5.48
C ASP B 135 -0.50 -25.70 -6.00
N LYS B 136 -0.77 -26.96 -5.66
CA LYS B 136 0.15 -28.04 -5.99
C LYS B 136 1.48 -27.78 -5.30
N ILE B 137 1.47 -27.77 -3.97
CA ILE B 137 2.66 -27.46 -3.18
C ILE B 137 3.81 -28.39 -3.55
N GLN B 138 4.93 -27.80 -3.92
CA GLN B 138 6.19 -28.52 -4.13
C GLN B 138 7.08 -28.36 -2.91
N LYS B 139 7.87 -29.40 -2.64
CA LYS B 139 8.75 -29.43 -1.47
C LYS B 139 10.18 -29.10 -1.87
N GLU B 140 10.42 -27.82 -2.15
CA GLU B 140 11.77 -27.35 -2.47
C GLU B 140 12.60 -27.23 -1.20
N TYR B 141 13.87 -26.86 -1.35
CA TYR B 141 14.80 -26.79 -0.23
C TYR B 141 15.85 -25.73 -0.51
N ALA B 142 16.47 -25.23 0.55
CA ALA B 142 17.58 -24.30 0.41
C ALA B 142 18.35 -24.25 1.72
N LEU B 143 19.48 -23.54 1.68
CA LEU B 143 20.41 -23.51 2.81
C LEU B 143 20.04 -22.38 3.78
N PHE B 144 20.60 -22.46 4.98
CA PHE B 144 20.42 -21.42 5.99
C PHE B 144 21.53 -21.52 7.01
N TYR B 145 21.69 -20.44 7.78
CA TYR B 145 22.68 -20.39 8.85
C TYR B 145 22.05 -20.71 10.20
N LYS B 146 22.88 -21.22 11.12
CA LYS B 146 22.40 -21.57 12.44
C LYS B 146 21.88 -20.35 13.19
N LEU B 147 22.55 -19.20 13.05
CA LEU B 147 22.09 -18.00 13.72
C LEU B 147 20.72 -17.56 13.23
N ASP B 148 20.49 -17.64 11.91
CA ASP B 148 19.21 -17.21 11.36
C ASP B 148 18.08 -18.09 11.85
N ILE B 149 18.31 -19.39 11.95
CA ILE B 149 17.28 -20.36 12.27
C ILE B 149 17.24 -20.57 13.78
N VAL B 150 16.05 -20.84 14.31
CA VAL B 150 15.85 -21.01 15.75
C VAL B 150 14.95 -22.22 15.96
N PRO B 151 15.14 -23.03 17.01
CA PRO B 151 14.19 -24.11 17.29
C PRO B 151 12.89 -23.58 17.84
N ILE B 152 11.83 -24.36 17.66
CA ILE B 152 10.51 -24.00 18.19
C ILE B 152 10.51 -24.22 19.70
N ASN B 156 9.01 -31.15 16.64
CA ASN B 156 9.27 -32.44 17.28
C ASN B 156 10.62 -32.39 18.01
N THR B 157 11.54 -33.32 17.70
CA THR B 157 12.77 -33.44 18.49
C THR B 157 13.79 -32.36 18.13
N ASN B 158 14.23 -32.32 16.86
CA ASN B 158 15.28 -31.39 16.48
C ASN B 158 15.10 -30.82 15.06
N THR B 159 13.95 -31.06 14.44
CA THR B 159 13.65 -30.52 13.12
C THR B 159 12.71 -29.31 13.17
N SER B 160 12.10 -29.04 14.32
CA SER B 160 11.20 -27.90 14.45
C SER B 160 11.99 -26.60 14.48
N TYR B 161 12.47 -26.17 13.32
CA TYR B 161 13.37 -25.03 13.20
C TYR B 161 12.76 -24.03 12.22
N ARG B 162 12.39 -22.85 12.73
CA ARG B 162 11.85 -21.76 11.93
C ARG B 162 12.80 -20.56 11.98
N LEU B 163 12.38 -19.47 11.34
CA LEU B 163 13.19 -18.26 11.32
C LEU B 163 13.15 -17.57 12.68
N ILE B 164 14.21 -16.81 12.96
CA ILE B 164 14.38 -16.21 14.28
C ILE B 164 13.39 -15.09 14.57
N ASN B 165 12.71 -14.57 13.54
CA ASN B 165 11.90 -13.37 13.71
C ASN B 165 10.49 -13.52 13.14
N CYS B 166 10.11 -14.71 12.66
CA CYS B 166 8.76 -14.88 12.15
C CYS B 166 7.71 -14.74 13.24
N ASN B 167 8.06 -15.06 14.49
CA ASN B 167 7.09 -14.97 15.58
C ASN B 167 7.01 -13.58 16.19
N THR B 168 7.79 -12.62 15.71
CA THR B 168 7.81 -11.27 16.24
C THR B 168 7.31 -10.23 15.25
N SER B 169 7.86 -10.22 14.03
CA SER B 169 7.50 -9.20 13.05
C SER B 169 7.63 -9.80 11.65
N VAL B 170 6.96 -9.17 10.70
CA VAL B 170 7.01 -9.62 9.32
C VAL B 170 8.43 -9.44 8.78
N ILE B 171 8.78 -10.25 7.79
CA ILE B 171 10.12 -10.29 7.22
C ILE B 171 10.03 -9.98 5.74
N THR B 172 10.86 -9.05 5.28
CA THR B 172 10.89 -8.63 3.89
C THR B 172 12.29 -8.82 3.31
N GLN B 173 12.35 -8.96 1.98
CA GLN B 173 13.60 -9.21 1.27
C GLN B 173 14.00 -7.95 0.50
N ALA B 174 15.26 -7.55 0.65
CA ALA B 174 15.78 -6.45 -0.13
C ALA B 174 15.90 -6.85 -1.59
N CYS B 175 15.50 -5.94 -2.49
CA CYS B 175 15.58 -6.23 -3.90
C CYS B 175 17.05 -6.38 -4.31
N PRO B 176 17.38 -7.34 -5.18
CA PRO B 176 18.79 -7.57 -5.51
C PRO B 176 19.46 -6.37 -6.14
N LYS B 177 18.74 -5.57 -6.94
CA LYS B 177 19.35 -4.44 -7.60
C LYS B 177 19.76 -3.35 -6.63
N VAL B 178 19.06 -3.19 -5.52
CA VAL B 178 19.39 -2.15 -4.55
C VAL B 178 20.77 -2.43 -3.99
N SER B 179 21.70 -1.50 -4.20
CA SER B 179 23.05 -1.63 -3.69
C SER B 179 23.08 -1.30 -2.20
N PHE B 180 24.26 -1.37 -1.59
CA PHE B 180 24.38 -1.06 -0.18
C PHE B 180 25.64 -0.27 0.16
N GLU B 181 26.46 0.10 -0.83
CA GLU B 181 27.70 0.80 -0.53
C GLU B 181 27.38 2.19 0.04
N PRO B 182 28.16 2.66 1.02
CA PRO B 182 27.88 4.01 1.58
C PRO B 182 28.42 5.13 0.68
N ILE B 183 27.64 5.47 -0.33
CA ILE B 183 28.03 6.57 -1.22
C ILE B 183 28.02 7.87 -0.43
N PRO B 184 29.07 8.70 -0.48
CA PRO B 184 29.08 9.91 0.34
C PRO B 184 27.92 10.83 -0.01
N ILE B 185 27.40 11.51 1.01
CA ILE B 185 26.32 12.48 0.85
C ILE B 185 26.67 13.72 1.64
N HIS B 186 25.97 14.82 1.33
CA HIS B 186 26.17 16.10 2.01
C HIS B 186 24.82 16.63 2.49
N TYR B 187 24.85 17.25 3.67
CA TYR B 187 23.68 17.84 4.31
C TYR B 187 23.88 19.33 4.42
N CYS B 188 22.90 20.11 3.94
CA CYS B 188 22.99 21.56 4.06
C CYS B 188 21.61 22.19 3.92
N ALA B 189 21.40 23.29 4.65
CA ALA B 189 20.10 23.92 4.75
C ALA B 189 19.78 24.75 3.51
N PRO B 190 18.49 25.07 3.28
CA PRO B 190 18.13 25.88 2.11
C PRO B 190 18.63 27.31 2.20
N ALA B 191 18.31 28.12 1.18
CA ALA B 191 18.67 29.52 1.19
C ALA B 191 18.00 30.24 2.36
N GLY B 192 18.67 31.25 2.87
CA GLY B 192 18.25 31.92 4.09
C GLY B 192 18.79 31.29 5.36
N PHE B 193 19.63 30.26 5.24
CA PHE B 193 20.23 29.60 6.38
C PHE B 193 21.72 29.41 6.10
N ALA B 194 22.50 29.27 7.18
CA ALA B 194 23.94 29.15 7.07
C ALA B 194 24.42 27.98 7.90
N ILE B 195 25.66 27.57 7.63
CA ILE B 195 26.31 26.46 8.32
C ILE B 195 27.62 27.00 8.88
N LEU B 196 27.87 26.75 10.16
CA LEU B 196 29.07 27.23 10.84
C LEU B 196 29.98 26.04 11.13
N LYS B 197 31.21 26.10 10.62
CA LYS B 197 32.20 25.05 10.81
C LYS B 197 33.36 25.60 11.62
N CYS B 198 33.72 24.91 12.70
CA CYS B 198 34.76 25.35 13.62
C CYS B 198 36.09 24.75 13.14
N ASN B 199 36.90 25.57 12.47
CA ASN B 199 38.06 25.08 11.71
C ASN B 199 39.32 25.11 12.58
N ASN B 200 39.34 24.21 13.57
CA ASN B 200 40.54 23.99 14.37
C ASN B 200 40.31 22.77 15.24
N LYS B 201 41.30 21.89 15.31
CA LYS B 201 41.14 20.57 15.94
C LYS B 201 41.69 20.60 17.37
N THR B 202 40.98 21.33 18.23
CA THR B 202 41.32 21.35 19.65
C THR B 202 40.09 21.41 20.56
N PHE B 203 38.91 21.03 20.08
CA PHE B 203 37.66 21.31 20.79
C PHE B 203 36.88 20.04 21.06
N ASN B 204 36.60 19.80 22.34
CA ASN B 204 35.50 18.95 22.76
C ASN B 204 34.27 19.86 22.85
N GLY B 205 33.68 20.11 21.70
CA GLY B 205 32.82 21.28 21.54
C GLY B 205 31.67 21.37 22.51
N LYS B 206 31.85 22.23 23.51
CA LYS B 206 30.77 22.66 24.39
C LYS B 206 30.89 24.13 24.74
N GLY B 207 31.86 24.85 24.18
CA GLY B 207 32.11 26.23 24.52
C GLY B 207 32.53 27.02 23.29
N PRO B 208 33.20 28.15 23.50
CA PRO B 208 33.47 29.06 22.37
C PRO B 208 34.42 28.46 21.34
N CYS B 209 34.13 28.76 20.09
CA CYS B 209 35.11 28.67 19.01
C CYS B 209 35.61 30.08 18.67
N ARG B 210 36.78 30.13 18.06
CA ARG B 210 37.39 31.39 17.64
C ARG B 210 37.58 31.48 16.14
N ASN B 211 38.09 30.42 15.50
CA ASN B 211 38.29 30.39 14.06
C ASN B 211 37.11 29.67 13.41
N VAL B 212 35.97 30.37 13.35
CA VAL B 212 34.75 29.84 12.77
C VAL B 212 34.73 30.19 11.28
N SER B 213 34.10 29.32 10.49
CA SER B 213 33.96 29.51 9.06
C SER B 213 32.57 29.11 8.62
N THR B 214 32.15 29.66 7.48
CA THR B 214 30.83 29.38 6.92
C THR B 214 31.00 28.72 5.55
N VAL B 215 30.27 27.63 5.34
CA VAL B 215 30.35 26.85 4.10
C VAL B 215 28.97 26.81 3.47
N GLN B 216 28.94 26.70 2.14
CA GLN B 216 27.67 26.60 1.44
C GLN B 216 26.97 25.29 1.77
N CYS B 217 27.70 24.18 1.76
CA CYS B 217 27.14 22.89 2.14
C CYS B 217 28.21 22.01 2.77
N THR B 218 27.75 21.00 3.49
CA THR B 218 28.64 20.12 4.24
C THR B 218 29.54 19.32 3.31
N HIS B 219 30.72 18.98 3.82
CA HIS B 219 31.65 18.16 3.05
C HIS B 219 31.19 16.70 3.06
N GLY B 220 32.03 15.83 2.52
CA GLY B 220 31.71 14.42 2.46
C GLY B 220 31.55 13.78 3.83
N ILE B 221 30.40 13.14 4.06
CA ILE B 221 30.20 12.28 5.21
C ILE B 221 29.55 10.99 4.72
N LYS B 222 30.11 9.86 5.12
CA LYS B 222 29.65 8.57 4.64
C LYS B 222 28.75 7.92 5.69
N PRO B 223 27.45 7.75 5.43
CA PRO B 223 26.58 7.17 6.47
C PRO B 223 26.78 5.68 6.62
N VAL B 224 27.79 5.28 7.38
CA VAL B 224 28.10 3.87 7.63
C VAL B 224 27.43 3.46 8.93
N VAL B 225 27.04 2.19 9.01
CA VAL B 225 26.39 1.63 10.19
C VAL B 225 27.32 0.57 10.77
N SER B 226 27.59 0.67 12.06
CA SER B 226 28.47 -0.26 12.76
C SER B 226 28.29 -0.03 14.25
N THR B 227 29.12 -0.68 15.06
CA THR B 227 29.07 -0.50 16.51
C THR B 227 30.45 -0.82 17.07
N GLN B 228 30.91 0.02 18.01
CA GLN B 228 32.23 -0.07 18.62
C GLN B 228 33.35 0.28 17.65
N LEU B 229 33.03 0.55 16.38
CA LEU B 229 34.03 0.79 15.37
C LEU B 229 33.41 1.62 14.26
N LEU B 230 34.03 2.76 13.94
CA LEU B 230 33.57 3.64 12.87
C LEU B 230 34.54 3.53 11.70
N LEU B 231 34.04 3.14 10.54
CA LEU B 231 34.85 2.85 9.37
C LEU B 231 34.62 3.91 8.31
N ASN B 232 35.67 4.25 7.58
CA ASN B 232 35.63 5.30 6.57
C ASN B 232 35.14 6.61 7.17
N GLY B 233 35.87 7.09 8.18
CA GLY B 233 35.55 8.33 8.85
C GLY B 233 36.42 9.48 8.40
N SER B 234 36.49 10.51 9.24
CA SER B 234 37.30 11.68 8.93
C SER B 234 38.78 11.37 9.11
N LEU B 235 39.61 12.13 8.39
CA LEU B 235 41.05 11.95 8.43
C LEU B 235 41.63 12.83 9.54
N ALA B 236 42.22 12.18 10.55
CA ALA B 236 42.78 12.90 11.67
C ALA B 236 44.13 13.52 11.31
N GLU B 237 44.42 14.68 11.89
CA GLU B 237 45.67 15.39 11.66
C GLU B 237 46.72 15.00 12.70
N GLU B 238 46.97 13.70 12.78
CA GLU B 238 47.94 13.14 13.71
C GLU B 238 47.63 13.56 15.15
N ASP B 239 46.34 13.60 15.49
CA ASP B 239 45.89 14.00 16.81
C ASP B 239 44.81 13.05 17.30
N ILE B 240 44.82 12.79 18.60
CA ILE B 240 43.83 11.95 19.27
C ILE B 240 42.98 12.86 20.14
N ILE B 241 41.66 12.81 19.94
CA ILE B 241 40.71 13.65 20.66
C ILE B 241 39.68 12.76 21.33
N ILE B 242 39.43 13.00 22.62
CA ILE B 242 38.37 12.34 23.36
C ILE B 242 37.31 13.40 23.66
N ARG B 243 36.07 13.13 23.28
CA ARG B 243 35.01 14.13 23.28
C ARG B 243 33.82 13.60 24.06
N SER B 244 33.59 14.15 25.25
CA SER B 244 32.41 13.87 26.04
C SER B 244 32.20 15.02 27.01
N GLU B 245 30.97 15.18 27.48
CA GLU B 245 30.65 16.28 28.38
C GLU B 245 31.27 16.06 29.75
N ASN B 246 30.88 14.98 30.42
CA ASN B 246 31.35 14.63 31.75
C ASN B 246 32.11 13.32 31.67
N PHE B 247 33.42 13.37 31.92
CA PHE B 247 34.24 12.16 31.83
C PHE B 247 33.81 11.10 32.82
N THR B 248 33.14 11.48 33.91
CA THR B 248 32.60 10.55 34.89
C THR B 248 31.10 10.40 34.74
N ASN B 249 30.59 10.55 33.52
CA ASN B 249 29.15 10.40 33.27
C ASN B 249 28.73 8.95 33.45
N ASN B 250 27.57 8.76 34.08
CA ASN B 250 27.02 7.42 34.27
C ASN B 250 26.26 6.92 33.05
N GLY B 251 25.94 7.79 32.09
CA GLY B 251 25.21 7.39 30.91
C GLY B 251 26.13 7.11 29.73
N LYS B 252 26.07 7.95 28.70
CA LYS B 252 26.93 7.76 27.54
C LYS B 252 28.39 7.97 27.93
N ASN B 253 29.28 7.33 27.16
CA ASN B 253 30.67 7.21 27.55
C ASN B 253 31.62 7.71 26.47
N ILE B 254 32.91 7.43 26.64
CA ILE B 254 33.95 8.09 25.84
C ILE B 254 33.71 7.84 24.36
N ILE B 255 34.00 8.86 23.55
CA ILE B 255 34.09 8.75 22.09
C ILE B 255 35.49 9.15 21.70
N VAL B 256 36.16 8.29 20.93
CA VAL B 256 37.57 8.45 20.59
C VAL B 256 37.69 8.59 19.08
N GLN B 257 38.56 9.50 18.64
CA GLN B 257 38.96 9.59 17.24
C GLN B 257 40.44 9.21 17.14
N LEU B 258 40.77 8.39 16.14
CA LEU B 258 42.01 7.64 16.14
C LEU B 258 43.09 8.38 15.35
N LYS B 259 44.24 7.72 15.20
CA LYS B 259 45.38 8.22 14.45
C LYS B 259 45.07 8.03 12.96
N GLU B 260 46.08 8.21 12.10
CA GLU B 260 45.95 7.86 10.69
C GLU B 260 45.29 6.49 10.56
N PRO B 261 44.38 6.28 9.60
CA PRO B 261 43.55 5.08 9.63
C PRO B 261 44.37 3.79 9.60
N VAL B 262 43.92 2.80 10.36
CA VAL B 262 44.56 1.49 10.41
C VAL B 262 43.86 0.59 9.39
N LYS B 263 44.64 0.06 8.45
CA LYS B 263 44.06 -0.72 7.35
C LYS B 263 43.49 -2.02 7.90
N ILE B 264 42.16 -2.14 7.88
CA ILE B 264 41.45 -3.32 8.32
C ILE B 264 40.80 -3.98 7.11
N ASN B 265 40.96 -5.29 6.99
CA ASN B 265 40.45 -6.04 5.85
C ASN B 265 39.71 -7.26 6.33
N CYS B 266 38.53 -7.50 5.76
CA CYS B 266 37.71 -8.66 6.10
C CYS B 266 37.30 -9.36 4.81
N THR B 267 37.33 -10.70 4.84
CA THR B 267 37.06 -11.51 3.66
C THR B 267 36.23 -12.72 4.05
N ARG B 268 35.37 -13.14 3.13
CA ARG B 268 34.62 -14.40 3.25
C ARG B 268 34.75 -15.13 1.92
N PRO B 269 35.93 -15.68 1.63
CA PRO B 269 36.12 -16.36 0.34
C PRO B 269 35.35 -17.67 0.28
N GLY B 270 34.03 -17.55 0.27
CA GLY B 270 33.13 -18.69 0.28
C GLY B 270 32.27 -18.76 -0.97
N ASN B 271 32.88 -18.52 -2.14
CA ASN B 271 32.18 -18.40 -3.40
C ASN B 271 31.03 -19.39 -3.52
N ASN B 272 29.83 -18.87 -3.71
CA ASN B 272 28.60 -19.65 -3.60
C ASN B 272 27.70 -19.36 -4.79
N THR B 273 26.82 -20.32 -5.06
CA THR B 273 25.84 -20.18 -6.13
C THR B 273 24.58 -19.51 -5.60
N ARG B 274 23.72 -19.10 -6.52
CA ARG B 274 22.44 -18.46 -6.22
C ARG B 274 21.32 -19.34 -6.74
N ARG B 275 20.35 -19.64 -5.89
CA ARG B 275 19.22 -20.51 -6.23
C ARG B 275 17.95 -19.70 -6.22
N SER B 276 17.08 -19.95 -7.20
CA SER B 276 15.80 -19.30 -7.31
C SER B 276 14.69 -20.28 -6.94
N ILE B 277 13.82 -19.84 -6.02
CA ILE B 277 12.75 -20.70 -5.51
C ILE B 277 11.38 -20.32 -6.06
N ASN B 278 11.17 -19.05 -6.43
CA ASN B 278 9.87 -18.58 -6.90
C ASN B 278 8.79 -18.84 -5.83
N ILE B 279 8.97 -18.15 -4.70
CA ILE B 279 8.08 -18.31 -3.57
C ILE B 279 6.63 -17.97 -3.92
N GLY B 280 6.41 -17.11 -4.91
CA GLY B 280 5.07 -16.72 -5.27
C GLY B 280 4.98 -16.16 -6.67
N PRO B 281 3.78 -15.72 -7.07
CA PRO B 281 3.63 -15.13 -8.41
C PRO B 281 4.49 -13.88 -8.59
N GLY B 282 5.49 -13.98 -9.44
CA GLY B 282 6.39 -12.85 -9.67
C GLY B 282 7.14 -12.42 -8.44
N ARG B 283 7.65 -13.37 -7.65
CA ARG B 283 8.34 -13.07 -6.40
C ARG B 283 9.82 -13.43 -6.45
N ALA B 284 10.15 -14.68 -6.81
CA ALA B 284 11.53 -15.10 -7.04
C ALA B 284 12.37 -14.93 -5.76
N PHE B 285 11.99 -15.69 -4.74
CA PHE B 285 12.77 -15.74 -3.52
C PHE B 285 14.16 -16.31 -3.79
N TYR B 286 15.16 -15.79 -3.08
CA TYR B 286 16.55 -16.18 -3.26
C TYR B 286 17.11 -16.74 -1.96
N ALA B 287 18.05 -17.67 -2.08
CA ALA B 287 18.70 -18.29 -0.93
C ALA B 287 20.03 -18.87 -1.39
N THR B 288 20.86 -19.24 -0.43
CA THR B 288 22.19 -19.76 -0.72
C THR B 288 22.09 -21.17 -1.30
N GLY B 289 22.77 -21.38 -2.42
CA GLY B 289 22.76 -22.68 -3.08
C GLY B 289 23.69 -23.70 -2.45
N ALA B 290 24.99 -23.43 -2.51
CA ALA B 290 26.00 -24.34 -1.99
C ALA B 290 27.34 -23.63 -2.03
N ILE B 291 28.40 -24.37 -1.71
CA ILE B 291 29.77 -23.87 -1.74
C ILE B 291 30.60 -24.83 -2.57
N ILE B 292 31.37 -24.27 -3.51
CA ILE B 292 32.26 -25.05 -4.37
C ILE B 292 33.71 -24.61 -4.20
N GLY B 293 34.04 -24.08 -3.02
CA GLY B 293 35.39 -23.70 -2.70
C GLY B 293 35.94 -24.48 -1.52
N ASP B 294 36.15 -23.79 -0.40
CA ASP B 294 36.74 -24.39 0.79
C ASP B 294 36.07 -23.78 2.01
N ILE B 295 35.92 -24.60 3.04
CA ILE B 295 35.36 -24.06 4.27
C ILE B 295 36.40 -23.11 4.85
N ARG B 296 36.11 -21.82 4.82
CA ARG B 296 36.96 -20.81 5.44
C ARG B 296 36.04 -19.76 6.05
N LYS B 297 35.84 -19.82 7.35
CA LYS B 297 34.94 -18.88 8.01
C LYS B 297 35.46 -17.45 7.85
N ALA B 298 34.52 -16.50 7.80
CA ALA B 298 34.88 -15.11 7.60
C ALA B 298 35.80 -14.63 8.72
N HIS B 299 36.78 -13.82 8.34
CA HIS B 299 37.77 -13.32 9.29
C HIS B 299 38.17 -11.91 8.89
N CYS B 300 38.63 -11.15 9.88
CA CYS B 300 39.08 -9.77 9.67
C CYS B 300 40.56 -9.66 10.01
N ASN B 301 41.26 -8.86 9.21
CA ASN B 301 42.71 -8.73 9.28
C ASN B 301 43.05 -7.30 9.69
N ILE B 302 43.59 -7.14 10.89
CA ILE B 302 44.18 -5.89 11.32
C ILE B 302 45.66 -6.14 11.57
N SER B 303 46.46 -5.08 11.42
CA SER B 303 47.88 -5.21 11.69
C SER B 303 48.11 -5.45 13.18
N THR B 304 49.16 -6.21 13.49
CA THR B 304 49.44 -6.57 14.87
C THR B 304 49.91 -5.38 15.70
N GLU B 305 50.69 -4.48 15.11
CA GLU B 305 51.28 -3.36 15.83
C GLU B 305 50.42 -2.10 15.75
N GLN B 306 49.60 -1.96 14.71
CA GLN B 306 48.78 -0.77 14.56
C GLN B 306 47.78 -0.61 15.70
N TRP B 307 47.14 -1.70 16.12
CA TRP B 307 46.21 -1.61 17.23
C TRP B 307 46.91 -1.16 18.50
N ASN B 308 48.15 -1.60 18.71
CA ASN B 308 48.93 -1.13 19.85
C ASN B 308 49.45 0.29 19.64
N ASN B 309 49.70 0.69 18.39
CA ASN B 309 50.12 2.08 18.16
C ASN B 309 49.06 3.05 18.66
N THR B 310 47.80 2.86 18.25
CA THR B 310 46.73 3.70 18.77
C THR B 310 46.49 3.48 20.25
N LEU B 311 46.82 2.30 20.77
CA LEU B 311 46.67 2.05 22.20
C LEU B 311 47.55 3.00 23.01
N THR B 312 48.82 3.10 22.68
CA THR B 312 49.73 3.95 23.44
C THR B 312 49.28 5.40 23.43
N GLN B 313 48.70 5.86 22.32
CA GLN B 313 48.28 7.26 22.23
C GLN B 313 47.14 7.56 23.19
N ILE B 314 46.10 6.73 23.18
CA ILE B 314 44.95 6.96 24.04
C ILE B 314 45.32 6.79 25.51
N VAL B 315 46.21 5.82 25.79
CA VAL B 315 46.61 5.58 27.17
C VAL B 315 47.37 6.78 27.73
N ASP B 316 48.30 7.33 26.95
CA ASP B 316 49.06 8.48 27.42
C ASP B 316 48.14 9.66 27.69
N LYS B 317 47.17 9.90 26.80
CA LYS B 317 46.19 10.96 27.05
C LYS B 317 45.25 10.59 28.19
N LEU B 318 44.91 9.29 28.32
CA LEU B 318 44.03 8.86 29.39
C LEU B 318 44.63 9.14 30.77
N ARG B 319 45.96 9.18 30.88
CA ARG B 319 46.59 9.48 32.16
C ARG B 319 46.27 10.88 32.67
N GLU B 320 45.81 11.78 31.80
CA GLU B 320 45.50 13.14 32.20
C GLU B 320 44.13 13.23 32.85
N GLN B 321 43.09 12.80 32.13
CA GLN B 321 41.72 12.90 32.65
C GLN B 321 41.50 11.93 33.80
N PHE B 322 42.14 10.76 33.75
CA PHE B 322 41.98 9.72 34.75
C PHE B 322 43.31 9.43 35.41
N GLY B 323 43.24 8.82 36.60
CA GLY B 323 44.45 8.45 37.32
C GLY B 323 45.32 7.48 36.55
N ASN B 324 46.61 7.81 36.42
CA ASN B 324 47.54 6.95 35.69
C ASN B 324 47.72 5.61 36.40
N LYS B 326 50.94 -0.38 34.52
CA LYS B 326 49.94 -0.75 33.53
C LYS B 326 48.60 -1.04 34.20
N THR B 327 47.99 0.02 34.74
CA THR B 327 46.71 -0.11 35.44
C THR B 327 45.51 -0.11 34.50
N ILE B 328 45.72 0.07 33.20
CA ILE B 328 44.62 0.05 32.24
C ILE B 328 44.21 -1.40 32.00
N ILE B 329 42.91 -1.65 31.99
CA ILE B 329 42.35 -2.98 31.73
C ILE B 329 41.25 -2.84 30.70
N PHE B 330 41.36 -3.63 29.63
CA PHE B 330 40.32 -3.73 28.60
C PHE B 330 39.64 -5.09 28.77
N ASN B 331 38.34 -5.07 29.04
CA ASN B 331 37.57 -6.27 29.30
C ASN B 331 36.34 -6.29 28.41
N GLN B 332 35.89 -7.50 28.08
CA GLN B 332 34.73 -7.65 27.23
C GLN B 332 33.45 -7.28 27.98
N SER B 333 32.43 -6.89 27.22
CA SER B 333 31.15 -6.52 27.82
C SER B 333 30.49 -7.75 28.45
N SER B 334 29.67 -7.48 29.47
CA SER B 334 29.01 -8.57 30.18
C SER B 334 28.08 -9.36 29.27
N GLY B 335 27.32 -8.67 28.42
CA GLY B 335 26.41 -9.30 27.48
C GLY B 335 24.97 -8.93 27.77
N GLY B 336 24.10 -9.37 26.86
CA GLY B 336 22.68 -9.13 26.97
C GLY B 336 22.03 -8.78 25.64
N ASP B 337 22.82 -8.26 24.70
CA ASP B 337 22.33 -7.88 23.39
C ASP B 337 23.35 -8.27 22.32
N PRO B 338 23.01 -9.21 21.41
CA PRO B 338 24.00 -9.58 20.37
C PRO B 338 24.47 -8.42 19.52
N GLU B 339 23.62 -7.40 19.32
CA GLU B 339 24.00 -6.26 18.49
C GLU B 339 25.11 -5.43 19.11
N VAL B 340 25.43 -5.62 20.39
CA VAL B 340 26.43 -4.84 21.08
C VAL B 340 27.67 -5.66 21.42
N VAL B 341 27.48 -6.93 21.78
CA VAL B 341 28.62 -7.74 22.23
C VAL B 341 29.62 -7.91 21.10
N MET B 342 29.16 -8.23 19.90
CA MET B 342 30.03 -8.46 18.76
C MET B 342 30.03 -7.25 17.83
N HIS B 343 31.21 -6.95 17.30
CA HIS B 343 31.36 -5.85 16.37
C HIS B 343 30.52 -6.09 15.10
N THR B 344 29.87 -5.04 14.62
CA THR B 344 28.98 -5.12 13.47
C THR B 344 29.67 -4.55 12.24
N PHE B 345 29.64 -5.30 11.15
CA PHE B 345 30.29 -4.93 9.90
C PHE B 345 29.24 -4.77 8.81
N ASN B 346 29.64 -4.13 7.71
CA ASN B 346 28.77 -4.00 6.55
C ASN B 346 29.63 -3.73 5.32
N CYS B 347 29.74 -4.72 4.45
CA CYS B 347 30.48 -4.56 3.20
C CYS B 347 29.96 -5.59 2.20
N GLY B 348 29.80 -5.15 0.95
CA GLY B 348 29.36 -6.05 -0.10
C GLY B 348 27.96 -6.57 0.08
N GLY B 349 27.15 -5.93 0.92
CA GLY B 349 25.79 -6.36 1.17
C GLY B 349 25.65 -7.40 2.26
N GLU B 350 26.74 -7.86 2.86
CA GLU B 350 26.68 -8.82 3.95
C GLU B 350 26.59 -8.09 5.28
N PHE B 351 26.47 -8.87 6.35
CA PHE B 351 26.39 -8.34 7.72
C PHE B 351 27.15 -9.29 8.63
N PHE B 352 28.44 -8.99 8.85
CA PHE B 352 29.25 -9.82 9.72
C PHE B 352 28.97 -9.51 11.19
N TYR B 353 29.36 -10.44 12.05
CA TYR B 353 29.26 -10.28 13.50
C TYR B 353 30.56 -10.85 14.09
N CYS B 354 31.54 -9.98 14.29
CA CYS B 354 32.88 -10.41 14.67
C CYS B 354 33.02 -10.44 16.19
N ASN B 355 33.39 -11.60 16.71
CA ASN B 355 33.73 -11.73 18.12
C ASN B 355 34.94 -10.85 18.42
N SER B 356 34.74 -9.79 19.19
CA SER B 356 35.74 -8.76 19.41
C SER B 356 36.58 -9.00 20.66
N THR B 357 36.84 -10.25 20.99
CA THR B 357 37.62 -10.54 22.19
C THR B 357 39.02 -9.98 22.09
N GLN B 358 39.69 -10.17 20.95
CA GLN B 358 41.08 -9.77 20.82
C GLN B 358 41.27 -8.26 20.79
N LEU B 359 40.27 -7.52 20.29
CA LEU B 359 40.43 -6.09 20.14
C LEU B 359 40.52 -5.39 21.49
N PHE B 360 39.77 -5.86 22.48
CA PHE B 360 39.68 -5.24 23.80
C PHE B 360 40.24 -6.13 24.90
N ASN B 361 41.30 -6.88 24.60
CA ASN B 361 41.99 -7.71 25.59
C ASN B 361 43.25 -7.07 26.13
N SER B 362 43.52 -5.80 25.77
CA SER B 362 44.70 -5.08 26.23
C SER B 362 45.98 -5.79 25.77
N THR B 363 46.12 -5.91 24.45
CA THR B 363 47.29 -6.53 23.85
C THR B 363 48.23 -5.47 23.29
N ASP B 377 53.68 -10.14 11.78
CA ASP B 377 52.50 -10.99 11.77
C ASP B 377 51.26 -10.21 11.38
N ASN B 378 50.12 -10.91 11.29
CA ASN B 378 48.85 -10.31 10.90
C ASN B 378 47.75 -11.06 11.64
N ILE B 379 47.28 -10.50 12.76
CA ILE B 379 46.33 -11.20 13.60
C ILE B 379 45.04 -11.46 12.84
N THR B 380 44.40 -12.58 13.15
CA THR B 380 43.15 -12.98 12.51
C THR B 380 42.02 -12.87 13.52
N LEU B 381 40.90 -12.31 13.09
CA LEU B 381 39.76 -12.02 13.95
C LEU B 381 38.53 -12.78 13.46
N PRO B 382 38.07 -13.83 14.14
CA PRO B 382 36.95 -14.61 13.61
C PRO B 382 35.68 -13.78 13.48
N CYS B 383 34.87 -14.13 12.47
CA CYS B 383 33.61 -13.45 12.22
C CYS B 383 32.58 -14.45 11.70
N ARG B 384 31.32 -14.20 12.03
CA ARG B 384 30.20 -15.01 11.60
C ARG B 384 29.22 -14.15 10.82
N ILE B 385 28.31 -14.80 10.11
CA ILE B 385 27.35 -14.14 9.24
C ILE B 385 25.95 -14.64 9.58
N LYS B 386 25.01 -13.71 9.71
CA LYS B 386 23.59 -14.03 9.80
C LYS B 386 22.85 -13.19 8.76
N GLN B 387 22.02 -13.85 7.95
CA GLN B 387 21.34 -13.16 6.86
C GLN B 387 20.30 -12.17 7.38
N VAL B 388 19.45 -12.61 8.30
CA VAL B 388 18.32 -11.79 8.76
C VAL B 388 18.78 -10.89 9.90
N ILE B 389 18.46 -9.61 9.78
CA ILE B 389 18.76 -8.62 10.81
C ILE B 389 17.53 -7.78 11.05
N ASN B 390 17.16 -7.61 12.31
CA ASN B 390 16.06 -6.75 12.74
C ASN B 390 16.59 -5.40 13.18
N MET B 391 17.65 -4.93 12.52
CA MET B 391 18.31 -3.70 12.96
C MET B 391 17.36 -2.51 12.84
N TRP B 392 16.56 -2.48 11.77
CA TRP B 392 15.65 -1.38 11.50
C TRP B 392 14.22 -1.71 11.89
N GLN B 393 14.02 -2.69 12.78
CA GLN B 393 12.72 -3.01 13.34
C GLN B 393 12.58 -2.54 14.78
N GLU B 394 13.65 -2.57 15.56
CA GLU B 394 13.63 -2.13 16.94
C GLU B 394 13.94 -0.65 17.09
N VAL B 395 14.28 0.05 16.01
CA VAL B 395 14.67 1.45 16.07
C VAL B 395 13.55 2.38 15.63
N GLY B 396 12.88 2.08 14.52
CA GLY B 396 11.76 2.87 14.06
C GLY B 396 10.49 2.05 13.90
N GLY B 397 10.64 0.77 13.57
CA GLY B 397 9.53 -0.15 13.51
C GLY B 397 9.02 -0.42 12.11
N CYS B 398 9.46 -1.53 11.53
CA CYS B 398 8.90 -2.10 10.30
C CYS B 398 9.67 -3.39 10.01
N GLY B 399 9.30 -4.07 8.93
CA GLY B 399 9.78 -5.40 8.65
C GLY B 399 11.29 -5.58 8.67
N ALA B 400 11.76 -6.62 9.35
CA ALA B 400 13.17 -6.94 9.38
C ALA B 400 13.65 -7.35 8.00
N MET B 401 14.89 -6.99 7.68
CA MET B 401 15.47 -7.24 6.37
C MET B 401 16.49 -8.37 6.45
N TYR B 402 16.63 -9.11 5.34
CA TYR B 402 17.68 -10.12 5.22
C TYR B 402 18.25 -10.01 3.81
N ALA B 403 19.55 -9.83 3.72
CA ALA B 403 20.14 -9.66 2.40
C ALA B 403 20.20 -11.01 1.68
N PRO B 404 20.09 -11.04 0.36
CA PRO B 404 20.29 -12.30 -0.36
C PRO B 404 21.78 -12.61 -0.47
N PRO B 405 22.15 -13.86 -0.72
CA PRO B 405 23.57 -14.17 -0.88
C PRO B 405 24.16 -13.46 -2.09
N ILE B 406 25.46 -13.17 -2.00
CA ILE B 406 26.20 -12.51 -3.07
C ILE B 406 26.96 -13.59 -3.84
N ARG B 407 26.74 -13.64 -5.16
CA ARG B 407 27.33 -14.70 -5.97
C ARG B 407 28.84 -14.60 -6.07
N GLY B 408 29.41 -13.41 -5.91
CA GLY B 408 30.83 -13.19 -6.10
C GLY B 408 31.59 -13.06 -4.80
N GLN B 409 32.90 -12.87 -4.95
CA GLN B 409 33.79 -12.63 -3.81
C GLN B 409 33.52 -11.25 -3.23
N ILE B 410 33.93 -11.07 -1.98
CA ILE B 410 33.76 -9.78 -1.31
C ILE B 410 35.09 -9.05 -1.28
N ASP B 411 36.06 -9.60 -0.54
CA ASP B 411 37.40 -9.01 -0.43
C ASP B 411 37.33 -7.53 -0.08
N CYS B 412 36.44 -7.18 0.85
CA CYS B 412 36.23 -5.77 1.18
C CYS B 412 37.29 -5.26 2.16
N SER B 413 37.88 -4.13 1.81
CA SER B 413 38.87 -3.45 2.64
C SER B 413 38.30 -2.11 3.09
N SER B 414 38.76 -1.64 4.25
CA SER B 414 38.21 -0.41 4.81
C SER B 414 39.22 0.21 5.77
N ASN B 415 38.97 1.48 6.09
CA ASN B 415 39.71 2.23 7.09
C ASN B 415 39.00 2.16 8.44
N ILE B 416 39.70 2.60 9.48
CA ILE B 416 39.12 2.79 10.79
C ILE B 416 39.68 4.08 11.38
N THR B 417 38.79 4.94 11.87
CA THR B 417 39.19 6.18 12.52
C THR B 417 38.43 6.48 13.80
N GLY B 418 37.41 5.70 14.14
CA GLY B 418 36.65 5.93 15.35
C GLY B 418 36.82 4.79 16.34
N LEU B 419 36.37 5.00 17.57
CA LEU B 419 36.48 3.99 18.61
C LEU B 419 35.62 4.42 19.79
N ILE B 420 34.91 3.45 20.37
CA ILE B 420 33.97 3.71 21.46
C ILE B 420 34.33 2.81 22.62
N LEU B 421 34.28 3.35 23.83
CA LEU B 421 34.53 2.60 25.06
C LEU B 421 33.49 3.00 26.10
N THR B 422 33.39 2.16 27.14
CA THR B 422 32.49 2.41 28.26
C THR B 422 33.26 2.29 29.56
N ARG B 423 32.83 3.06 30.56
CA ARG B 423 33.47 3.10 31.86
C ARG B 423 32.62 2.34 32.86
N ASP B 424 33.24 1.42 33.59
CA ASP B 424 32.53 0.62 34.58
C ASP B 424 32.25 1.45 35.83
N ASN B 432 41.85 1.62 40.12
CA ASN B 432 41.99 1.13 38.75
C ASN B 432 40.69 1.37 37.97
N GLU B 433 40.84 1.75 36.70
CA GLU B 433 39.72 1.97 35.81
C GLU B 433 39.80 0.98 34.65
N THR B 434 38.69 0.27 34.41
CA THR B 434 38.61 -0.72 33.36
C THR B 434 37.61 -0.24 32.30
N PHE B 435 38.02 -0.34 31.04
CA PHE B 435 37.19 0.06 29.91
C PHE B 435 36.65 -1.19 29.21
N ARG B 436 35.39 -1.11 28.79
CA ARG B 436 34.75 -2.19 28.05
C ARG B 436 34.08 -1.64 26.81
N PRO B 437 33.98 -2.42 25.74
CA PRO B 437 33.23 -1.97 24.56
C PRO B 437 31.76 -1.83 24.87
N GLY B 438 31.12 -0.88 24.19
CA GLY B 438 29.71 -0.65 24.39
C GLY B 438 29.03 0.08 23.25
N GLY B 439 28.15 1.01 23.58
CA GLY B 439 27.34 1.70 22.59
C GLY B 439 25.87 1.37 22.75
N GLY B 440 25.31 0.65 21.80
CA GLY B 440 23.91 0.27 21.83
C GLY B 440 22.99 1.33 21.27
N ASN B 441 23.03 2.53 21.83
CA ASN B 441 22.21 3.62 21.32
C ASN B 441 22.64 3.99 19.91
N MET B 442 21.65 4.29 19.06
CA MET B 442 21.95 4.59 17.67
C MET B 442 22.67 5.93 17.52
N LYS B 443 22.39 6.91 18.37
CA LYS B 443 22.97 8.24 18.21
C LYS B 443 24.39 8.30 18.79
N ASP B 444 25.23 7.39 18.34
CA ASP B 444 26.65 7.34 18.71
C ASP B 444 27.56 7.15 17.50
N ASN B 445 27.13 6.35 16.52
CA ASN B 445 27.96 6.10 15.35
C ASN B 445 28.06 7.31 14.43
N TRP B 446 27.18 8.31 14.60
CA TRP B 446 27.16 9.48 13.75
C TRP B 446 27.59 10.75 14.47
N ARG B 447 27.77 10.71 15.79
CA ARG B 447 28.17 11.91 16.53
C ARG B 447 29.60 12.32 16.22
N SER B 448 30.43 11.42 15.71
CA SER B 448 31.84 11.69 15.50
C SER B 448 32.13 12.47 14.23
N GLU B 449 31.12 12.73 13.40
CA GLU B 449 31.31 13.43 12.13
C GLU B 449 30.58 14.76 12.05
N LEU B 450 29.63 15.03 12.94
CA LEU B 450 28.89 16.29 12.95
C LEU B 450 29.15 17.12 14.20
N TYR B 451 30.27 16.85 14.89
CA TYR B 451 30.61 17.66 16.07
C TYR B 451 30.93 19.09 15.69
N LYS B 452 31.49 19.31 14.51
CA LYS B 452 31.93 20.63 14.06
C LYS B 452 30.97 21.25 13.04
N TYR B 453 29.66 21.04 13.24
CA TYR B 453 28.65 21.61 12.36
C TYR B 453 27.46 22.04 13.20
N LYS B 454 26.82 23.13 12.79
CA LYS B 454 25.68 23.68 13.51
C LYS B 454 24.82 24.48 12.55
N VAL B 455 23.51 24.24 12.61
CA VAL B 455 22.56 25.00 11.81
C VAL B 455 22.29 26.32 12.52
N VAL B 456 22.37 27.42 11.78
CA VAL B 456 22.17 28.75 12.33
C VAL B 456 21.20 29.52 11.44
N LYS B 457 20.51 30.48 12.05
CA LYS B 457 19.45 31.23 11.38
C LYS B 457 19.84 32.69 11.29
N ILE B 458 19.61 33.28 10.12
CA ILE B 458 20.03 34.66 9.86
C ILE B 458 18.98 35.62 10.40
N GLU B 459 19.45 36.78 10.87
CA GLU B 459 18.59 37.82 11.41
C GLU B 459 18.95 39.13 10.72
N PRO B 460 18.63 39.26 9.43
CA PRO B 460 19.08 40.42 8.65
C PRO B 460 18.54 41.75 9.15
N LEU B 461 17.47 41.75 9.93
CA LEU B 461 16.86 43.00 10.38
C LEU B 461 17.66 43.64 11.50
N GLY B 462 17.78 44.97 11.43
CA GLY B 462 18.48 45.71 12.46
C GLY B 462 18.14 47.18 12.35
N ILE B 463 18.32 47.89 13.46
CA ILE B 463 18.00 49.31 13.56
C ILE B 463 19.24 50.07 13.99
N ALA B 464 19.49 51.20 13.31
CA ALA B 464 20.64 52.05 13.60
C ALA B 464 20.18 53.50 13.65
N PRO B 465 20.81 54.35 14.48
CA PRO B 465 20.46 55.77 14.49
C PRO B 465 21.29 56.59 13.51
N THR B 466 20.63 57.42 12.71
CA THR B 466 21.30 58.30 11.76
C THR B 466 20.47 59.57 11.65
N ARG B 467 20.80 60.41 10.66
CA ARG B 467 20.02 61.60 10.36
C ARG B 467 18.99 61.27 9.29
N ALA B 468 17.82 61.90 9.39
CA ALA B 468 16.66 61.51 8.60
C ALA B 468 15.84 62.76 8.32
N LYS B 469 14.56 62.56 7.96
CA LYS B 469 13.61 63.65 7.67
C LYS B 469 13.95 64.31 6.33
N ARG B 470 14.37 63.48 5.37
CA ARG B 470 14.47 63.95 4.00
C ARG B 470 13.09 64.01 3.33
N ARG B 471 12.19 63.12 3.74
CA ARG B 471 10.85 63.10 3.18
C ARG B 471 9.99 64.18 3.81
N VAL B 472 8.70 64.15 3.51
CA VAL B 472 7.76 65.11 4.05
C VAL B 472 7.42 64.75 5.48
N GLN C 1 69.56 -50.65 0.77
CA GLN C 1 69.07 -52.06 0.78
C GLN C 1 68.23 -52.33 2.02
N VAL C 2 66.93 -52.49 1.83
CA VAL C 2 65.98 -52.74 2.91
C VAL C 2 65.22 -54.02 2.58
N HIS C 3 65.24 -54.97 3.51
CA HIS C 3 64.50 -56.23 3.36
C HIS C 3 63.91 -56.61 4.70
N LEU C 4 62.85 -57.41 4.66
CA LEU C 4 62.14 -57.82 5.86
C LEU C 4 61.57 -59.22 5.65
N GLN C 5 61.28 -59.88 6.76
CA GLN C 5 60.77 -61.25 6.76
C GLN C 5 59.43 -61.29 7.50
N GLU C 6 58.49 -62.05 6.95
CA GLU C 6 57.18 -62.27 7.54
C GLU C 6 57.03 -63.72 7.94
N SER C 7 55.83 -64.07 8.44
CA SER C 7 55.55 -65.42 8.90
C SER C 7 54.07 -65.72 8.63
N GLY C 8 53.67 -66.93 8.97
CA GLY C 8 52.30 -67.35 8.81
C GLY C 8 52.18 -68.86 8.61
N PRO C 9 51.12 -69.47 9.13
CA PRO C 9 50.99 -70.94 9.00
C PRO C 9 50.55 -71.41 7.61
N GLY C 10 50.11 -70.50 6.74
CA GLY C 10 49.64 -70.89 5.43
C GLY C 10 48.15 -71.20 5.42
N LEU C 11 47.77 -72.27 6.11
CA LEU C 11 46.38 -72.67 6.23
C LEU C 11 45.86 -72.23 7.59
N VAL C 12 44.76 -71.48 7.61
CA VAL C 12 44.15 -70.95 8.82
C VAL C 12 42.73 -71.47 8.90
N LYS C 13 42.38 -72.05 10.04
CA LYS C 13 41.03 -72.55 10.23
C LYS C 13 40.05 -71.39 10.38
N PRO C 14 38.79 -71.57 9.98
CA PRO C 14 37.80 -70.52 10.21
C PRO C 14 37.55 -70.30 11.70
N SER C 15 37.22 -69.05 12.05
CA SER C 15 36.91 -68.68 13.42
C SER C 15 38.09 -68.98 14.35
N GLU C 16 39.27 -68.50 13.97
CA GLU C 16 40.49 -68.68 14.74
C GLU C 16 41.17 -67.34 14.93
N THR C 17 41.78 -67.15 16.10
CA THR C 17 42.47 -65.90 16.44
C THR C 17 43.81 -65.88 15.71
N LEU C 18 43.76 -65.52 14.44
CA LEU C 18 44.98 -65.46 13.63
C LEU C 18 45.87 -64.31 14.09
N SER C 19 47.17 -64.57 14.12
CA SER C 19 48.17 -63.57 14.48
C SER C 19 49.25 -63.52 13.39
N LEU C 20 49.67 -62.31 13.05
CA LEU C 20 50.68 -62.07 12.04
C LEU C 20 51.74 -61.13 12.58
N THR C 21 52.99 -61.38 12.23
CA THR C 21 54.13 -60.62 12.72
C THR C 21 54.89 -59.97 11.57
N CYS C 22 55.47 -58.82 11.85
CA CYS C 22 56.30 -58.10 10.88
C CYS C 22 57.48 -57.48 11.60
N ASN C 23 58.68 -57.71 11.08
CA ASN C 23 59.90 -57.22 11.72
C ASN C 23 60.33 -55.91 11.04
N VAL C 24 61.47 -55.38 11.48
CA VAL C 24 62.01 -54.12 10.95
C VAL C 24 63.39 -54.37 10.36
N SER C 25 64.01 -53.32 9.85
CA SER C 25 65.34 -53.43 9.24
C SER C 25 66.08 -52.11 9.50
N GLY C 26 66.89 -52.09 10.55
CA GLY C 26 67.69 -50.92 10.85
C GLY C 26 66.92 -49.84 11.59
N THR C 27 65.91 -49.28 10.94
CA THR C 27 65.16 -48.18 11.52
C THR C 27 64.37 -48.65 12.74
N LEU C 28 64.49 -47.91 13.84
CA LEU C 28 63.75 -48.25 15.05
C LEU C 28 62.28 -47.88 14.89
N VAL C 29 61.44 -48.53 15.70
CA VAL C 29 60.00 -48.29 15.63
C VAL C 29 59.61 -46.98 16.30
N ARG C 30 60.41 -46.49 17.25
CA ARG C 30 60.04 -45.28 17.98
C ARG C 30 59.97 -44.07 17.05
N ASP C 31 60.93 -43.93 16.15
CA ASP C 31 61.04 -42.77 15.27
C ASP C 31 60.57 -43.07 13.86
N ASN C 32 59.55 -43.92 13.71
CA ASN C 32 59.01 -44.25 12.41
C ASN C 32 57.55 -44.66 12.55
N TYR C 33 56.78 -44.40 11.51
CA TYR C 33 55.37 -44.75 11.46
C TYR C 33 55.17 -45.88 10.47
N TRP C 34 54.43 -46.91 10.88
CA TRP C 34 54.18 -48.08 10.06
C TRP C 34 52.72 -48.10 9.60
N SER C 35 52.50 -48.69 8.42
CA SER C 35 51.18 -48.84 7.86
C SER C 35 51.05 -50.22 7.24
N TRP C 36 49.82 -50.72 7.20
CA TRP C 36 49.52 -52.03 6.65
C TRP C 36 48.53 -51.88 5.51
N ILE C 37 48.70 -52.69 4.46
CA ILE C 37 47.87 -52.65 3.27
C ILE C 37 47.39 -54.07 2.97
N ARG C 38 46.09 -54.21 2.74
CA ARG C 38 45.48 -55.47 2.35
C ARG C 38 44.98 -55.35 0.91
N GLN C 39 45.38 -56.29 0.06
CA GLN C 39 45.04 -56.27 -1.36
C GLN C 39 44.37 -57.60 -1.74
N PRO C 40 43.11 -57.63 -2.16
CA PRO C 40 42.56 -58.88 -2.70
C PRO C 40 43.28 -59.28 -3.98
N LEU C 41 43.30 -60.59 -4.22
CA LEU C 41 44.02 -61.14 -5.37
C LEU C 41 43.43 -60.58 -6.66
N GLY C 42 44.21 -59.75 -7.36
CA GLY C 42 43.82 -59.24 -8.66
C GLY C 42 42.97 -57.99 -8.62
N LYS C 43 42.63 -57.47 -7.44
CA LYS C 43 41.81 -56.27 -7.30
C LYS C 43 42.65 -55.13 -6.71
N GLN C 44 42.01 -53.97 -6.56
CA GLN C 44 42.71 -52.81 -6.06
C GLN C 44 43.12 -53.01 -4.59
N PRO C 45 44.26 -52.47 -4.17
CA PRO C 45 44.65 -52.59 -2.76
C PRO C 45 43.69 -51.83 -1.84
N GLU C 46 43.60 -52.31 -0.61
CA GLU C 46 42.81 -51.68 0.44
C GLU C 46 43.73 -51.31 1.59
N TRP C 47 43.57 -50.09 2.10
CA TRP C 47 44.43 -49.56 3.15
C TRP C 47 43.79 -49.82 4.52
N ILE C 48 44.46 -50.62 5.35
CA ILE C 48 43.98 -50.82 6.71
C ILE C 48 44.17 -49.57 7.53
N GLY C 49 45.34 -48.95 7.45
CA GLY C 49 45.63 -47.71 8.14
C GLY C 49 47.07 -47.70 8.63
N TYR C 50 47.30 -46.92 9.68
CA TYR C 50 48.61 -46.74 10.26
C TYR C 50 48.52 -46.89 11.77
N VAL C 51 49.59 -47.41 12.37
CA VAL C 51 49.68 -47.59 13.81
C VAL C 51 51.03 -47.08 14.29
N HIS C 52 51.00 -46.41 15.43
CA HIS C 52 52.22 -45.91 16.06
C HIS C 52 52.00 -45.83 17.56
N ASP C 53 53.09 -46.04 18.31
CA ASP C 53 52.99 -46.04 19.76
C ASP C 53 52.73 -44.63 20.29
N SER C 54 52.28 -44.57 21.54
CA SER C 54 52.04 -43.32 22.24
C SER C 54 50.95 -42.50 21.55
N GLY C 55 49.76 -43.08 21.47
CA GLY C 55 48.57 -42.35 21.07
C GLY C 55 48.11 -42.58 19.65
N ASP C 56 49.04 -42.67 18.70
CA ASP C 56 48.70 -42.78 17.29
C ASP C 56 48.39 -44.24 16.95
N THR C 57 47.27 -44.72 17.49
CA THR C 57 46.80 -46.09 17.32
C THR C 57 45.49 -46.13 16.54
N ASN C 58 45.34 -45.24 15.57
CA ASN C 58 44.13 -45.21 14.78
C ASN C 58 44.01 -46.47 13.92
N TYR C 59 42.80 -47.01 13.85
CA TYR C 59 42.50 -48.21 13.08
C TYR C 59 41.56 -47.85 11.92
N ASN C 60 41.15 -48.88 11.19
CA ASN C 60 40.28 -48.67 10.04
C ASN C 60 38.87 -48.32 10.52
N PRO C 61 38.32 -47.15 10.17
CA PRO C 61 36.97 -46.80 10.66
C PRO C 61 35.90 -47.77 10.20
N SER C 62 36.04 -48.38 9.02
CA SER C 62 34.96 -49.22 8.51
C SER C 62 34.82 -50.50 9.33
N LEU C 63 35.92 -51.06 9.81
CA LEU C 63 35.89 -52.37 10.47
C LEU C 63 35.74 -52.20 11.99
N LYS C 64 36.75 -51.60 12.63
CA LYS C 64 36.65 -51.08 14.01
C LYS C 64 35.95 -52.04 14.97
N SER C 65 36.05 -53.35 14.73
CA SER C 65 35.40 -54.36 15.53
C SER C 65 36.35 -55.41 16.08
N ARG C 66 37.24 -55.95 15.24
CA ARG C 66 38.09 -57.07 15.61
C ARG C 66 39.56 -56.84 15.31
N VAL C 67 39.93 -55.68 14.79
CA VAL C 67 41.33 -55.39 14.50
C VAL C 67 42.05 -55.03 15.80
N HIS C 68 43.29 -55.51 15.92
CA HIS C 68 44.09 -55.25 17.11
C HIS C 68 45.56 -55.20 16.70
N LEU C 69 46.19 -54.05 16.91
CA LEU C 69 47.61 -53.84 16.61
C LEU C 69 48.37 -53.64 17.91
N SER C 70 49.54 -54.26 18.01
CA SER C 70 50.41 -54.12 19.17
C SER C 70 51.85 -54.01 18.71
N LEU C 71 52.69 -53.42 19.55
CA LEU C 71 54.10 -53.19 19.26
C LEU C 71 54.95 -53.78 20.38
N ASP C 72 56.15 -54.22 20.00
CA ASP C 72 57.12 -54.78 20.94
C ASP C 72 58.45 -54.05 20.73
N LYS C 73 58.72 -53.06 21.57
CA LYS C 73 59.94 -52.28 21.42
C LYS C 73 61.18 -53.13 21.69
N SER C 74 61.12 -54.02 22.69
CA SER C 74 62.28 -54.85 23.00
C SER C 74 62.66 -55.75 21.84
N LYS C 75 61.67 -56.36 21.18
CA LYS C 75 61.91 -57.22 20.04
C LYS C 75 61.88 -56.49 18.71
N ASN C 76 61.52 -55.19 18.71
CA ASN C 76 61.43 -54.40 17.48
C ASN C 76 60.51 -55.08 16.47
N LEU C 77 59.36 -55.54 16.96
CA LEU C 77 58.40 -56.29 16.18
C LEU C 77 57.02 -55.68 16.32
N VAL C 78 56.26 -55.67 15.24
CA VAL C 78 54.88 -55.18 15.22
C VAL C 78 53.98 -56.35 14.82
N SER C 79 52.90 -56.54 15.57
CA SER C 79 52.00 -57.67 15.40
C SER C 79 50.58 -57.18 15.12
N LEU C 80 49.90 -57.86 14.20
CA LEU C 80 48.49 -57.63 13.91
C LEU C 80 47.73 -58.90 14.22
N ARG C 81 46.61 -58.77 14.91
CA ARG C 81 45.80 -59.91 15.33
C ARG C 81 44.35 -59.68 14.92
N LEU C 82 43.72 -60.74 14.42
CA LEU C 82 42.30 -60.73 14.09
C LEU C 82 41.61 -61.88 14.81
N THR C 83 40.41 -61.62 15.31
CA THR C 83 39.59 -62.62 15.98
C THR C 83 38.37 -62.92 15.11
N GLY C 84 38.19 -64.19 14.77
CA GLY C 84 37.05 -64.60 13.97
C GLY C 84 37.25 -64.37 12.48
N VAL C 85 38.25 -65.03 11.89
CA VAL C 85 38.48 -64.92 10.45
C VAL C 85 37.25 -65.42 9.70
N THR C 86 36.99 -64.80 8.55
CA THR C 86 35.91 -65.19 7.66
C THR C 86 36.48 -65.70 6.34
N ALA C 87 35.58 -66.04 5.42
CA ALA C 87 35.99 -66.56 4.13
C ALA C 87 36.48 -65.48 3.16
N ALA C 88 36.20 -64.20 3.46
CA ALA C 88 36.59 -63.10 2.59
C ALA C 88 37.94 -62.49 2.97
N ASP C 89 38.64 -63.06 3.95
CA ASP C 89 39.90 -62.52 4.43
C ASP C 89 41.11 -63.02 3.65
N SER C 90 40.91 -63.88 2.65
CA SER C 90 42.01 -64.41 1.86
C SER C 90 42.56 -63.30 0.97
N ALA C 91 43.66 -62.70 1.38
CA ALA C 91 44.28 -61.61 0.63
C ALA C 91 45.74 -61.48 1.03
N ILE C 92 46.51 -60.80 0.19
CA ILE C 92 47.92 -60.55 0.47
C ILE C 92 48.03 -59.30 1.31
N TYR C 93 48.86 -59.37 2.36
CA TYR C 93 49.08 -58.26 3.28
C TYR C 93 50.49 -57.72 3.09
N TYR C 94 50.66 -56.44 3.44
CA TYR C 94 51.93 -55.74 3.28
C TYR C 94 52.13 -54.80 4.45
N CYS C 95 53.21 -54.99 5.19
CA CYS C 95 53.60 -54.07 6.26
C CYS C 95 54.75 -53.22 5.76
N ALA C 96 54.57 -51.89 5.83
CA ALA C 96 55.55 -50.97 5.28
C ALA C 96 55.48 -49.64 6.03
N THR C 97 56.54 -48.86 5.87
CA THR C 97 56.63 -47.56 6.53
C THR C 97 55.87 -46.50 5.72
N THR C 98 55.77 -45.31 6.30
CA THR C 98 55.04 -44.20 5.68
C THR C 98 55.68 -42.88 6.10
N LYS C 99 55.40 -41.85 5.30
CA LYS C 99 55.95 -40.52 5.49
C LYS C 99 54.83 -39.49 5.51
N HIS C 100 55.00 -38.47 6.34
CA HIS C 100 53.98 -37.45 6.51
C HIS C 100 54.04 -36.41 5.40
N GLY C 101 52.98 -35.60 5.31
CA GLY C 101 52.90 -34.52 4.36
C GLY C 101 51.81 -33.53 4.74
N ARG C 102 52.12 -32.24 4.72
CA ARG C 102 51.21 -31.20 5.19
C ARG C 102 50.81 -30.27 4.05
N ARG C 103 49.58 -29.78 4.12
CA ARG C 103 49.11 -28.75 3.19
C ARG C 103 48.11 -27.88 3.93
N ILE C 104 48.20 -26.58 3.73
CA ILE C 104 47.34 -25.60 4.40
C ILE C 104 46.58 -24.83 3.33
N TYR C 105 45.28 -24.65 3.53
CA TYR C 105 44.42 -23.97 2.58
C TYR C 105 43.53 -22.91 3.23
N GLY C 106 43.81 -22.52 4.46
CA GLY C 106 42.98 -21.56 5.16
C GLY C 106 43.72 -20.87 6.28
N VAL C 107 42.98 -20.58 7.35
CA VAL C 107 43.54 -19.85 8.49
C VAL C 107 44.32 -20.81 9.38
N VAL C 108 45.45 -20.33 9.90
CA VAL C 108 46.35 -21.20 10.67
C VAL C 108 45.71 -21.69 11.96
N ALA C 109 44.76 -20.96 12.52
CA ALA C 109 44.14 -21.31 13.79
C ALA C 109 42.76 -21.94 13.65
N PHE C 110 42.27 -22.16 12.43
CA PHE C 110 40.93 -22.70 12.20
C PHE C 110 40.96 -24.08 11.56
N LYS C 111 42.10 -24.79 11.63
CA LYS C 111 42.16 -26.21 11.30
C LYS C 111 41.86 -26.47 9.82
N GLU C 112 42.43 -25.65 8.94
CA GLU C 112 42.33 -25.89 7.49
C GLU C 112 43.61 -26.55 6.98
N TRP C 113 43.82 -27.78 7.45
CA TRP C 113 44.93 -28.58 6.97
C TRP C 113 44.70 -30.03 7.35
N PHE C 114 44.98 -30.94 6.43
CA PHE C 114 44.88 -32.37 6.67
C PHE C 114 46.20 -33.01 6.28
N THR C 115 46.76 -33.81 7.20
CA THR C 115 48.00 -34.50 6.93
C THR C 115 47.74 -35.66 5.97
N TYR C 116 48.56 -35.76 4.93
CA TYR C 116 48.47 -36.82 3.94
C TYR C 116 49.70 -37.69 4.00
N PHE C 117 49.51 -39.00 3.80
CA PHE C 117 50.55 -39.99 3.96
C PHE C 117 50.82 -40.69 2.64
N TYR C 118 52.11 -40.89 2.36
CA TYR C 118 52.55 -41.65 1.19
C TYR C 118 53.60 -42.66 1.61
N MET C 119 53.51 -43.86 1.04
CA MET C 119 54.40 -44.97 1.38
C MET C 119 55.59 -44.96 0.42
N ASP C 120 56.75 -44.55 0.92
CA ASP C 120 57.94 -44.51 0.09
C ASP C 120 58.40 -45.92 -0.29
N VAL C 121 58.27 -46.87 0.64
CA VAL C 121 58.70 -48.24 0.46
C VAL C 121 57.53 -49.17 0.76
N TRP C 122 57.59 -50.38 0.21
CA TRP C 122 56.54 -51.38 0.41
C TRP C 122 57.18 -52.70 0.80
N GLY C 123 56.45 -53.46 1.63
CA GLY C 123 56.96 -54.72 2.12
C GLY C 123 56.77 -55.87 1.14
N LYS C 124 57.46 -56.98 1.44
CA LYS C 124 57.36 -58.15 0.58
C LYS C 124 56.02 -58.85 0.77
N GLY C 125 55.56 -58.98 2.01
CA GLY C 125 54.27 -59.55 2.30
C GLY C 125 54.30 -61.07 2.34
N THR C 126 53.19 -61.63 2.82
CA THR C 126 53.02 -63.07 2.90
C THR C 126 51.57 -63.41 2.58
N SER C 127 51.37 -64.59 2.00
CA SER C 127 50.06 -65.03 1.55
C SER C 127 49.31 -65.71 2.70
N VAL C 128 48.06 -65.29 2.90
CA VAL C 128 47.18 -65.86 3.91
C VAL C 128 45.90 -66.32 3.23
N THR C 129 45.50 -67.56 3.49
CA THR C 129 44.29 -68.13 2.91
C THR C 129 43.56 -68.94 3.96
N VAL C 130 42.25 -69.11 3.75
CA VAL C 130 41.37 -69.82 4.66
C VAL C 130 40.69 -70.94 3.88
N SER C 131 40.70 -72.15 4.46
CA SER C 131 40.10 -73.31 3.84
C SER C 131 39.57 -74.23 4.94
N SER C 132 39.10 -75.41 4.54
CA SER C 132 38.57 -76.39 5.48
C SER C 132 39.39 -77.69 5.42
N THR D 1 38.73 -51.10 -17.64
CA THR D 1 39.73 -50.13 -17.19
C THR D 1 41.09 -50.46 -17.78
N PHE D 2 41.11 -50.92 -19.02
CA PHE D 2 42.32 -51.27 -19.73
C PHE D 2 42.59 -50.23 -20.82
N VAL D 3 43.81 -49.71 -20.85
CA VAL D 3 44.22 -48.68 -21.79
C VAL D 3 45.33 -49.25 -22.66
N SER D 4 45.17 -49.13 -23.98
CA SER D 4 46.13 -49.62 -24.95
C SER D 4 46.76 -48.43 -25.66
N VAL D 5 48.08 -48.30 -25.56
CA VAL D 5 48.84 -47.23 -26.21
C VAL D 5 50.05 -47.84 -26.88
N ALA D 6 50.31 -47.43 -28.12
CA ALA D 6 51.50 -47.87 -28.81
C ALA D 6 52.74 -47.22 -28.20
N PRO D 7 53.87 -47.92 -28.19
CA PRO D 7 55.08 -47.34 -27.60
C PRO D 7 55.52 -46.08 -28.33
N GLY D 8 56.05 -45.13 -27.56
CA GLY D 8 56.54 -43.88 -28.10
C GLY D 8 55.50 -42.80 -28.31
N GLN D 9 54.23 -43.08 -28.02
CA GLN D 9 53.15 -42.13 -28.20
C GLN D 9 52.78 -41.51 -26.85
N THR D 10 51.73 -40.69 -26.85
CA THR D 10 51.24 -40.04 -25.64
C THR D 10 50.05 -40.81 -25.08
N ALA D 11 49.93 -40.78 -23.75
CA ALA D 11 48.87 -41.48 -23.04
C ALA D 11 48.25 -40.58 -22.01
N ARG D 12 46.95 -40.74 -21.78
CA ARG D 12 46.21 -40.00 -20.78
C ARG D 12 45.46 -40.98 -19.89
N ILE D 13 45.58 -40.79 -18.58
CA ILE D 13 44.93 -41.64 -17.59
C ILE D 13 44.00 -40.77 -16.75
N THR D 14 42.75 -41.18 -16.64
CA THR D 14 41.72 -40.46 -15.88
C THR D 14 41.37 -41.28 -14.66
N CYS D 15 41.45 -40.66 -13.49
CA CYS D 15 41.11 -41.31 -12.23
C CYS D 15 40.53 -40.29 -11.27
N GLY D 16 39.73 -40.79 -10.33
CA GLY D 16 39.10 -39.94 -9.33
C GLY D 16 37.77 -39.38 -9.80
N GLU D 17 37.05 -38.80 -8.85
CA GLU D 17 35.75 -38.21 -9.10
C GLU D 17 35.90 -36.71 -9.37
N GLU D 18 34.77 -36.01 -9.42
CA GLU D 18 34.79 -34.57 -9.70
C GLU D 18 35.49 -33.82 -8.58
N SER D 19 36.10 -32.68 -8.94
CA SER D 19 36.89 -31.88 -8.01
C SER D 19 35.96 -30.92 -7.28
N LEU D 20 35.29 -31.44 -6.24
CA LEU D 20 34.45 -30.58 -5.41
C LEU D 20 35.30 -29.60 -4.61
N GLY D 21 36.52 -30.00 -4.26
CA GLY D 21 37.44 -29.15 -3.53
C GLY D 21 38.88 -29.39 -3.91
N SER D 22 39.81 -29.08 -3.02
CA SER D 22 41.23 -29.26 -3.30
C SER D 22 41.64 -30.71 -3.08
N ARG D 23 42.65 -31.14 -3.84
CA ARG D 23 43.16 -32.50 -3.77
C ARG D 23 44.67 -32.48 -3.62
N SER D 24 45.20 -33.55 -3.02
CA SER D 24 46.63 -33.82 -2.94
C SER D 24 46.82 -35.24 -3.45
N VAL D 25 46.94 -35.38 -4.77
CA VAL D 25 46.92 -36.70 -5.40
C VAL D 25 48.24 -37.41 -5.17
N ILE D 26 48.16 -38.72 -4.91
CA ILE D 26 49.32 -39.59 -4.77
C ILE D 26 49.19 -40.69 -5.80
N TRP D 27 50.26 -40.90 -6.57
CA TRP D 27 50.26 -41.85 -7.67
C TRP D 27 51.05 -43.10 -7.27
N TYR D 28 50.48 -44.27 -7.50
CA TYR D 28 51.09 -45.54 -7.17
C TYR D 28 51.06 -46.45 -8.40
N GLN D 29 52.00 -47.40 -8.42
CA GLN D 29 52.08 -48.39 -9.47
C GLN D 29 52.24 -49.77 -8.85
N GLN D 30 51.70 -50.77 -9.55
CA GLN D 30 51.77 -52.16 -9.11
C GLN D 30 52.42 -52.99 -10.21
N ARG D 31 53.49 -53.71 -9.86
CA ARG D 31 54.18 -54.56 -10.82
C ARG D 31 53.71 -56.00 -10.68
N PRO D 32 53.52 -56.77 -11.76
CA PRO D 32 53.11 -58.17 -11.60
C PRO D 32 54.19 -58.98 -10.89
N GLY D 33 53.85 -59.53 -9.73
CA GLY D 33 54.77 -60.36 -8.99
C GLY D 33 55.86 -59.63 -8.25
N GLN D 34 55.76 -58.30 -8.12
CA GLN D 34 56.77 -57.50 -7.45
C GLN D 34 56.07 -56.48 -6.56
N ALA D 35 56.81 -56.03 -5.54
CA ALA D 35 56.24 -55.08 -4.59
C ALA D 35 55.97 -53.73 -5.29
N PRO D 36 54.97 -52.99 -4.83
CA PRO D 36 54.70 -51.68 -5.44
C PRO D 36 55.81 -50.70 -5.14
N SER D 37 55.66 -49.49 -5.70
CA SER D 37 56.60 -48.41 -5.47
C SER D 37 55.84 -47.10 -5.58
N LEU D 38 56.57 -45.98 -5.70
CA LEU D 38 56.00 -44.65 -5.74
C LEU D 38 56.55 -43.90 -6.94
N ILE D 39 55.73 -42.98 -7.46
CA ILE D 39 56.14 -42.14 -8.59
C ILE D 39 56.05 -40.68 -8.18
N ILE D 40 54.85 -40.23 -7.80
CA ILE D 40 54.61 -38.85 -7.39
C ILE D 40 54.10 -38.88 -5.95
N TYR D 41 54.72 -38.08 -5.09
CA TYR D 41 54.38 -38.04 -3.66
C TYR D 41 53.60 -36.79 -3.28
N ASN D 42 53.17 -35.99 -4.24
CA ASN D 42 52.38 -34.79 -3.96
C ASN D 42 51.56 -34.45 -5.20
N ASN D 43 50.96 -33.26 -5.20
CA ASN D 43 50.20 -32.83 -6.37
C ASN D 43 51.09 -32.71 -7.59
N ASN D 44 52.26 -32.10 -7.44
CA ASN D 44 53.24 -31.99 -8.53
C ASN D 44 54.67 -32.28 -8.11
N ASP D 45 54.98 -32.30 -6.81
CA ASP D 45 56.33 -32.59 -6.36
C ASP D 45 56.64 -34.08 -6.56
N ARG D 46 57.90 -34.36 -6.88
CA ARG D 46 58.35 -35.72 -7.14
C ARG D 46 59.60 -36.02 -6.33
N PRO D 47 59.85 -37.29 -6.00
CA PRO D 47 61.06 -37.65 -5.25
C PRO D 47 62.24 -37.81 -6.20
N SER D 48 63.38 -38.17 -5.61
CA SER D 48 64.59 -38.41 -6.39
C SER D 48 64.53 -39.78 -7.05
N GLY D 49 65.44 -40.00 -8.00
CA GLY D 49 65.52 -41.25 -8.71
C GLY D 49 64.70 -41.33 -9.98
N ILE D 50 63.91 -40.31 -10.28
CA ILE D 50 63.09 -40.28 -11.49
C ILE D 50 63.29 -38.91 -12.16
N PRO D 51 63.43 -38.84 -13.48
CA PRO D 51 63.56 -37.53 -14.13
C PRO D 51 62.25 -36.76 -14.07
N ASP D 52 62.27 -35.56 -14.65
CA ASP D 52 61.12 -34.68 -14.66
C ASP D 52 60.12 -34.99 -15.78
N ARG D 53 60.19 -36.17 -16.38
CA ARG D 53 59.26 -36.51 -17.45
C ARG D 53 57.83 -36.56 -16.93
N PHE D 54 57.64 -37.15 -15.76
CA PHE D 54 56.29 -37.28 -15.21
C PHE D 54 55.72 -35.90 -14.90
N SER D 55 54.42 -35.75 -15.16
CA SER D 55 53.73 -34.48 -14.94
C SER D 55 52.36 -34.77 -14.35
N GLY D 56 51.84 -33.77 -13.63
CA GLY D 56 50.54 -33.89 -13.00
C GLY D 56 49.88 -32.53 -12.88
N SER D 57 48.60 -32.55 -12.54
CA SER D 57 47.83 -31.33 -12.41
C SER D 57 47.88 -30.81 -10.97
N PRO D 58 47.76 -29.50 -10.74
CA PRO D 58 47.74 -28.99 -9.37
C PRO D 58 46.40 -29.26 -8.70
N GLY D 59 46.37 -29.02 -7.40
CA GLY D 59 45.20 -29.25 -6.58
C GLY D 59 44.26 -28.08 -6.41
N SER D 60 44.46 -27.00 -7.17
CA SER D 60 43.64 -25.80 -7.07
C SER D 60 42.52 -25.78 -8.12
N THR D 61 42.02 -26.95 -8.52
CA THR D 61 40.99 -27.06 -9.53
C THR D 61 39.65 -27.41 -8.88
N PHE D 62 38.58 -26.83 -9.41
CA PHE D 62 37.23 -27.08 -8.94
C PHE D 62 36.37 -27.55 -10.09
N GLY D 63 35.71 -28.70 -9.91
CA GLY D 63 34.83 -29.25 -10.92
C GLY D 63 35.51 -30.10 -11.97
N THR D 64 36.84 -30.19 -11.95
CA THR D 64 37.57 -30.98 -12.93
C THR D 64 37.83 -32.38 -12.35
N THR D 65 38.62 -33.18 -13.07
CA THR D 65 38.99 -34.53 -12.65
C THR D 65 40.49 -34.69 -12.78
N ALA D 66 41.09 -35.36 -11.79
CA ALA D 66 42.53 -35.58 -11.81
C ALA D 66 42.91 -36.43 -13.02
N THR D 67 43.96 -36.03 -13.72
CA THR D 67 44.43 -36.72 -14.91
C THR D 67 45.95 -36.81 -14.88
N LEU D 68 46.47 -37.83 -15.56
CA LEU D 68 47.90 -38.05 -15.68
C LEU D 68 48.27 -38.14 -17.16
N THR D 69 49.33 -37.42 -17.55
CA THR D 69 49.80 -37.39 -18.92
C THR D 69 51.15 -38.10 -19.00
N ILE D 70 51.24 -39.09 -19.87
CA ILE D 70 52.46 -39.87 -20.09
C ILE D 70 52.80 -39.80 -21.56
N THR D 71 54.05 -39.48 -21.86
CA THR D 71 54.55 -39.39 -23.23
C THR D 71 55.80 -40.25 -23.38
N SER D 72 56.06 -40.67 -24.61
CA SER D 72 57.20 -41.53 -24.92
C SER D 72 57.12 -42.84 -24.11
N VAL D 73 56.05 -43.58 -24.35
CA VAL D 73 55.82 -44.82 -23.62
C VAL D 73 56.90 -45.82 -24.00
N GLU D 74 57.51 -46.43 -22.98
CA GLU D 74 58.56 -47.43 -23.15
C GLU D 74 58.07 -48.79 -22.67
N ALA D 75 58.93 -49.80 -22.81
CA ALA D 75 58.57 -51.14 -22.39
C ALA D 75 58.49 -51.29 -20.88
N GLY D 76 59.11 -50.38 -20.12
CA GLY D 76 59.08 -50.43 -18.67
C GLY D 76 57.86 -49.83 -18.03
N ASP D 77 56.91 -49.31 -18.81
CA ASP D 77 55.70 -48.71 -18.29
C ASP D 77 54.55 -49.70 -18.15
N GLU D 78 54.77 -50.97 -18.46
CA GLU D 78 53.71 -51.98 -18.40
C GLU D 78 53.48 -52.33 -16.93
N ALA D 79 52.60 -51.55 -16.30
CA ALA D 79 52.25 -51.79 -14.90
C ALA D 79 50.87 -51.20 -14.64
N ASP D 80 50.24 -51.66 -13.56
CA ASP D 80 48.93 -51.17 -13.17
C ASP D 80 49.09 -49.91 -12.34
N TYR D 81 48.42 -48.84 -12.76
CA TYR D 81 48.51 -47.54 -12.11
C TYR D 81 47.28 -47.29 -11.25
N TYR D 82 47.51 -46.76 -10.04
CA TYR D 82 46.45 -46.48 -9.09
C TYR D 82 46.54 -45.03 -8.66
N CYS D 83 45.38 -44.43 -8.40
CA CYS D 83 45.27 -43.05 -7.93
C CYS D 83 44.70 -43.03 -6.53
N HIS D 84 45.20 -42.10 -5.72
CA HIS D 84 44.74 -41.92 -4.34
C HIS D 84 44.42 -40.45 -4.14
N ILE D 85 43.15 -40.13 -3.97
CA ILE D 85 42.72 -38.76 -3.77
C ILE D 85 42.78 -38.44 -2.28
N TRP D 86 43.09 -37.18 -1.97
CA TRP D 86 43.11 -36.69 -0.58
C TRP D 86 42.25 -35.43 -0.56
N ASP D 87 40.99 -35.60 -0.15
CA ASP D 87 40.00 -34.53 -0.22
C ASP D 87 39.85 -33.85 1.13
N SER D 88 39.58 -32.54 1.08
CA SER D 88 39.18 -31.82 2.27
C SER D 88 37.68 -31.86 2.50
N ARG D 89 36.89 -32.32 1.52
CA ARG D 89 35.46 -32.41 1.75
C ARG D 89 35.14 -33.72 2.46
N ARG D 90 35.46 -34.84 1.81
CA ARG D 90 35.16 -36.17 2.33
C ARG D 90 36.25 -36.62 3.30
N PRO D 91 35.93 -37.57 4.21
CA PRO D 91 36.99 -38.14 5.05
C PRO D 91 38.04 -38.88 4.24
N THR D 92 39.06 -39.40 4.91
CA THR D 92 40.13 -40.11 4.21
C THR D 92 39.60 -41.44 3.67
N ASN D 93 39.68 -41.61 2.36
CA ASN D 93 39.19 -42.82 1.71
C ASN D 93 40.29 -43.88 1.77
N TRP D 94 39.95 -45.04 2.32
CA TRP D 94 40.90 -46.14 2.48
C TRP D 94 40.86 -47.14 1.33
N VAL D 95 40.02 -46.90 0.32
CA VAL D 95 39.91 -47.77 -0.85
C VAL D 95 40.37 -46.99 -2.07
N PHE D 96 41.28 -47.59 -2.84
CA PHE D 96 41.81 -46.92 -4.02
C PHE D 96 40.79 -46.98 -5.16
N GLY D 97 41.03 -46.16 -6.18
CA GLY D 97 40.13 -46.06 -7.31
C GLY D 97 40.33 -47.19 -8.30
N GLU D 98 39.65 -47.06 -9.43
CA GLU D 98 39.69 -48.08 -10.48
C GLU D 98 41.07 -48.07 -11.12
N GLY D 99 41.89 -49.05 -10.77
CA GLY D 99 43.23 -49.16 -11.32
C GLY D 99 43.24 -49.32 -12.83
N THR D 100 44.07 -48.54 -13.51
CA THR D 100 44.20 -48.60 -14.96
C THR D 100 45.44 -49.39 -15.31
N THR D 101 45.27 -50.45 -16.11
CA THR D 101 46.37 -51.30 -16.53
C THR D 101 46.88 -50.84 -17.89
N LEU D 102 48.15 -50.44 -17.95
CA LEU D 102 48.76 -50.01 -19.19
C LEU D 102 49.44 -51.19 -19.84
N ILE D 103 49.09 -51.46 -21.10
CA ILE D 103 49.64 -52.56 -21.88
C ILE D 103 50.27 -51.99 -23.14
N VAL D 104 51.51 -52.40 -23.43
CA VAL D 104 52.27 -51.90 -24.56
C VAL D 104 52.46 -53.04 -25.55
N LEU D 105 52.19 -52.76 -26.82
CA LEU D 105 52.32 -53.76 -27.88
C LEU D 105 53.79 -54.01 -28.21
N LEU E 9 0.18 40.20 -31.25
CA LEU E 9 0.16 40.93 -29.98
C LEU E 9 -0.37 40.04 -28.86
N GLY E 10 0.29 40.09 -27.71
CA GLY E 10 -0.10 39.30 -26.56
C GLY E 10 1.10 38.69 -25.85
N PHE E 11 0.94 37.44 -25.40
CA PHE E 11 2.02 36.72 -24.74
C PHE E 11 3.21 36.64 -25.69
N LEU E 12 4.30 37.31 -25.34
CA LEU E 12 5.47 37.42 -26.22
C LEU E 12 5.11 38.09 -27.53
N GLY E 13 4.13 39.00 -27.50
CA GLY E 13 3.71 39.66 -28.71
C GLY E 13 4.79 40.56 -29.29
N ALA E 14 4.78 40.69 -30.60
CA ALA E 14 5.73 41.55 -31.32
C ALA E 14 7.18 41.13 -31.05
N ALA E 15 7.40 39.83 -30.93
CA ALA E 15 8.76 39.33 -30.70
C ALA E 15 9.66 39.63 -31.89
N GLY E 16 9.14 39.47 -33.10
CA GLY E 16 9.88 39.75 -34.31
C GLY E 16 9.81 41.19 -34.77
N SER E 17 9.24 42.07 -33.97
CA SER E 17 9.09 43.48 -34.34
C SER E 17 10.39 44.23 -34.10
N THR E 18 10.34 45.56 -34.17
CA THR E 18 11.53 46.40 -34.13
C THR E 18 12.39 46.09 -32.91
N MET E 19 13.64 46.53 -32.98
CA MET E 19 14.62 46.22 -31.94
C MET E 19 14.42 47.08 -30.70
N GLY E 20 14.30 48.40 -30.89
CA GLY E 20 14.21 49.32 -29.77
C GLY E 20 12.84 49.94 -29.57
N ALA E 21 12.09 50.07 -30.66
CA ALA E 21 10.75 50.64 -30.61
C ALA E 21 9.67 49.61 -30.29
N ALA E 22 10.06 48.38 -29.97
CA ALA E 22 9.12 47.33 -29.59
C ALA E 22 8.93 47.26 -28.09
N SER E 23 9.09 48.39 -27.39
CA SER E 23 8.91 48.42 -25.94
C SER E 23 7.46 48.22 -25.52
N LEU E 24 6.51 48.30 -26.46
CA LEU E 24 5.10 48.16 -26.09
C LEU E 24 4.81 46.78 -25.51
N THR E 25 5.57 45.77 -25.88
CA THR E 25 5.37 44.42 -25.39
C THR E 25 6.11 44.14 -24.09
N LEU E 26 6.73 45.16 -23.48
CA LEU E 26 7.41 44.95 -22.22
C LEU E 26 6.42 44.59 -21.12
N THR E 27 5.36 45.39 -20.97
CA THR E 27 4.42 45.17 -19.88
C THR E 27 3.65 43.86 -20.03
N VAL E 28 3.22 43.52 -21.24
CA VAL E 28 2.48 42.28 -21.43
C VAL E 28 3.34 41.06 -21.12
N GLN E 29 4.66 41.16 -21.32
CA GLN E 29 5.54 40.06 -20.93
C GLN E 29 5.61 39.93 -19.42
N ALA E 30 5.59 41.06 -18.70
CA ALA E 30 5.75 41.02 -17.25
C ALA E 30 4.51 40.51 -16.56
N ARG E 31 3.32 40.95 -17.00
CA ARG E 31 2.09 40.53 -16.33
C ARG E 31 1.86 39.03 -16.44
N LEU E 32 2.12 38.47 -17.62
CA LEU E 32 1.87 37.05 -17.87
C LEU E 32 2.99 36.16 -17.35
N LEU E 33 4.03 36.73 -16.74
CA LEU E 33 5.15 35.92 -16.30
C LEU E 33 4.77 35.01 -15.13
N LEU E 34 3.85 35.46 -14.27
CA LEU E 34 3.41 34.66 -13.12
C LEU E 34 1.90 34.43 -13.11
N SER E 35 1.10 35.45 -13.43
CA SER E 35 -0.34 35.28 -13.35
C SER E 35 -0.84 34.24 -14.34
N GLY E 36 -0.33 34.27 -15.56
CA GLY E 36 -0.74 33.32 -16.58
C GLY E 36 -2.15 33.57 -17.08
N THR E 58 -3.07 12.59 -6.92
CA THR E 58 -3.04 11.84 -8.18
C THR E 58 -1.70 12.03 -8.88
N VAL E 59 -1.59 11.52 -10.10
CA VAL E 59 -0.34 11.60 -10.85
C VAL E 59 0.03 13.05 -11.12
N TRP E 60 -0.94 13.85 -11.58
CA TRP E 60 -0.69 15.22 -11.95
C TRP E 60 -0.82 16.20 -10.79
N GLY E 61 -1.34 15.77 -9.64
CA GLY E 61 -1.30 16.62 -8.47
C GLY E 61 0.11 16.82 -7.97
N ILE E 62 0.91 15.75 -7.91
CA ILE E 62 2.32 15.87 -7.57
C ILE E 62 3.04 16.71 -8.62
N LYS E 63 2.73 16.47 -9.89
CA LYS E 63 3.34 17.26 -10.96
C LYS E 63 2.98 18.73 -10.85
N GLN E 64 1.74 19.04 -10.44
CA GLN E 64 1.35 20.44 -10.27
C GLN E 64 2.16 21.10 -9.17
N LEU E 65 2.42 20.38 -8.08
CA LEU E 65 3.19 20.96 -6.98
C LEU E 65 4.58 21.37 -7.44
N GLN E 66 5.27 20.50 -8.19
CA GLN E 66 6.52 20.88 -8.83
C GLN E 66 6.27 21.40 -10.24
N ALA E 67 5.28 22.27 -10.36
CA ALA E 67 5.05 23.06 -11.56
C ALA E 67 4.69 24.51 -11.25
N ARG E 68 4.18 24.81 -10.06
CA ARG E 68 3.85 26.17 -9.67
C ARG E 68 4.94 26.81 -8.83
N VAL E 69 5.59 26.04 -7.97
CA VAL E 69 6.74 26.55 -7.23
C VAL E 69 7.85 26.95 -8.20
N LEU E 70 8.07 26.13 -9.23
CA LEU E 70 9.03 26.50 -10.26
C LEU E 70 8.61 27.80 -10.95
N ALA E 71 7.31 27.96 -11.19
CA ALA E 71 6.83 29.22 -11.76
C ALA E 71 7.09 30.39 -10.83
N ILE E 72 6.91 30.19 -9.53
CA ILE E 72 7.09 31.29 -8.57
C ILE E 72 8.54 31.76 -8.57
N GLU E 73 9.47 30.85 -8.28
CA GLU E 73 10.88 31.25 -8.19
C GLU E 73 11.41 31.77 -9.51
N ARG E 74 10.88 31.31 -10.63
CA ARG E 74 11.29 31.87 -11.91
C ARG E 74 11.03 33.36 -11.96
N TYR E 75 9.92 33.81 -11.36
CA TYR E 75 9.65 35.24 -11.28
C TYR E 75 10.54 35.92 -10.25
N LEU E 76 10.72 35.29 -9.08
CA LEU E 76 11.53 35.91 -8.03
C LEU E 76 12.99 35.99 -8.43
N LYS E 77 13.53 34.92 -9.05
CA LYS E 77 14.93 34.94 -9.44
C LYS E 77 15.21 36.09 -10.40
N ASP E 78 14.35 36.29 -11.38
CA ASP E 78 14.49 37.45 -12.26
C ASP E 78 14.27 38.74 -11.49
N GLN E 79 13.30 38.75 -10.57
CA GLN E 79 13.04 39.95 -9.78
C GLN E 79 14.15 40.21 -8.76
N GLN E 80 14.92 39.18 -8.40
CA GLN E 80 16.01 39.40 -7.45
C GLN E 80 17.07 40.33 -8.04
N LEU E 81 17.45 40.10 -9.30
CA LEU E 81 18.47 40.93 -9.93
C LEU E 81 18.03 42.38 -10.00
N LEU E 82 16.79 42.62 -10.42
CA LEU E 82 16.29 44.00 -10.52
C LEU E 82 16.18 44.66 -9.16
N GLY E 83 15.80 43.92 -8.13
CA GLY E 83 15.58 44.53 -6.82
C GLY E 83 16.85 45.10 -6.21
N ILE E 84 17.96 44.36 -6.30
CA ILE E 84 19.18 44.79 -5.62
C ILE E 84 19.92 45.85 -6.42
N TRP E 85 19.70 45.91 -7.74
CA TRP E 85 20.40 46.91 -8.54
C TRP E 85 19.82 48.30 -8.39
N GLY E 86 18.82 48.50 -7.54
CA GLY E 86 18.23 49.82 -7.38
C GLY E 86 17.31 50.23 -8.50
N CYS E 87 16.78 49.27 -9.25
CA CYS E 87 15.88 49.54 -10.37
C CYS E 87 14.68 48.58 -10.32
N SER E 88 14.08 48.47 -9.14
CA SER E 88 12.94 47.57 -8.96
C SER E 88 11.68 48.24 -9.48
N GLY E 89 10.95 47.55 -10.36
CA GLY E 89 9.67 48.03 -10.83
C GLY E 89 9.71 49.31 -11.62
N LYS E 90 10.67 49.44 -12.54
CA LYS E 90 10.78 50.61 -13.40
C LYS E 90 10.91 50.29 -14.87
N LEU E 91 11.28 49.06 -15.23
CA LEU E 91 11.51 48.59 -16.60
C LEU E 91 12.76 49.23 -17.22
N ILE E 92 13.47 50.09 -16.51
CA ILE E 92 14.80 50.55 -16.89
C ILE E 92 15.68 50.47 -15.66
N CYS E 93 16.99 50.33 -15.90
CA CYS E 93 17.96 50.25 -14.80
C CYS E 93 19.07 51.25 -15.12
N THR E 94 18.91 52.48 -14.63
CA THR E 94 19.93 53.49 -14.76
C THR E 94 21.11 53.13 -13.88
N THR E 95 22.31 53.11 -14.45
CA THR E 95 23.51 52.68 -13.77
C THR E 95 24.62 53.71 -13.99
N THR E 96 25.80 53.41 -13.45
CA THR E 96 26.97 54.24 -13.59
C THR E 96 28.14 53.55 -14.27
N VAL E 97 28.12 52.22 -14.36
CA VAL E 97 29.23 51.50 -14.99
C VAL E 97 29.19 51.74 -16.49
N PRO E 98 30.25 52.25 -17.11
CA PRO E 98 30.21 52.46 -18.56
C PRO E 98 30.52 51.20 -19.36
N TRP E 99 30.46 51.31 -20.68
CA TRP E 99 30.76 50.18 -21.54
C TRP E 99 32.24 49.84 -21.50
N ASN E 100 32.56 48.62 -21.95
CA ASN E 100 33.92 48.13 -22.02
C ASN E 100 34.21 47.60 -23.42
N THR E 101 35.46 47.78 -23.85
CA THR E 101 35.84 47.40 -25.21
C THR E 101 35.74 45.89 -25.43
N SER E 102 35.73 45.09 -24.37
CA SER E 102 35.75 43.64 -24.52
C SER E 102 34.40 43.07 -24.95
N TRP E 103 33.31 43.84 -24.86
CA TRP E 103 32.00 43.30 -25.21
C TRP E 103 31.83 43.21 -26.73
N SER E 104 31.91 44.35 -27.41
CA SER E 104 31.73 44.43 -28.85
C SER E 104 31.73 45.91 -29.25
N ASN E 105 31.89 46.15 -30.54
CA ASN E 105 31.76 47.48 -31.13
C ASN E 105 30.48 47.49 -31.96
N LYS E 106 29.46 48.18 -31.46
CA LYS E 106 28.19 48.29 -32.16
C LYS E 106 27.76 49.74 -32.18
N SER E 107 27.41 50.23 -33.38
CA SER E 107 27.05 51.63 -33.55
C SER E 107 25.65 51.89 -33.02
N TYR E 108 25.30 53.16 -32.95
CA TYR E 108 24.01 53.62 -32.45
C TYR E 108 23.12 54.02 -33.62
N ASP E 109 21.87 53.56 -33.59
CA ASP E 109 20.82 53.85 -34.56
C ASP E 109 20.99 53.10 -35.88
N TYR E 110 22.07 52.34 -36.06
CA TYR E 110 22.25 51.48 -37.21
C TYR E 110 22.13 50.00 -36.84
N ILE E 111 22.79 49.59 -35.75
CA ILE E 111 22.57 48.25 -35.22
C ILE E 111 21.22 48.13 -34.54
N TRP E 112 20.56 49.25 -34.24
CA TRP E 112 19.35 49.28 -33.44
C TRP E 112 18.07 49.25 -34.29
N ASN E 113 18.19 49.04 -35.60
CA ASN E 113 17.02 48.95 -36.47
C ASN E 113 16.96 47.66 -37.27
N ASN E 114 18.07 46.94 -37.46
CA ASN E 114 18.07 45.66 -38.17
C ASN E 114 19.06 44.74 -37.47
N MET E 115 18.55 43.92 -36.54
CA MET E 115 19.36 42.90 -35.89
C MET E 115 18.44 42.02 -35.06
N THR E 116 18.71 40.72 -35.07
CA THR E 116 17.92 39.78 -34.29
C THR E 116 18.31 39.88 -32.82
N TRP E 117 17.32 40.09 -31.95
CA TRP E 117 17.60 40.21 -30.53
C TRP E 117 18.08 38.88 -29.95
N MET E 118 17.54 37.76 -30.43
CA MET E 118 18.03 36.46 -29.98
C MET E 118 19.52 36.31 -30.28
N GLN E 119 19.94 36.70 -31.49
CA GLN E 119 21.35 36.66 -31.83
C GLN E 119 22.15 37.66 -30.99
N TRP E 120 21.55 38.79 -30.62
CA TRP E 120 22.25 39.78 -29.81
C TRP E 120 22.68 39.20 -28.48
N GLU E 121 21.80 38.44 -27.83
CA GLU E 121 22.14 37.86 -26.53
C GLU E 121 23.23 36.81 -26.65
N ARG E 122 23.24 36.04 -27.75
CA ARG E 122 24.25 34.99 -27.91
C ARG E 122 25.66 35.56 -27.84
N GLU E 123 25.86 36.76 -28.36
CA GLU E 123 27.20 37.33 -28.41
C GLU E 123 27.77 37.61 -27.02
N ILE E 124 26.93 38.07 -26.08
CA ILE E 124 27.42 38.45 -24.76
C ILE E 124 27.12 37.38 -23.71
N ASP E 125 26.27 36.39 -24.00
CA ASP E 125 25.92 35.39 -23.01
C ASP E 125 27.14 34.70 -22.42
N ASN E 126 28.19 34.48 -23.22
CA ASN E 126 29.41 33.86 -22.71
C ASN E 126 30.24 34.81 -21.86
N TYR E 127 29.81 36.07 -21.72
CA TYR E 127 30.47 37.01 -20.81
C TYR E 127 29.48 37.87 -20.03
N THR E 128 28.19 37.53 -20.02
CA THR E 128 27.20 38.37 -19.37
C THR E 128 27.32 38.38 -17.85
N GLY E 129 27.85 37.32 -17.24
CA GLY E 129 27.79 37.17 -15.80
C GLY E 129 28.51 38.25 -15.02
N PHE E 130 29.55 38.86 -15.62
CA PHE E 130 30.32 39.87 -14.90
C PHE E 130 29.51 41.13 -14.61
N ILE E 131 28.54 41.46 -15.45
CA ILE E 131 27.77 42.70 -15.27
C ILE E 131 27.05 42.68 -13.93
N TYR E 132 26.48 41.53 -13.55
CA TYR E 132 25.64 41.49 -12.37
C TYR E 132 26.42 41.87 -11.12
N THR E 133 27.62 41.32 -10.95
CA THR E 133 28.43 41.66 -9.79
C THR E 133 28.95 43.09 -9.86
N LEU E 134 29.40 43.52 -11.03
CA LEU E 134 30.00 44.85 -11.16
C LEU E 134 29.00 45.95 -10.84
N ILE E 135 27.76 45.79 -11.28
CA ILE E 135 26.77 46.85 -11.10
C ILE E 135 26.52 47.09 -9.61
N GLU E 136 26.35 46.02 -8.83
CA GLU E 136 26.06 46.21 -7.41
C GLU E 136 27.24 46.78 -6.65
N GLU E 137 28.47 46.48 -7.09
CA GLU E 137 29.62 47.15 -6.50
C GLU E 137 29.53 48.66 -6.70
N SER E 138 28.90 49.10 -7.79
CA SER E 138 28.62 50.50 -8.00
C SER E 138 27.31 50.95 -7.36
N GLN E 139 26.30 50.08 -7.32
CA GLN E 139 25.03 50.45 -6.70
C GLN E 139 25.19 50.77 -5.22
N ASN E 140 25.96 49.95 -4.50
CA ASN E 140 26.22 50.19 -3.10
C ASN E 140 27.07 51.43 -2.85
N GLN E 141 27.72 51.98 -3.87
CA GLN E 141 28.59 53.12 -3.69
C GLN E 141 27.78 54.38 -3.35
N GLN E 142 26.89 54.80 -4.25
CA GLN E 142 26.10 55.99 -4.01
C GLN E 142 25.05 55.78 -2.93
N GLU E 143 24.76 54.53 -2.57
CA GLU E 143 23.89 54.27 -1.43
C GLU E 143 24.49 54.84 -0.15
N LYS E 144 25.79 54.64 0.04
CA LYS E 144 26.47 55.26 1.17
C LYS E 144 26.55 56.78 0.99
N ASN E 145 26.94 57.24 -0.20
CA ASN E 145 27.06 58.67 -0.45
C ASN E 145 25.74 59.41 -0.28
N GLU E 146 24.60 58.71 -0.39
CA GLU E 146 23.32 59.36 -0.20
C GLU E 146 23.20 59.94 1.21
N LEU E 147 23.60 59.17 2.22
CA LEU E 147 23.61 59.69 3.58
C LEU E 147 24.65 60.78 3.74
N GLU E 148 25.84 60.60 3.15
CA GLU E 148 26.89 61.59 3.27
C GLU E 148 26.52 62.89 2.57
N LEU E 149 26.00 62.81 1.34
CA LEU E 149 25.60 64.01 0.62
C LEU E 149 24.40 64.67 1.27
N LEU E 150 23.53 63.89 1.92
CA LEU E 150 22.35 64.42 2.59
C LEU E 150 21.45 65.16 1.61
N GLU F 2 32.39 56.96 -27.22
CA GLU F 2 31.64 57.90 -26.41
C GLU F 2 31.64 57.47 -24.94
N GLN F 3 31.07 58.31 -24.07
CA GLN F 3 30.93 57.98 -22.65
C GLN F 3 29.69 57.10 -22.44
N LEU F 4 29.70 55.96 -23.13
CA LEU F 4 28.52 55.12 -23.19
C LEU F 4 28.26 54.46 -21.84
N TRP F 5 27.00 54.51 -21.40
CA TRP F 5 26.55 53.85 -20.20
C TRP F 5 25.82 52.56 -20.55
N VAL F 6 25.21 51.93 -19.55
CA VAL F 6 24.47 50.70 -19.73
C VAL F 6 23.11 50.82 -19.05
N THR F 7 22.16 50.04 -19.55
CA THR F 7 20.81 49.99 -18.99
C THR F 7 20.24 48.61 -19.22
N VAL F 8 19.46 48.12 -18.25
CA VAL F 8 18.90 46.78 -18.29
C VAL F 8 17.41 46.87 -18.61
N TYR F 9 16.98 46.14 -19.64
CA TYR F 9 15.59 46.04 -20.01
C TYR F 9 15.06 44.69 -19.56
N TYR F 10 13.91 44.70 -18.89
CA TYR F 10 13.30 43.50 -18.33
C TYR F 10 11.98 43.24 -19.03
N GLY F 11 11.78 41.98 -19.44
CA GLY F 11 10.55 41.60 -20.13
C GLY F 11 10.69 41.64 -21.63
N VAL F 12 11.88 41.27 -22.13
CA VAL F 12 12.17 41.32 -23.55
C VAL F 12 12.13 39.90 -24.12
N PRO F 13 11.67 39.70 -25.36
CA PRO F 13 11.57 38.33 -25.88
C PRO F 13 12.91 37.74 -26.29
N VAL F 14 13.41 36.79 -25.51
CA VAL F 14 14.57 36.00 -25.87
C VAL F 14 14.33 34.58 -25.38
N TRP F 15 14.78 33.60 -26.16
CA TRP F 15 14.39 32.21 -25.98
C TRP F 15 15.57 31.32 -25.59
N ARG F 16 15.21 30.18 -24.99
CA ARG F 16 16.17 29.14 -24.67
C ARG F 16 15.39 27.84 -24.52
N GLU F 17 16.10 26.72 -24.66
CA GLU F 17 15.50 25.40 -24.54
C GLU F 17 15.75 24.86 -23.14
N ALA F 18 14.68 24.47 -22.45
CA ALA F 18 14.76 23.98 -21.08
C ALA F 18 13.79 22.83 -20.89
N ASN F 19 14.32 21.66 -20.53
CA ASN F 19 13.48 20.53 -20.17
C ASN F 19 12.74 20.82 -18.88
N THR F 20 11.44 20.55 -18.86
CA THR F 20 10.60 20.87 -17.71
C THR F 20 9.32 20.04 -17.77
N THR F 21 8.36 20.37 -16.92
CA THR F 21 7.11 19.62 -16.79
C THR F 21 5.98 20.33 -17.53
N LEU F 22 4.82 19.67 -17.54
CA LEU F 22 3.65 20.15 -18.26
C LEU F 22 2.41 20.00 -17.39
N PHE F 23 1.40 20.82 -17.67
CA PHE F 23 0.11 20.76 -16.98
C PHE F 23 -0.86 19.91 -17.80
N CYS F 24 -2.12 19.90 -17.39
CA CYS F 24 -3.20 19.27 -18.14
C CYS F 24 -4.38 20.22 -18.26
N ALA F 25 -5.21 19.99 -19.27
CA ALA F 25 -6.46 20.72 -19.44
C ALA F 25 -7.52 19.74 -19.92
N SER F 26 -8.57 19.54 -19.11
CA SER F 26 -9.61 18.60 -19.47
C SER F 26 -10.36 19.04 -20.72
N ASP F 27 -10.68 20.32 -20.84
CA ASP F 27 -11.41 20.85 -21.97
C ASP F 27 -12.75 20.13 -22.14
N ALA F 28 -13.46 19.97 -21.03
CA ALA F 28 -14.75 19.29 -21.02
C ALA F 28 -15.64 19.83 -19.92
N GLU F 34 -19.10 10.20 -16.77
CA GLU F 34 -18.00 11.02 -16.33
C GLU F 34 -17.76 10.84 -14.83
N VAL F 35 -17.65 9.59 -14.40
CA VAL F 35 -17.45 9.27 -13.00
C VAL F 35 -15.98 8.97 -12.71
N HIS F 36 -15.33 8.21 -13.60
CA HIS F 36 -13.90 7.97 -13.52
C HIS F 36 -13.34 7.79 -14.92
N ASN F 37 -12.02 7.77 -15.00
CA ASN F 37 -11.34 7.59 -16.29
C ASN F 37 -9.88 7.24 -16.02
N VAL F 38 -9.35 6.30 -16.81
CA VAL F 38 -7.97 5.88 -16.62
C VAL F 38 -7.03 7.07 -16.81
N TRP F 39 -7.29 7.90 -17.82
CA TRP F 39 -6.69 9.21 -17.92
C TRP F 39 -7.50 10.15 -17.04
N ALA F 40 -6.83 10.82 -16.10
CA ALA F 40 -7.51 11.48 -14.98
C ALA F 40 -8.61 12.41 -15.45
N THR F 41 -8.25 13.49 -16.14
CA THR F 41 -9.21 14.41 -16.75
C THR F 41 -10.17 15.00 -15.72
N HIS F 42 -9.84 14.92 -14.43
CA HIS F 42 -10.68 15.48 -13.37
C HIS F 42 -9.85 16.39 -12.46
N ALA F 43 -8.56 16.08 -12.33
CA ALA F 43 -7.63 16.96 -11.62
C ALA F 43 -7.06 18.05 -12.51
N CYS F 44 -7.44 18.08 -13.79
CA CYS F 44 -6.88 19.02 -14.73
C CYS F 44 -7.46 20.41 -14.48
N VAL F 45 -6.69 21.44 -14.86
CA VAL F 45 -7.22 22.81 -14.83
C VAL F 45 -8.01 23.00 -16.12
N PRO F 46 -9.32 23.22 -16.06
CA PRO F 46 -10.15 23.05 -17.27
C PRO F 46 -10.03 24.18 -18.28
N THR F 47 -10.02 25.41 -17.79
CA THR F 47 -10.19 26.57 -18.67
C THR F 47 -9.12 26.65 -19.74
N ASP F 48 -9.54 26.86 -20.99
CA ASP F 48 -8.64 27.18 -22.08
C ASP F 48 -9.31 28.19 -23.01
N PRO F 49 -9.79 29.33 -22.49
CA PRO F 49 -10.57 30.24 -23.33
C PRO F 49 -9.70 31.31 -23.97
N ASN F 50 -9.98 31.58 -25.25
CA ASN F 50 -9.31 32.63 -26.00
C ASN F 50 -7.80 32.52 -25.88
N PRO F 51 -7.19 31.51 -26.50
CA PRO F 51 -5.72 31.45 -26.50
C PRO F 51 -5.13 32.71 -27.10
N GLN F 52 -4.01 33.16 -26.54
CA GLN F 52 -3.38 34.38 -27.05
C GLN F 52 -3.00 34.25 -28.52
N GLU F 53 -2.84 33.03 -29.04
CA GLU F 53 -2.61 32.75 -30.45
C GLU F 53 -1.63 33.76 -31.04
N VAL F 54 -0.53 34.01 -30.34
CA VAL F 54 0.35 35.11 -30.71
C VAL F 54 1.15 34.73 -31.95
N VAL F 55 1.27 35.70 -32.85
CA VAL F 55 1.87 35.47 -34.17
C VAL F 55 3.31 35.96 -34.12
N MET F 56 4.25 35.02 -34.13
CA MET F 56 5.65 35.36 -34.33
C MET F 56 5.88 35.70 -35.80
N GLY F 57 6.86 36.56 -36.04
CA GLY F 57 7.16 37.01 -37.38
C GLY F 57 8.63 37.09 -37.69
N ASN F 58 9.03 36.66 -38.89
CA ASN F 58 10.42 36.72 -39.33
C ASN F 58 11.33 35.97 -38.37
N VAL F 59 10.83 34.88 -37.79
CA VAL F 59 11.56 34.11 -36.78
C VAL F 59 12.15 32.88 -37.45
N THR F 60 13.48 32.81 -37.49
CA THR F 60 14.18 31.64 -38.05
C THR F 60 14.55 30.74 -36.87
N GLU F 61 13.60 29.89 -36.50
CA GLU F 61 13.74 28.99 -35.36
C GLU F 61 13.81 27.54 -35.84
N ASP F 62 14.71 26.78 -35.24
CA ASP F 62 14.91 25.37 -35.58
C ASP F 62 14.22 24.49 -34.54
N PHE F 63 13.45 23.52 -35.02
CA PHE F 63 12.82 22.52 -34.18
C PHE F 63 13.47 21.17 -34.42
N ASN F 64 13.75 20.45 -33.34
CA ASN F 64 14.30 19.10 -33.40
C ASN F 64 13.20 18.11 -33.05
N MET F 65 12.98 17.13 -33.94
CA MET F 65 11.93 16.14 -33.76
C MET F 65 12.39 14.92 -32.98
N TRP F 66 13.51 14.31 -33.38
CA TRP F 66 14.03 13.18 -32.62
C TRP F 66 14.47 13.61 -31.23
N LYS F 67 15.11 14.77 -31.12
CA LYS F 67 15.72 15.20 -29.86
C LYS F 67 14.74 15.83 -28.89
N ASN F 68 13.53 16.16 -29.32
CA ASN F 68 12.56 16.76 -28.41
C ASN F 68 12.18 15.79 -27.31
N ASN F 69 12.05 16.31 -26.08
CA ASN F 69 11.74 15.50 -24.92
C ASN F 69 10.32 15.70 -24.40
N MET F 70 9.47 16.41 -25.14
CA MET F 70 8.06 16.44 -24.78
C MET F 70 7.46 15.04 -24.85
N VAL F 71 7.79 14.28 -25.89
CA VAL F 71 7.32 12.91 -25.99
C VAL F 71 7.87 12.07 -24.85
N GLU F 72 9.17 12.19 -24.58
CA GLU F 72 9.76 11.40 -23.50
C GLU F 72 9.16 11.78 -22.16
N GLN F 73 8.93 13.08 -21.93
CA GLN F 73 8.23 13.49 -20.73
C GLN F 73 6.81 12.92 -20.70
N MET F 74 6.11 12.96 -21.84
CA MET F 74 4.76 12.40 -21.90
C MET F 74 4.76 10.89 -21.72
N HIS F 75 5.76 10.21 -22.26
CA HIS F 75 5.73 8.75 -22.24
C HIS F 75 5.76 8.21 -20.81
N GLU F 76 6.54 8.84 -19.93
CA GLU F 76 6.55 8.41 -18.54
C GLU F 76 5.23 8.75 -17.85
N ASP F 77 4.59 9.85 -18.25
CA ASP F 77 3.31 10.21 -17.65
C ASP F 77 2.23 9.17 -17.95
N ILE F 78 2.16 8.70 -19.20
CA ILE F 78 1.13 7.73 -19.56
C ILE F 78 1.32 6.45 -18.76
N ILE F 79 2.57 6.00 -18.61
CA ILE F 79 2.83 4.81 -17.80
C ILE F 79 2.36 5.03 -16.38
N SER F 80 2.61 6.23 -15.84
CA SER F 80 2.20 6.52 -14.47
C SER F 80 0.68 6.50 -14.33
N LEU F 81 -0.03 7.08 -15.30
CA LEU F 81 -1.49 7.12 -15.22
C LEU F 81 -2.08 5.71 -15.21
N TRP F 82 -1.65 4.86 -16.15
CA TRP F 82 -2.19 3.51 -16.24
C TRP F 82 -1.91 2.72 -14.98
N CYS F 83 -0.65 2.69 -14.54
CA CYS F 83 -0.28 1.84 -13.42
C CYS F 83 -0.94 2.32 -12.13
N GLN F 84 -0.93 3.63 -11.88
CA GLN F 84 -1.49 4.14 -10.64
C GLN F 84 -3.02 4.16 -10.64
N SER F 85 -3.65 3.92 -11.79
CA SER F 85 -5.10 3.76 -11.84
C SER F 85 -5.53 2.33 -11.59
N LEU F 86 -4.59 1.40 -11.41
CA LEU F 86 -4.91 0.00 -11.16
C LEU F 86 -4.64 -0.44 -9.74
N LYS F 87 -3.72 0.20 -9.02
CA LYS F 87 -3.43 -0.24 -7.65
C LYS F 87 -4.65 -0.14 -6.75
N PRO F 88 -5.50 0.94 -6.79
CA PRO F 88 -6.77 0.93 -6.04
C PRO F 88 -7.86 0.07 -6.66
N CYS F 89 -7.54 -1.19 -6.95
CA CYS F 89 -8.51 -2.09 -7.55
C CYS F 89 -8.20 -3.52 -7.11
N VAL F 90 -9.20 -4.38 -7.25
CA VAL F 90 -9.05 -5.77 -6.84
C VAL F 90 -7.97 -6.45 -7.69
N LYS F 91 -7.39 -7.51 -7.15
CA LYS F 91 -6.34 -8.26 -7.81
C LYS F 91 -6.84 -9.66 -8.15
N LEU F 92 -6.41 -10.15 -9.32
CA LEU F 92 -6.82 -11.48 -9.75
C LEU F 92 -6.41 -12.56 -8.77
N THR F 93 -5.17 -12.50 -8.28
CA THR F 93 -4.72 -13.53 -7.35
C THR F 93 -5.52 -13.43 -6.05
N PRO F 94 -5.88 -14.58 -5.43
CA PRO F 94 -5.68 -15.96 -5.88
C PRO F 94 -6.71 -16.38 -6.92
N LEU F 95 -6.31 -16.49 -8.19
CA LEU F 95 -7.15 -17.17 -9.18
C LEU F 95 -6.38 -18.00 -10.18
N CYS F 96 -5.06 -17.83 -10.32
CA CYS F 96 -4.32 -18.55 -11.36
C CYS F 96 -3.84 -19.91 -10.87
N VAL F 97 -4.78 -20.71 -10.38
CA VAL F 97 -4.55 -22.11 -10.04
C VAL F 97 -4.76 -22.93 -11.31
N THR F 98 -4.18 -24.13 -11.35
CA THR F 98 -4.45 -25.03 -12.47
C THR F 98 -5.94 -25.28 -12.59
N LEU F 99 -6.47 -25.13 -13.79
CA LEU F 99 -7.89 -25.20 -14.05
C LEU F 99 -8.24 -26.56 -14.62
N HIS F 100 -9.14 -27.28 -13.94
CA HIS F 100 -9.67 -28.51 -14.52
C HIS F 100 -10.56 -28.10 -15.69
N CYS F 101 -9.99 -28.04 -16.89
CA CYS F 101 -10.48 -27.17 -17.93
C CYS F 101 -10.65 -27.99 -19.21
N THR F 102 -11.86 -28.00 -19.75
CA THR F 102 -12.20 -28.93 -20.83
C THR F 102 -12.85 -28.24 -22.03
N ASN F 103 -13.37 -29.03 -22.96
CA ASN F 103 -13.99 -28.50 -24.17
C ASN F 103 -15.32 -27.86 -23.80
N VAL F 104 -16.05 -27.40 -24.82
CA VAL F 104 -17.28 -26.65 -24.64
C VAL F 104 -18.46 -27.57 -24.95
N THR F 105 -19.42 -27.62 -24.03
CA THR F 105 -20.62 -28.44 -24.20
C THR F 105 -21.77 -27.60 -24.75
N THR F 117 -23.88 -24.39 -30.29
CA THR F 117 -22.92 -24.45 -29.20
C THR F 117 -21.84 -23.40 -29.34
N MET F 118 -21.39 -22.86 -28.21
CA MET F 118 -20.24 -21.96 -28.23
C MET F 118 -19.03 -22.72 -28.76
N ARG F 119 -18.18 -22.01 -29.50
CA ARG F 119 -17.16 -22.69 -30.30
C ARG F 119 -15.99 -21.73 -30.55
N GLU F 120 -15.05 -22.19 -31.37
CA GLU F 120 -13.87 -21.43 -31.79
C GLU F 120 -12.92 -21.28 -30.60
N GLU F 121 -12.78 -20.07 -30.05
CA GLU F 121 -11.82 -19.83 -28.97
C GLU F 121 -12.43 -19.93 -27.58
N MET F 122 -13.70 -20.28 -27.48
CA MET F 122 -14.38 -20.36 -26.19
C MET F 122 -14.18 -21.74 -25.59
N LYS F 123 -13.70 -21.77 -24.35
CA LYS F 123 -13.18 -22.97 -23.71
C LYS F 123 -13.74 -23.08 -22.29
N ASN F 124 -15.07 -23.08 -22.16
CA ASN F 124 -15.78 -23.10 -20.88
C ASN F 124 -15.06 -23.95 -19.84
N CYS F 125 -14.79 -23.37 -18.67
CA CYS F 125 -13.68 -23.82 -17.86
C CYS F 125 -14.03 -23.68 -16.38
N SER F 126 -13.37 -24.47 -15.54
CA SER F 126 -13.65 -24.54 -14.11
C SER F 126 -12.46 -24.01 -13.31
N PHE F 127 -12.73 -23.64 -12.04
CA PHE F 127 -11.76 -22.92 -11.21
C PHE F 127 -11.31 -23.69 -9.97
N ASN F 128 -12.24 -24.19 -9.17
CA ASN F 128 -11.93 -24.57 -7.79
C ASN F 128 -11.47 -23.32 -7.04
N THR F 129 -12.40 -22.38 -6.82
CA THR F 129 -12.10 -21.03 -6.32
C THR F 129 -11.85 -21.09 -4.82
N THR F 130 -11.79 -19.91 -4.17
CA THR F 130 -11.50 -19.80 -2.75
C THR F 130 -12.68 -19.32 -1.91
N THR F 131 -13.83 -19.04 -2.52
CA THR F 131 -15.04 -18.72 -1.78
C THR F 131 -14.90 -17.41 -0.99
N VAL F 132 -16.00 -16.89 -0.46
CA VAL F 132 -16.04 -15.59 0.19
C VAL F 132 -15.96 -15.68 1.70
N ILE F 133 -16.12 -16.87 2.29
CA ILE F 133 -16.08 -17.01 3.74
C ILE F 133 -14.67 -17.38 4.18
N ARG F 134 -13.68 -17.15 3.32
CA ARG F 134 -12.27 -17.37 3.62
C ARG F 134 -11.99 -18.86 3.84
N ASP F 135 -12.95 -19.72 3.50
CA ASP F 135 -12.79 -21.15 3.71
C ASP F 135 -13.88 -21.83 2.89
N LYS F 136 -13.85 -23.17 2.87
CA LYS F 136 -14.82 -23.95 2.11
C LYS F 136 -14.75 -23.60 0.63
N ILE F 137 -13.63 -23.94 0.00
CA ILE F 137 -13.47 -23.70 -1.43
C ILE F 137 -14.65 -24.30 -2.19
N GLN F 138 -15.18 -23.55 -3.15
CA GLN F 138 -16.27 -23.98 -4.00
C GLN F 138 -15.77 -24.06 -5.43
N LYS F 139 -16.34 -25.00 -6.20
CA LYS F 139 -15.84 -25.26 -7.55
C LYS F 139 -16.64 -24.47 -8.57
N GLU F 140 -16.38 -23.17 -8.65
CA GLU F 140 -17.06 -22.32 -9.61
C GLU F 140 -16.43 -22.48 -11.00
N TYR F 141 -17.09 -21.88 -11.99
CA TYR F 141 -16.65 -21.99 -13.38
C TYR F 141 -16.99 -20.70 -14.11
N ALA F 142 -16.24 -20.44 -15.19
CA ALA F 142 -16.53 -19.31 -16.06
C ALA F 142 -15.75 -19.49 -17.36
N LEU F 143 -16.01 -18.60 -18.30
CA LEU F 143 -15.47 -18.72 -19.64
C LEU F 143 -14.12 -18.02 -19.75
N PHE F 144 -13.35 -18.43 -20.75
CA PHE F 144 -12.05 -17.82 -21.03
C PHE F 144 -11.73 -17.99 -22.51
N TYR F 145 -10.77 -17.19 -22.97
CA TYR F 145 -10.34 -17.23 -24.36
C TYR F 145 -9.09 -18.11 -24.51
N LYS F 146 -8.95 -18.70 -25.70
CA LYS F 146 -7.80 -19.55 -25.96
C LYS F 146 -6.49 -18.79 -25.86
N LEU F 147 -6.47 -17.54 -26.34
CA LEU F 147 -5.24 -16.74 -26.27
C LEU F 147 -4.84 -16.48 -24.82
N ASP F 148 -5.80 -16.16 -23.96
CA ASP F 148 -5.49 -15.88 -22.57
C ASP F 148 -4.92 -17.10 -21.87
N ILE F 149 -5.48 -18.27 -22.12
CA ILE F 149 -5.13 -19.49 -21.43
C ILE F 149 -3.98 -20.18 -22.14
N VAL F 150 -3.09 -20.80 -21.36
CA VAL F 150 -1.90 -21.46 -21.89
C VAL F 150 -1.76 -22.82 -21.24
N PRO F 151 -1.28 -23.85 -21.94
CA PRO F 151 -1.03 -25.13 -21.26
C PRO F 151 0.21 -25.06 -20.38
N ILE F 152 0.25 -25.95 -19.39
CA ILE F 152 1.40 -26.04 -18.50
C ILE F 152 2.54 -26.74 -19.22
N ASN F 156 -1.95 -32.49 -16.55
CA ASN F 156 -1.97 -33.85 -17.11
C ASN F 156 -1.93 -33.78 -18.65
N THR F 157 -2.93 -34.35 -19.33
CA THR F 157 -2.89 -34.46 -20.78
C THR F 157 -3.21 -33.13 -21.47
N ASN F 158 -4.44 -32.62 -21.24
CA ASN F 158 -4.88 -31.43 -21.95
C ASN F 158 -5.73 -30.50 -21.09
N THR F 159 -5.80 -30.74 -19.78
CA THR F 159 -6.54 -29.87 -18.87
C THR F 159 -5.64 -28.97 -18.04
N SER F 160 -4.32 -29.19 -18.07
CA SER F 160 -3.40 -28.35 -17.32
C SER F 160 -3.26 -26.99 -17.98
N TYR F 161 -4.28 -26.15 -17.83
CA TYR F 161 -4.37 -24.87 -18.54
C TYR F 161 -4.52 -23.77 -17.50
N ARG F 162 -3.53 -22.88 -17.41
CA ARG F 162 -3.56 -21.72 -16.54
C ARG F 162 -3.43 -20.45 -17.37
N LEU F 163 -3.37 -19.32 -16.67
CA LEU F 163 -3.28 -18.02 -17.35
C LEU F 163 -1.89 -17.82 -17.94
N ILE F 164 -1.84 -16.98 -18.98
CA ILE F 164 -0.60 -16.81 -19.73
C ILE F 164 0.44 -15.98 -18.98
N ASN F 165 0.03 -15.17 -18.01
CA ASN F 165 0.94 -14.27 -17.31
C ASN F 165 1.14 -14.61 -15.84
N CYS F 166 0.45 -15.62 -15.31
CA CYS F 166 0.67 -15.97 -13.91
C CYS F 166 2.07 -16.54 -13.70
N ASN F 167 2.70 -17.06 -14.75
CA ASN F 167 4.05 -17.58 -14.62
C ASN F 167 5.08 -16.47 -14.38
N THR F 168 4.79 -15.25 -14.83
CA THR F 168 5.78 -14.17 -14.85
C THR F 168 5.50 -13.08 -13.84
N SER F 169 4.27 -12.56 -13.79
CA SER F 169 3.97 -11.39 -12.97
C SER F 169 2.57 -11.49 -12.40
N VAL F 170 2.32 -10.72 -11.34
CA VAL F 170 1.00 -10.65 -10.74
C VAL F 170 0.03 -10.02 -11.74
N ILE F 171 -1.24 -10.36 -11.59
CA ILE F 171 -2.29 -9.93 -12.51
C ILE F 171 -3.33 -9.16 -11.72
N THR F 172 -3.74 -8.01 -12.25
CA THR F 172 -4.68 -7.12 -11.59
C THR F 172 -5.85 -6.83 -12.51
N GLN F 173 -7.03 -6.64 -11.91
CA GLN F 173 -8.26 -6.38 -12.64
C GLN F 173 -8.56 -4.89 -12.63
N ALA F 174 -8.89 -4.34 -13.80
CA ALA F 174 -9.35 -2.96 -13.85
C ALA F 174 -10.74 -2.85 -13.26
N CYS F 175 -10.95 -1.82 -12.45
CA CYS F 175 -12.25 -1.63 -11.83
C CYS F 175 -13.30 -1.34 -12.90
N PRO F 176 -14.50 -1.93 -12.80
CA PRO F 176 -15.49 -1.74 -13.87
C PRO F 176 -15.88 -0.28 -14.06
N LYS F 177 -15.87 0.50 -12.99
CA LYS F 177 -16.30 1.90 -13.07
C LYS F 177 -15.32 2.75 -13.87
N VAL F 178 -14.05 2.39 -13.93
CA VAL F 178 -13.06 3.16 -14.67
C VAL F 178 -13.34 2.99 -16.16
N SER F 179 -13.48 4.11 -16.87
CA SER F 179 -13.71 4.08 -18.30
C SER F 179 -12.38 3.93 -19.03
N PHE F 180 -12.43 3.90 -20.37
CA PHE F 180 -11.22 3.75 -21.16
C PHE F 180 -11.19 4.61 -22.40
N GLU F 181 -12.21 5.45 -22.66
CA GLU F 181 -12.23 6.21 -23.88
C GLU F 181 -11.13 7.27 -23.87
N PRO F 182 -10.53 7.58 -25.01
CA PRO F 182 -9.47 8.61 -25.03
C PRO F 182 -10.04 10.03 -25.05
N ILE F 183 -10.40 10.52 -23.86
CA ILE F 183 -10.91 11.89 -23.74
C ILE F 183 -9.78 12.86 -24.11
N PRO F 184 -10.01 13.85 -24.97
CA PRO F 184 -8.92 14.74 -25.37
C PRO F 184 -8.31 15.47 -24.18
N ILE F 185 -6.99 15.65 -24.23
CA ILE F 185 -6.26 16.38 -23.20
C ILE F 185 -5.29 17.34 -23.88
N HIS F 186 -4.82 18.31 -23.11
CA HIS F 186 -3.89 19.33 -23.57
C HIS F 186 -2.73 19.41 -22.60
N TYR F 187 -1.56 19.78 -23.11
CA TYR F 187 -0.37 20.02 -22.29
C TYR F 187 0.11 21.44 -22.50
N CYS F 188 0.57 22.09 -21.43
CA CYS F 188 1.20 23.39 -21.55
C CYS F 188 1.96 23.72 -20.27
N ALA F 189 3.10 24.37 -20.45
CA ALA F 189 4.01 24.64 -19.35
C ALA F 189 3.45 25.73 -18.44
N PRO F 190 3.94 25.81 -17.19
CA PRO F 190 3.45 26.86 -16.28
C PRO F 190 3.82 28.26 -16.75
N ALA F 191 3.41 29.27 -15.98
CA ALA F 191 3.77 30.64 -16.31
C ALA F 191 5.28 30.82 -16.26
N GLY F 192 5.78 31.67 -17.16
CA GLY F 192 7.20 31.80 -17.36
C GLY F 192 7.76 30.94 -18.47
N PHE F 193 6.91 30.18 -19.15
CA PHE F 193 7.31 29.33 -20.26
C PHE F 193 6.32 29.51 -21.40
N ALA F 194 6.79 29.24 -22.62
CA ALA F 194 5.98 29.42 -23.82
C ALA F 194 6.00 28.14 -24.65
N ILE F 195 5.13 28.12 -25.65
CA ILE F 195 5.03 27.01 -26.59
C ILE F 195 5.13 27.60 -27.99
N LEU F 196 5.96 26.98 -28.82
CA LEU F 196 6.17 27.44 -30.19
C LEU F 196 5.57 26.41 -31.16
N LYS F 197 4.68 26.87 -32.03
CA LYS F 197 4.00 26.02 -32.99
C LYS F 197 4.33 26.46 -34.40
N CYS F 198 4.77 25.52 -35.24
CA CYS F 198 5.14 25.78 -36.63
C CYS F 198 3.86 25.64 -37.45
N ASN F 199 3.27 26.78 -37.80
CA ASN F 199 1.89 26.82 -38.32
C ASN F 199 1.85 26.70 -39.84
N ASN F 200 2.30 25.55 -40.34
CA ASN F 200 2.24 25.25 -41.77
C ASN F 200 2.70 23.82 -41.98
N LYS F 201 2.06 23.14 -42.93
CA LYS F 201 2.29 21.71 -43.17
C LYS F 201 3.25 21.54 -44.35
N THR F 202 4.49 21.98 -44.15
CA THR F 202 5.55 21.75 -45.12
C THR F 202 6.87 21.46 -44.44
N PHE F 203 6.83 20.84 -43.26
CA PHE F 203 7.99 20.78 -42.38
C PHE F 203 8.33 19.35 -41.98
N ASN F 204 9.62 19.06 -41.99
CA ASN F 204 10.17 17.84 -41.41
C ASN F 204 10.28 17.94 -39.89
N GLY F 205 10.20 19.15 -39.34
CA GLY F 205 10.35 19.33 -37.91
C GLY F 205 11.78 19.14 -37.46
N LYS F 206 12.72 19.28 -38.39
CA LYS F 206 14.14 19.12 -38.11
C LYS F 206 14.97 20.33 -38.54
N GLY F 207 14.40 21.25 -39.32
CA GLY F 207 15.10 22.42 -39.78
C GLY F 207 14.40 23.70 -39.37
N PRO F 208 14.77 24.83 -40.00
CA PRO F 208 14.19 26.12 -39.62
C PRO F 208 12.70 26.19 -39.91
N CYS F 209 11.95 26.79 -38.98
CA CYS F 209 10.62 27.31 -39.24
C CYS F 209 10.69 28.82 -39.43
N ARG F 210 9.70 29.36 -40.15
CA ARG F 210 9.66 30.80 -40.42
C ARG F 210 8.33 31.41 -40.02
N ASN F 211 7.22 30.69 -40.21
CA ASN F 211 5.91 31.15 -39.73
C ASN F 211 5.59 30.45 -38.42
N VAL F 212 6.32 30.86 -37.38
CA VAL F 212 6.14 30.32 -36.03
C VAL F 212 5.02 31.09 -35.35
N SER F 213 4.43 30.49 -34.32
CA SER F 213 3.40 31.12 -33.52
C SER F 213 3.49 30.61 -32.09
N THR F 214 2.95 31.39 -31.16
CA THR F 214 2.95 31.04 -29.75
C THR F 214 1.51 30.93 -29.26
N VAL F 215 1.22 29.84 -28.56
CA VAL F 215 -0.12 29.56 -28.05
C VAL F 215 -0.03 29.44 -26.54
N GLN F 216 -1.16 29.71 -25.87
CA GLN F 216 -1.20 29.59 -24.42
C GLN F 216 -1.08 28.13 -23.99
N CYS F 217 -1.82 27.25 -24.67
CA CYS F 217 -1.75 25.83 -24.35
C CYS F 217 -2.02 25.00 -25.61
N THR F 218 -1.58 23.75 -25.56
CA THR F 218 -1.67 22.86 -26.71
C THR F 218 -3.13 22.58 -27.06
N HIS F 219 -3.39 22.33 -28.34
CA HIS F 219 -4.73 21.99 -28.79
C HIS F 219 -5.05 20.55 -28.41
N GLY F 220 -6.20 20.07 -28.87
CA GLY F 220 -6.64 18.73 -28.54
C GLY F 220 -5.70 17.68 -29.09
N ILE F 221 -5.21 16.79 -28.23
CA ILE F 221 -4.51 15.59 -28.64
C ILE F 221 -5.10 14.42 -27.87
N LYS F 222 -5.44 13.34 -28.58
CA LYS F 222 -6.10 12.20 -27.96
C LYS F 222 -5.08 11.11 -27.71
N PRO F 223 -4.78 10.78 -26.44
CA PRO F 223 -3.76 9.73 -26.20
C PRO F 223 -4.31 8.32 -26.44
N VAL F 224 -4.31 7.92 -27.70
CA VAL F 224 -4.75 6.59 -28.11
C VAL F 224 -3.55 5.68 -28.20
N VAL F 225 -3.75 4.39 -27.90
CA VAL F 225 -2.70 3.38 -27.94
C VAL F 225 -3.03 2.40 -29.05
N SER F 226 -2.06 2.15 -29.92
CA SER F 226 -2.22 1.22 -31.04
C SER F 226 -0.83 0.93 -31.59
N THR F 227 -0.80 0.24 -32.73
CA THR F 227 0.46 -0.08 -33.39
C THR F 227 0.19 -0.24 -34.88
N GLN F 228 1.07 0.37 -35.70
CA GLN F 228 0.98 0.38 -37.16
C GLN F 228 -0.17 1.23 -37.70
N LEU F 229 -1.06 1.70 -36.82
CA LEU F 229 -2.24 2.44 -37.24
C LEU F 229 -2.59 3.40 -36.12
N LEU F 230 -2.68 4.68 -36.45
CA LEU F 230 -3.04 5.72 -35.50
C LEU F 230 -4.46 6.18 -35.79
N LEU F 231 -5.31 6.18 -34.77
CA LEU F 231 -6.73 6.45 -34.90
C LEU F 231 -7.07 7.75 -34.18
N ASN F 232 -8.02 8.49 -34.74
CA ASN F 232 -8.44 9.78 -34.20
C ASN F 232 -7.25 10.73 -34.04
N GLY F 233 -6.56 10.95 -35.16
CA GLY F 233 -5.40 11.81 -35.20
C GLY F 233 -5.73 13.19 -35.72
N SER F 234 -4.70 13.88 -36.18
CA SER F 234 -4.86 15.22 -36.72
C SER F 234 -5.52 15.18 -38.09
N LEU F 235 -6.19 16.28 -38.44
CA LEU F 235 -6.87 16.39 -39.73
C LEU F 235 -5.92 16.98 -40.76
N ALA F 236 -5.59 16.19 -41.78
CA ALA F 236 -4.66 16.62 -42.80
C ALA F 236 -5.34 17.56 -43.79
N GLU F 237 -4.56 18.51 -44.30
CA GLU F 237 -5.06 19.49 -45.28
C GLU F 237 -4.81 18.98 -46.70
N GLU F 238 -5.35 17.79 -46.97
CA GLU F 238 -5.22 17.16 -48.29
C GLU F 238 -3.76 17.03 -48.70
N ASP F 239 -2.90 16.70 -47.74
CA ASP F 239 -1.47 16.57 -47.99
C ASP F 239 -0.95 15.32 -47.30
N ILE F 240 0.03 14.67 -47.94
CA ILE F 240 0.70 13.49 -47.42
C ILE F 240 2.12 13.90 -47.06
N ILE F 241 2.53 13.64 -45.82
CA ILE F 241 3.83 14.03 -45.31
C ILE F 241 4.52 12.79 -44.75
N ILE F 242 5.77 12.59 -45.17
CA ILE F 242 6.64 11.55 -44.63
C ILE F 242 7.73 12.24 -43.84
N ARG F 243 7.89 11.85 -42.58
CA ARG F 243 8.74 12.56 -41.63
C ARG F 243 9.71 11.58 -40.98
N SER F 244 10.98 11.68 -41.35
CA SER F 244 12.04 10.92 -40.72
C SER F 244 13.36 11.63 -41.01
N GLU F 245 14.34 11.42 -40.14
CA GLU F 245 15.62 12.09 -40.28
C GLU F 245 16.38 11.57 -41.50
N ASN F 246 16.71 10.27 -41.49
CA ASN F 246 17.44 9.62 -42.57
C ASN F 246 16.53 8.58 -43.21
N PHE F 247 16.17 8.81 -44.48
CA PHE F 247 15.28 7.88 -45.16
C PHE F 247 15.88 6.48 -45.29
N THR F 248 17.21 6.37 -45.26
CA THR F 248 17.89 5.08 -45.29
C THR F 248 18.38 4.68 -43.90
N ASN F 249 17.70 5.13 -42.85
CA ASN F 249 18.08 4.78 -41.49
C ASN F 249 17.88 3.29 -41.25
N ASN F 250 18.84 2.68 -40.54
CA ASN F 250 18.75 1.27 -40.18
C ASN F 250 17.90 1.04 -38.93
N GLY F 251 17.59 2.09 -38.18
CA GLY F 251 16.79 1.96 -36.97
C GLY F 251 15.32 2.24 -37.21
N LYS F 252 14.82 3.35 -36.64
CA LYS F 252 13.42 3.70 -36.82
C LYS F 252 13.15 4.05 -38.27
N ASN F 253 11.89 3.89 -38.67
CA ASN F 253 11.52 3.93 -40.08
C ASN F 253 10.41 4.93 -40.36
N ILE F 254 9.85 4.87 -41.57
CA ILE F 254 8.99 5.94 -42.08
C ILE F 254 7.80 6.15 -41.16
N ILE F 255 7.39 7.41 -41.01
CA ILE F 255 6.14 7.80 -40.38
C ILE F 255 5.34 8.61 -41.40
N VAL F 256 4.08 8.25 -41.58
CA VAL F 256 3.25 8.79 -42.66
C VAL F 256 2.04 9.47 -42.06
N GLN F 257 1.68 10.63 -42.62
CA GLN F 257 0.41 11.28 -42.35
C GLN F 257 -0.48 11.08 -43.57
N LEU F 258 -1.73 10.69 -43.33
CA LEU F 258 -2.60 10.19 -44.38
C LEU F 258 -3.47 11.32 -44.94
N LYS F 259 -4.35 10.96 -45.87
CA LYS F 259 -5.30 11.87 -46.49
C LYS F 259 -6.44 12.11 -45.51
N GLU F 260 -7.53 12.72 -45.96
CA GLU F 260 -8.74 12.82 -45.16
C GLU F 260 -9.06 11.47 -44.54
N PRO F 261 -9.50 11.41 -43.29
CA PRO F 261 -9.56 10.11 -42.60
C PRO F 261 -10.44 9.10 -43.32
N VAL F 262 -9.98 7.85 -43.33
CA VAL F 262 -10.71 6.74 -43.93
C VAL F 262 -11.57 6.10 -42.84
N LYS F 263 -12.88 6.04 -43.07
CA LYS F 263 -13.81 5.58 -42.06
C LYS F 263 -13.61 4.09 -41.83
N ILE F 264 -12.99 3.73 -40.71
CA ILE F 264 -12.76 2.34 -40.32
C ILE F 264 -13.71 1.99 -39.18
N ASN F 265 -14.37 0.85 -39.28
CA ASN F 265 -15.36 0.42 -38.30
C ASN F 265 -15.08 -1.01 -37.89
N CYS F 266 -15.09 -1.27 -36.59
CA CYS F 266 -14.90 -2.61 -36.04
C CYS F 266 -16.00 -2.88 -35.02
N THR F 267 -16.41 -4.14 -34.92
CA THR F 267 -17.48 -4.49 -34.01
C THR F 267 -17.39 -5.97 -33.65
N ARG F 268 -17.92 -6.31 -32.48
CA ARG F 268 -18.01 -7.68 -32.00
C ARG F 268 -19.43 -7.91 -31.52
N PRO F 269 -20.38 -8.11 -32.43
CA PRO F 269 -21.77 -8.32 -32.02
C PRO F 269 -21.95 -9.68 -31.34
N GLY F 270 -21.34 -9.81 -30.17
CA GLY F 270 -21.34 -11.06 -29.42
C GLY F 270 -22.00 -10.90 -28.06
N ASN F 271 -23.14 -10.20 -28.02
CA ASN F 271 -23.82 -9.83 -26.79
C ASN F 271 -23.74 -10.92 -25.74
N ASN F 272 -23.16 -10.58 -24.59
CA ASN F 272 -22.80 -11.55 -23.58
C ASN F 272 -23.22 -11.06 -22.19
N THR F 273 -23.38 -12.01 -21.28
CA THR F 273 -23.73 -11.72 -19.91
C THR F 273 -22.47 -11.58 -19.06
N ARG F 274 -22.67 -11.07 -17.84
CA ARG F 274 -21.59 -10.85 -16.89
C ARG F 274 -21.89 -11.64 -15.62
N ARG F 275 -20.94 -12.48 -15.20
CA ARG F 275 -21.10 -13.36 -14.07
C ARG F 275 -20.23 -12.89 -12.92
N SER F 276 -20.74 -13.03 -11.70
CA SER F 276 -20.02 -12.64 -10.49
C SER F 276 -19.53 -13.88 -9.75
N ILE F 277 -18.23 -13.95 -9.54
CA ILE F 277 -17.63 -15.08 -8.84
C ILE F 277 -17.30 -14.77 -7.39
N ASN F 278 -16.98 -13.52 -7.05
CA ASN F 278 -16.64 -13.12 -5.69
C ASN F 278 -15.43 -13.93 -5.20
N ILE F 279 -14.30 -13.67 -5.87
CA ILE F 279 -13.07 -14.42 -5.63
C ILE F 279 -12.52 -14.19 -4.22
N GLY F 280 -13.04 -13.21 -3.49
CA GLY F 280 -12.58 -12.96 -2.14
C GLY F 280 -13.49 -12.04 -1.38
N PRO F 281 -13.11 -11.72 -0.14
CA PRO F 281 -13.95 -10.79 0.66
C PRO F 281 -14.02 -9.42 0.03
N GLY F 282 -15.21 -9.05 -0.45
CA GLY F 282 -15.38 -7.76 -1.09
C GLY F 282 -14.53 -7.58 -2.33
N ARG F 283 -14.43 -8.61 -3.16
CA ARG F 283 -13.59 -8.60 -4.36
C ARG F 283 -14.41 -8.60 -5.64
N ALA F 284 -15.33 -9.55 -5.80
CA ALA F 284 -16.25 -9.59 -6.93
C ALA F 284 -15.51 -9.70 -8.27
N PHE F 285 -14.80 -10.81 -8.43
CA PHE F 285 -14.17 -11.11 -9.71
C PHE F 285 -15.23 -11.32 -10.78
N TYR F 286 -14.95 -10.84 -11.99
CA TYR F 286 -15.90 -10.87 -13.09
C TYR F 286 -15.29 -11.59 -14.28
N ALA F 287 -16.14 -12.26 -15.04
CA ALA F 287 -15.71 -13.04 -16.20
C ALA F 287 -16.89 -13.19 -17.14
N THR F 288 -16.61 -13.68 -18.36
CA THR F 288 -17.64 -13.81 -19.37
C THR F 288 -18.57 -14.97 -19.02
N GLY F 289 -19.88 -14.70 -19.05
CA GLY F 289 -20.86 -15.71 -18.72
C GLY F 289 -21.18 -16.63 -19.87
N ALA F 290 -21.71 -16.07 -20.96
CA ALA F 290 -22.08 -16.86 -22.13
C ALA F 290 -22.40 -15.96 -23.31
N ILE F 291 -22.88 -16.53 -24.40
CA ILE F 291 -23.31 -15.79 -25.57
C ILE F 291 -24.79 -16.07 -25.78
N ILE F 292 -25.60 -15.02 -25.79
CA ILE F 292 -27.02 -15.12 -26.14
C ILE F 292 -27.23 -14.50 -27.52
N GLY F 293 -27.19 -15.35 -28.54
CA GLY F 293 -27.26 -14.89 -29.92
C GLY F 293 -26.65 -15.88 -30.88
N ASP F 294 -25.76 -15.40 -31.76
CA ASP F 294 -25.13 -16.24 -32.76
C ASP F 294 -23.64 -15.95 -32.76
N ILE F 295 -22.85 -16.94 -33.18
CA ILE F 295 -21.40 -16.81 -33.19
C ILE F 295 -20.98 -15.99 -34.41
N ARG F 296 -20.30 -14.86 -34.15
CA ARG F 296 -19.78 -14.02 -35.22
C ARG F 296 -18.51 -13.37 -34.68
N LYS F 297 -17.35 -13.82 -35.16
CA LYS F 297 -16.09 -13.30 -34.65
C LYS F 297 -15.94 -11.82 -35.00
N ALA F 298 -15.15 -11.11 -34.20
CA ALA F 298 -14.95 -9.69 -34.40
C ALA F 298 -14.28 -9.44 -35.75
N HIS F 299 -14.65 -8.33 -36.38
CA HIS F 299 -14.12 -7.99 -37.68
C HIS F 299 -14.07 -6.47 -37.81
N CYS F 300 -13.21 -6.01 -38.72
CA CYS F 300 -13.04 -4.59 -39.00
C CYS F 300 -13.42 -4.30 -40.45
N ASN F 301 -14.07 -3.15 -40.65
CA ASN F 301 -14.62 -2.76 -41.94
C ASN F 301 -13.91 -1.49 -42.40
N ILE F 302 -13.04 -1.62 -43.39
CA ILE F 302 -12.50 -0.48 -44.13
C ILE F 302 -13.08 -0.53 -45.53
N SER F 303 -13.21 0.65 -46.13
CA SER F 303 -13.70 0.71 -47.50
C SER F 303 -12.67 0.14 -48.45
N THR F 304 -13.15 -0.43 -49.55
CA THR F 304 -12.29 -1.14 -50.49
C THR F 304 -11.36 -0.23 -51.27
N GLU F 305 -11.84 0.96 -51.68
CA GLU F 305 -11.04 1.85 -52.50
C GLU F 305 -10.25 2.89 -51.70
N GLN F 306 -10.72 3.25 -50.50
CA GLN F 306 -10.01 4.27 -49.72
C GLN F 306 -8.59 3.84 -49.40
N TRP F 307 -8.38 2.58 -49.04
CA TRP F 307 -7.02 2.10 -48.79
C TRP F 307 -6.16 2.22 -50.03
N ASN F 308 -6.72 1.96 -51.21
CA ASN F 308 -6.00 2.15 -52.46
C ASN F 308 -5.78 3.62 -52.79
N ASN F 309 -6.74 4.48 -52.44
CA ASN F 309 -6.58 5.90 -52.73
C ASN F 309 -5.39 6.48 -52.00
N THR F 310 -5.22 6.12 -50.71
CA THR F 310 -4.02 6.52 -49.99
C THR F 310 -2.79 5.78 -50.49
N LEU F 311 -2.96 4.56 -51.02
CA LEU F 311 -1.82 3.83 -51.56
C LEU F 311 -1.19 4.59 -52.73
N THR F 312 -2.01 5.11 -53.64
CA THR F 312 -1.48 5.84 -54.78
C THR F 312 -0.72 7.09 -54.33
N GLN F 313 -1.23 7.79 -53.32
CA GLN F 313 -0.59 9.03 -52.88
C GLN F 313 0.81 8.75 -52.34
N ILE F 314 0.94 7.77 -51.44
CA ILE F 314 2.23 7.49 -50.84
C ILE F 314 3.19 6.91 -51.89
N VAL F 315 2.67 6.09 -52.80
CA VAL F 315 3.53 5.50 -53.82
C VAL F 315 4.05 6.58 -54.76
N ASP F 316 3.17 7.49 -55.20
CA ASP F 316 3.62 8.57 -56.08
C ASP F 316 4.68 9.43 -55.41
N LYS F 317 4.47 9.78 -54.14
CA LYS F 317 5.49 10.50 -53.40
C LYS F 317 6.72 9.63 -53.16
N LEU F 318 6.52 8.33 -52.95
CA LEU F 318 7.65 7.42 -52.71
C LEU F 318 8.61 7.38 -53.89
N ARG F 319 8.14 7.70 -55.10
CA ARG F 319 9.02 7.68 -56.27
C ARG F 319 10.11 8.74 -56.19
N GLU F 320 9.97 9.73 -55.29
CA GLU F 320 10.93 10.83 -55.21
C GLU F 320 12.15 10.46 -54.37
N GLN F 321 11.94 10.14 -53.09
CA GLN F 321 13.07 9.83 -52.23
C GLN F 321 13.65 8.45 -52.54
N PHE F 322 12.82 7.54 -53.02
CA PHE F 322 13.24 6.19 -53.39
C PHE F 322 13.06 5.98 -54.88
N GLY F 323 13.85 5.06 -55.43
CA GLY F 323 13.78 4.73 -56.84
C GLY F 323 12.41 4.22 -57.25
N ASN F 324 11.85 4.81 -58.30
CA ASN F 324 10.53 4.41 -58.79
C ASN F 324 10.56 2.97 -59.32
N LYS F 326 5.30 -1.43 -61.40
CA LYS F 326 4.85 -1.59 -60.03
C LYS F 326 5.90 -2.32 -59.19
N THR F 327 6.90 -1.58 -58.74
CA THR F 327 7.95 -2.11 -57.88
C THR F 327 7.64 -1.96 -56.40
N ILE F 328 6.48 -1.42 -56.05
CA ILE F 328 6.09 -1.25 -54.66
C ILE F 328 5.57 -2.58 -54.14
N ILE F 329 6.23 -3.14 -53.14
CA ILE F 329 5.87 -4.43 -52.56
C ILE F 329 5.59 -4.22 -51.08
N PHE F 330 4.42 -4.68 -50.63
CA PHE F 330 4.04 -4.67 -49.23
C PHE F 330 3.98 -6.12 -48.75
N ASN F 331 4.78 -6.44 -47.73
CA ASN F 331 4.89 -7.79 -47.21
C ASN F 331 4.70 -7.77 -45.70
N GLN F 332 4.19 -8.88 -45.17
CA GLN F 332 3.97 -8.98 -43.73
C GLN F 332 5.30 -9.13 -42.99
N SER F 333 5.29 -8.72 -41.73
CA SER F 333 6.48 -8.82 -40.90
C SER F 333 6.83 -10.29 -40.65
N SER F 334 8.12 -10.53 -40.42
CA SER F 334 8.59 -11.90 -40.19
C SER F 334 7.95 -12.50 -38.95
N GLY F 335 7.86 -11.74 -37.87
CA GLY F 335 7.26 -12.17 -36.63
C GLY F 335 8.28 -12.24 -35.51
N GLY F 336 7.76 -12.58 -34.32
CA GLY F 336 8.58 -12.67 -33.13
C GLY F 336 7.92 -12.07 -31.91
N ASP F 337 7.06 -11.08 -32.12
CA ASP F 337 6.36 -10.40 -31.03
C ASP F 337 4.88 -10.24 -31.40
N PRO F 338 3.94 -10.86 -30.67
CA PRO F 338 2.53 -10.70 -31.01
C PRO F 338 2.06 -9.25 -30.98
N GLU F 339 2.65 -8.41 -30.14
CA GLU F 339 2.24 -7.01 -30.05
C GLU F 339 2.53 -6.22 -31.32
N VAL F 340 3.34 -6.76 -32.23
CA VAL F 340 3.73 -6.08 -33.44
C VAL F 340 3.12 -6.73 -34.68
N VAL F 341 3.01 -8.05 -34.69
CA VAL F 341 2.55 -8.75 -35.90
C VAL F 341 1.12 -8.34 -36.23
N MET F 342 0.24 -8.36 -35.25
CA MET F 342 -1.18 -8.04 -35.46
C MET F 342 -1.47 -6.62 -34.98
N HIS F 343 -2.28 -5.91 -35.75
CA HIS F 343 -2.67 -4.55 -35.42
C HIS F 343 -3.41 -4.52 -34.09
N THR F 344 -3.12 -3.51 -33.27
CA THR F 344 -3.68 -3.38 -31.94
C THR F 344 -4.77 -2.32 -31.93
N PHE F 345 -5.93 -2.68 -31.40
CA PHE F 345 -7.10 -1.82 -31.33
C PHE F 345 -7.47 -1.56 -29.88
N ASN F 346 -8.30 -0.54 -29.66
CA ASN F 346 -8.84 -0.27 -28.33
C ASN F 346 -10.11 0.54 -28.48
N CYS F 347 -11.25 -0.08 -28.22
CA CYS F 347 -12.53 0.62 -28.24
C CYS F 347 -13.49 -0.12 -27.31
N GLY F 348 -14.29 0.65 -26.57
CA GLY F 348 -15.27 0.06 -25.68
C GLY F 348 -14.69 -0.72 -24.53
N GLY F 349 -13.41 -0.54 -24.22
CA GLY F 349 -12.76 -1.27 -23.16
C GLY F 349 -12.18 -2.60 -23.56
N GLU F 350 -12.34 -3.02 -24.82
CA GLU F 350 -11.77 -4.26 -25.31
C GLU F 350 -10.38 -4.01 -25.88
N PHE F 351 -9.72 -5.09 -26.32
CA PHE F 351 -8.38 -5.01 -26.92
C PHE F 351 -8.34 -6.04 -28.04
N PHE F 352 -8.65 -5.60 -29.26
CA PHE F 352 -8.63 -6.51 -30.39
C PHE F 352 -7.20 -6.78 -30.84
N TYR F 353 -7.05 -7.82 -31.65
CA TYR F 353 -5.77 -8.18 -32.27
C TYR F 353 -6.11 -8.62 -33.70
N CYS F 354 -6.04 -7.68 -34.64
CA CYS F 354 -6.50 -7.92 -35.99
C CYS F 354 -5.35 -8.38 -36.87
N ASN F 355 -5.55 -9.52 -37.54
CA ASN F 355 -4.60 -10.01 -38.53
C ASN F 355 -4.55 -9.02 -39.69
N SER F 356 -3.41 -8.36 -39.87
CA SER F 356 -3.27 -7.27 -40.84
C SER F 356 -2.71 -7.75 -42.18
N THR F 357 -3.03 -8.98 -42.58
CA THR F 357 -2.52 -9.49 -43.84
C THR F 357 -3.03 -8.66 -45.02
N GLN F 358 -4.31 -8.33 -45.02
CA GLN F 358 -4.89 -7.66 -46.19
C GLN F 358 -4.46 -6.20 -46.29
N LEU F 359 -4.09 -5.59 -45.17
CA LEU F 359 -3.75 -4.17 -45.20
C LEU F 359 -2.42 -3.91 -45.91
N PHE F 360 -1.48 -4.85 -45.80
CA PHE F 360 -0.13 -4.69 -46.35
C PHE F 360 0.18 -5.77 -47.38
N ASN F 361 -0.81 -6.15 -48.19
CA ASN F 361 -0.63 -7.11 -49.27
C ASN F 361 -0.51 -6.44 -50.64
N SER F 362 -0.42 -5.10 -50.67
CA SER F 362 -0.32 -4.34 -51.91
C SER F 362 -1.55 -4.59 -52.79
N THR F 363 -2.71 -4.23 -52.26
CA THR F 363 -3.98 -4.39 -52.97
C THR F 363 -4.51 -3.04 -53.42
N ASP F 377 -18.05 -2.71 -52.75
CA ASP F 377 -17.81 -3.74 -51.74
C ASP F 377 -17.28 -3.13 -50.44
N ASN F 378 -17.07 -3.97 -49.44
CA ASN F 378 -16.59 -3.54 -48.13
C ASN F 378 -15.78 -4.67 -47.53
N ILE F 379 -14.45 -4.59 -47.67
CA ILE F 379 -13.60 -5.70 -47.25
C ILE F 379 -13.72 -5.92 -45.75
N THR F 380 -13.54 -7.17 -45.34
CA THR F 380 -13.65 -7.59 -43.95
C THR F 380 -12.29 -8.08 -43.47
N LEU F 381 -11.91 -7.64 -42.27
CA LEU F 381 -10.61 -7.97 -41.69
C LEU F 381 -10.82 -8.76 -40.40
N PRO F 382 -10.41 -10.03 -40.30
CA PRO F 382 -10.66 -10.77 -39.06
C PRO F 382 -9.92 -10.18 -37.87
N CYS F 383 -10.53 -10.33 -36.70
CA CYS F 383 -9.93 -9.85 -35.46
C CYS F 383 -10.28 -10.79 -34.31
N ARG F 384 -9.30 -11.02 -33.45
CA ARG F 384 -9.45 -11.86 -32.27
C ARG F 384 -9.30 -11.00 -31.01
N ILE F 385 -9.74 -11.54 -29.88
CA ILE F 385 -9.78 -10.81 -28.62
C ILE F 385 -9.08 -11.65 -27.55
N LYS F 386 -8.21 -11.00 -26.78
CA LYS F 386 -7.64 -11.59 -25.57
C LYS F 386 -7.84 -10.62 -24.43
N GLN F 387 -8.36 -11.13 -23.31
CA GLN F 387 -8.69 -10.26 -22.18
C GLN F 387 -7.43 -9.71 -21.52
N VAL F 388 -6.46 -10.58 -21.25
CA VAL F 388 -5.28 -10.21 -20.48
C VAL F 388 -4.24 -9.59 -21.42
N ILE F 389 -3.71 -8.44 -21.00
CA ILE F 389 -2.67 -7.74 -21.74
C ILE F 389 -1.62 -7.25 -20.75
N ASN F 390 -0.35 -7.36 -21.17
CA ASN F 390 0.79 -6.89 -20.39
C ASN F 390 1.45 -5.70 -21.05
N MET F 391 0.67 -4.88 -21.76
CA MET F 391 1.23 -3.71 -22.41
C MET F 391 1.88 -2.77 -21.40
N TRP F 392 1.32 -2.68 -20.20
CA TRP F 392 1.75 -1.72 -19.19
C TRP F 392 2.62 -2.35 -18.12
N GLN F 393 3.06 -3.59 -18.32
CA GLN F 393 4.09 -4.21 -17.48
C GLN F 393 5.47 -4.07 -18.14
N GLU F 394 5.60 -4.56 -19.37
CA GLU F 394 6.89 -4.52 -20.05
C GLU F 394 7.33 -3.09 -20.35
N VAL F 395 6.41 -2.13 -20.32
CA VAL F 395 6.77 -0.76 -20.66
C VAL F 395 7.60 -0.13 -19.55
N GLY F 396 7.15 -0.23 -18.30
CA GLY F 396 7.88 0.30 -17.17
C GLY F 396 7.76 -0.51 -15.90
N GLY F 397 7.01 -1.61 -15.93
CA GLY F 397 6.80 -2.42 -14.76
C GLY F 397 5.49 -2.13 -14.05
N CYS F 398 4.56 -3.08 -14.11
CA CYS F 398 3.28 -2.95 -13.43
C CYS F 398 2.56 -4.30 -13.41
N GLY F 399 1.29 -4.30 -13.02
CA GLY F 399 0.51 -5.52 -13.03
C GLY F 399 -0.18 -5.74 -14.36
N ALA F 400 -0.09 -6.97 -14.88
CA ALA F 400 -0.75 -7.30 -16.14
C ALA F 400 -2.25 -7.05 -16.01
N MET F 401 -2.78 -6.15 -16.83
CA MET F 401 -4.19 -5.79 -16.75
C MET F 401 -5.02 -6.65 -17.67
N TYR F 402 -6.28 -6.85 -17.28
CA TYR F 402 -7.25 -7.54 -18.14
C TYR F 402 -8.60 -6.88 -17.94
N ALA F 403 -9.21 -6.46 -19.03
CA ALA F 403 -10.50 -5.80 -18.90
C ALA F 403 -11.59 -6.82 -18.63
N PRO F 404 -12.65 -6.44 -17.92
CA PRO F 404 -13.79 -7.36 -17.77
C PRO F 404 -14.67 -7.33 -19.01
N PRO F 405 -15.52 -8.33 -19.22
CA PRO F 405 -16.41 -8.29 -20.39
C PRO F 405 -17.39 -7.13 -20.31
N ILE F 406 -17.84 -6.69 -21.47
CA ILE F 406 -18.80 -5.61 -21.59
C ILE F 406 -20.15 -6.19 -21.96
N ARG F 407 -21.18 -5.86 -21.17
CA ARG F 407 -22.50 -6.44 -21.40
C ARG F 407 -23.09 -6.02 -22.73
N GLY F 408 -22.93 -4.75 -23.12
CA GLY F 408 -23.59 -4.21 -24.27
C GLY F 408 -22.81 -4.38 -25.56
N GLN F 409 -23.42 -3.93 -26.65
CA GLN F 409 -22.79 -3.93 -27.96
C GLN F 409 -21.65 -2.92 -27.99
N ILE F 410 -20.72 -3.11 -28.94
CA ILE F 410 -19.59 -2.22 -29.08
C ILE F 410 -19.83 -1.30 -30.27
N ASP F 411 -19.88 -1.88 -31.47
CA ASP F 411 -20.14 -1.13 -32.70
C ASP F 411 -19.31 0.14 -32.79
N CYS F 412 -18.02 0.03 -32.44
CA CYS F 412 -17.17 1.20 -32.35
C CYS F 412 -16.65 1.61 -33.72
N SER F 413 -16.78 2.90 -34.04
CA SER F 413 -16.30 3.48 -35.28
C SER F 413 -15.19 4.46 -34.97
N SER F 414 -14.28 4.64 -35.92
CA SER F 414 -13.12 5.49 -35.69
C SER F 414 -12.56 5.98 -37.02
N ASN F 415 -11.72 7.00 -36.93
CA ASN F 415 -10.96 7.53 -38.05
C ASN F 415 -9.58 6.89 -38.10
N ILE F 416 -8.89 7.11 -39.21
CA ILE F 416 -7.48 6.75 -39.34
C ILE F 416 -6.77 7.87 -40.09
N THR F 417 -5.65 8.34 -39.53
CA THR F 417 -4.83 9.36 -40.17
C THR F 417 -3.35 9.08 -40.13
N GLY F 418 -2.90 8.08 -39.36
CA GLY F 418 -1.50 7.74 -39.28
C GLY F 418 -1.19 6.42 -39.95
N LEU F 419 0.09 6.15 -40.18
CA LEU F 419 0.51 4.91 -40.82
C LEU F 419 2.02 4.76 -40.63
N ILE F 420 2.46 3.54 -40.33
CA ILE F 420 3.84 3.25 -40.03
C ILE F 420 4.30 2.11 -40.94
N LEU F 421 5.51 2.22 -41.47
CA LEU F 421 6.10 1.19 -42.29
C LEU F 421 7.57 1.01 -41.90
N THR F 422 8.14 -0.11 -42.33
CA THR F 422 9.54 -0.42 -42.09
C THR F 422 10.21 -0.79 -43.40
N ARG F 423 11.50 -0.47 -43.50
CA ARG F 423 12.29 -0.72 -44.69
C ARG F 423 13.21 -1.91 -44.44
N ASP F 424 13.19 -2.87 -45.37
CA ASP F 424 14.02 -4.06 -45.26
C ASP F 424 15.47 -3.75 -45.60
N ASN F 432 14.71 -3.07 -56.07
CA ASN F 432 13.35 -3.05 -55.53
C ASN F 432 13.38 -2.84 -54.01
N GLU F 433 12.41 -2.06 -53.52
CA GLU F 433 12.27 -1.78 -52.10
C GLU F 433 10.93 -2.32 -51.62
N THR F 434 10.96 -3.11 -50.55
CA THR F 434 9.77 -3.72 -49.97
C THR F 434 9.53 -3.14 -48.59
N PHE F 435 8.29 -2.76 -48.31
CA PHE F 435 7.90 -2.21 -47.02
C PHE F 435 7.12 -3.25 -46.24
N ARG F 436 7.36 -3.30 -44.93
CA ARG F 436 6.66 -4.20 -44.03
C ARG F 436 6.16 -3.42 -42.82
N PRO F 437 5.04 -3.83 -42.22
CA PRO F 437 4.58 -3.18 -41.00
C PRO F 437 5.55 -3.45 -39.84
N GLY F 438 5.67 -2.46 -38.96
CA GLY F 438 6.55 -2.59 -37.82
C GLY F 438 6.17 -1.71 -36.65
N GLY F 439 7.17 -1.08 -36.04
CA GLY F 439 6.97 -0.30 -34.83
C GLY F 439 7.63 -0.94 -33.64
N GLY F 440 6.82 -1.46 -32.72
CA GLY F 440 7.35 -2.11 -31.53
C GLY F 440 7.63 -1.11 -30.42
N ASN F 441 8.53 -0.17 -30.67
CA ASN F 441 8.84 0.85 -29.67
C ASN F 441 7.62 1.71 -29.39
N MET F 442 7.39 2.00 -28.11
CA MET F 442 6.23 2.79 -27.72
C MET F 442 6.34 4.25 -28.14
N LYS F 443 7.55 4.75 -28.38
CA LYS F 443 7.73 6.14 -28.76
C LYS F 443 7.57 6.32 -30.27
N ASP F 444 6.46 5.81 -30.80
CA ASP F 444 6.12 5.98 -32.21
C ASP F 444 4.68 6.42 -32.42
N ASN F 445 3.76 5.96 -31.58
CA ASN F 445 2.34 6.25 -31.77
C ASN F 445 2.00 7.69 -31.41
N TRP F 446 2.89 8.40 -30.72
CA TRP F 446 2.68 9.77 -30.28
C TRP F 446 3.59 10.77 -30.96
N ARG F 447 4.57 10.33 -31.74
CA ARG F 447 5.45 11.27 -32.43
C ARG F 447 4.72 12.04 -33.53
N SER F 448 3.60 11.52 -34.03
CA SER F 448 2.90 12.12 -35.15
C SER F 448 2.04 13.31 -34.76
N GLU F 449 1.90 13.60 -33.46
CA GLU F 449 1.05 14.68 -33.00
C GLU F 449 1.80 15.80 -32.29
N LEU F 450 3.05 15.58 -31.89
CA LEU F 450 3.85 16.59 -31.20
C LEU F 450 5.06 17.01 -32.03
N TYR F 451 5.03 16.78 -33.35
CA TYR F 451 6.14 17.22 -34.19
C TYR F 451 6.22 18.73 -34.27
N LYS F 452 5.09 19.41 -34.18
CA LYS F 452 5.02 20.87 -34.34
C LYS F 452 4.86 21.58 -32.99
N TYR F 453 5.51 21.07 -31.96
CA TYR F 453 5.47 21.69 -30.64
C TYR F 453 6.86 21.59 -30.00
N LYS F 454 7.19 22.59 -29.19
CA LYS F 454 8.50 22.66 -28.55
C LYS F 454 8.41 23.51 -27.30
N VAL F 455 8.89 22.98 -26.19
CA VAL F 455 8.95 23.73 -24.94
C VAL F 455 10.15 24.67 -25.00
N VAL F 456 9.91 25.94 -24.66
CA VAL F 456 10.94 26.97 -24.74
C VAL F 456 10.94 27.78 -23.44
N LYS F 457 12.09 28.35 -23.12
CA LYS F 457 12.30 29.12 -21.91
C LYS F 457 12.53 30.58 -22.26
N ILE F 458 11.94 31.47 -21.47
CA ILE F 458 12.07 32.90 -21.70
C ILE F 458 13.37 33.39 -21.07
N GLU F 459 13.93 34.45 -21.66
CA GLU F 459 15.15 35.09 -21.16
C GLU F 459 14.89 36.58 -21.09
N PRO F 460 14.08 37.04 -20.13
CA PRO F 460 13.67 38.45 -20.11
C PRO F 460 14.80 39.43 -19.86
N LEU F 461 15.97 38.97 -19.41
CA LEU F 461 17.05 39.86 -19.04
C LEU F 461 17.86 40.28 -20.27
N GLY F 462 18.27 41.54 -20.29
CA GLY F 462 19.08 42.06 -21.37
C GLY F 462 19.70 43.39 -20.97
N ILE F 463 20.73 43.77 -21.71
CA ILE F 463 21.49 44.99 -21.45
C ILE F 463 21.50 45.84 -22.71
N ALA F 464 21.22 47.13 -22.54
CA ALA F 464 21.15 48.07 -23.65
C ALA F 464 21.92 49.34 -23.30
N PRO F 465 22.81 49.82 -24.19
CA PRO F 465 23.49 51.10 -23.92
C PRO F 465 22.54 52.28 -24.08
N THR F 466 22.60 53.21 -23.13
CA THR F 466 21.84 54.45 -23.18
C THR F 466 22.63 55.52 -22.44
N ARG F 467 22.01 56.68 -22.23
CA ARG F 467 22.58 57.74 -21.41
C ARG F 467 22.02 57.63 -20.00
N ALA F 468 22.87 57.86 -19.01
CA ALA F 468 22.55 57.54 -17.62
C ALA F 468 23.23 58.56 -16.71
N LYS F 469 23.36 58.22 -15.43
CA LYS F 469 23.94 59.10 -14.41
C LYS F 469 22.97 60.22 -14.03
N ARG F 470 21.67 59.89 -13.99
CA ARG F 470 20.71 60.82 -13.40
C ARG F 470 20.80 60.81 -11.88
N ARG F 471 21.21 59.70 -11.29
CA ARG F 471 21.33 59.59 -9.85
C ARG F 471 22.64 60.25 -9.39
N VAL F 472 22.95 60.05 -8.12
CA VAL F 472 24.17 60.60 -7.55
C VAL F 472 25.36 59.73 -7.96
N GLN G 1 -49.11 -33.74 -61.99
CA GLN G 1 -49.41 -35.15 -61.59
C GLN G 1 -48.12 -35.94 -61.45
N VAL G 2 -47.77 -36.29 -60.21
CA VAL G 2 -46.56 -37.04 -59.90
C VAL G 2 -46.97 -38.28 -59.12
N HIS G 3 -46.54 -39.45 -59.59
CA HIS G 3 -46.80 -40.72 -58.92
C HIS G 3 -45.57 -41.61 -59.06
N LEU G 4 -45.45 -42.56 -58.14
CA LEU G 4 -44.30 -43.46 -58.12
C LEU G 4 -44.74 -44.81 -57.55
N GLN G 5 -43.95 -45.83 -57.85
CA GLN G 5 -44.22 -47.20 -57.43
C GLN G 5 -43.03 -47.73 -56.63
N GLU G 6 -43.34 -48.45 -55.56
CA GLU G 6 -42.35 -49.08 -54.69
C GLU G 6 -42.49 -50.60 -54.80
N SER G 7 -41.68 -51.30 -54.01
CA SER G 7 -41.68 -52.76 -53.99
C SER G 7 -41.35 -53.24 -52.59
N GLY G 8 -41.35 -54.56 -52.41
CA GLY G 8 -41.03 -55.17 -51.14
C GLY G 8 -41.70 -56.53 -50.98
N PRO G 9 -41.03 -57.47 -50.31
CA PRO G 9 -41.61 -58.81 -50.17
C PRO G 9 -42.72 -58.90 -49.13
N GLY G 10 -42.89 -57.87 -48.29
CA GLY G 10 -43.89 -57.92 -47.25
C GLY G 10 -43.35 -58.49 -45.96
N LEU G 11 -43.02 -59.78 -45.97
CA LEU G 11 -42.44 -60.46 -44.83
C LEU G 11 -40.94 -60.59 -45.04
N VAL G 12 -40.16 -60.10 -44.07
CA VAL G 12 -38.70 -60.12 -44.12
C VAL G 12 -38.19 -60.90 -42.93
N LYS G 13 -37.31 -61.86 -43.19
CA LYS G 13 -36.74 -62.65 -42.11
C LYS G 13 -35.74 -61.81 -41.31
N PRO G 14 -35.57 -62.09 -40.02
CA PRO G 14 -34.55 -61.37 -39.26
C PRO G 14 -33.15 -61.68 -39.76
N SER G 15 -32.26 -60.71 -39.61
CA SER G 15 -30.86 -60.84 -40.01
C SER G 15 -30.74 -61.19 -41.49
N GLU G 16 -31.42 -60.39 -42.33
CA GLU G 16 -31.42 -60.57 -43.77
C GLU G 16 -31.06 -59.25 -44.43
N THR G 17 -30.31 -59.33 -45.53
CA THR G 17 -29.88 -58.14 -46.27
C THR G 17 -31.06 -57.63 -47.09
N LEU G 18 -31.94 -56.90 -46.42
CA LEU G 18 -33.12 -56.36 -47.09
C LEU G 18 -32.72 -55.27 -48.07
N SER G 19 -33.40 -55.25 -49.22
CA SER G 19 -33.18 -54.25 -50.25
C SER G 19 -34.51 -53.62 -50.64
N LEU G 20 -34.49 -52.30 -50.84
CA LEU G 20 -35.69 -51.54 -51.21
C LEU G 20 -35.36 -50.66 -52.41
N THR G 21 -36.33 -50.54 -53.32
CA THR G 21 -36.16 -49.79 -54.55
C THR G 21 -37.20 -48.68 -54.64
N CYS G 22 -36.81 -47.58 -55.26
CA CYS G 22 -37.70 -46.44 -55.48
C CYS G 22 -37.41 -45.86 -56.86
N ASN G 23 -38.46 -45.67 -57.65
CA ASN G 23 -38.32 -45.18 -59.01
C ASN G 23 -38.57 -43.67 -59.04
N VAL G 24 -38.54 -43.08 -60.23
CA VAL G 24 -38.73 -41.64 -60.41
C VAL G 24 -39.92 -41.41 -61.33
N SER G 25 -40.23 -40.14 -61.61
CA SER G 25 -41.35 -39.79 -62.47
C SER G 25 -40.98 -38.51 -63.23
N GLY G 26 -40.47 -38.68 -64.44
CA GLY G 26 -40.14 -37.54 -65.28
C GLY G 26 -38.80 -36.91 -64.95
N THR G 27 -38.68 -36.37 -63.74
CA THR G 27 -37.45 -35.69 -63.34
C THR G 27 -36.30 -36.68 -63.26
N LEU G 28 -35.17 -36.33 -63.87
CA LEU G 28 -33.99 -37.17 -63.82
C LEU G 28 -33.31 -37.06 -62.45
N VAL G 29 -32.52 -38.09 -62.12
CA VAL G 29 -31.83 -38.12 -60.83
C VAL G 29 -30.62 -37.20 -60.81
N ARG G 30 -30.04 -36.87 -61.96
CA ARG G 30 -28.83 -36.06 -61.97
C ARG G 30 -29.11 -34.65 -61.43
N ASP G 31 -30.23 -34.05 -61.83
CA ASP G 31 -30.56 -32.68 -61.48
C ASP G 31 -31.62 -32.60 -60.39
N ASN G 32 -31.59 -33.54 -59.44
CA ASN G 32 -32.54 -33.55 -58.34
C ASN G 32 -31.92 -34.25 -57.14
N TYR G 33 -32.34 -33.85 -55.95
CA TYR G 33 -31.88 -34.43 -54.69
C TYR G 33 -33.02 -35.21 -54.06
N TRP G 34 -32.74 -36.44 -53.65
CA TRP G 34 -33.72 -37.32 -53.04
C TRP G 34 -33.44 -37.47 -51.56
N SER G 35 -34.49 -37.85 -50.82
CA SER G 35 -34.40 -38.07 -49.39
C SER G 35 -35.31 -39.22 -48.99
N TRP G 36 -35.00 -39.84 -47.87
CA TRP G 36 -35.75 -40.96 -47.33
C TRP G 36 -36.22 -40.62 -45.92
N ILE G 37 -37.47 -40.96 -45.62
CA ILE G 37 -38.08 -40.67 -44.33
C ILE G 37 -38.65 -41.98 -43.77
N ARG G 38 -38.30 -42.29 -42.52
CA ARG G 38 -38.82 -43.45 -41.82
C ARG G 38 -39.72 -42.98 -40.69
N GLN G 39 -40.94 -43.51 -40.64
CA GLN G 39 -41.93 -43.12 -39.64
C GLN G 39 -42.45 -44.35 -38.92
N PRO G 40 -42.22 -44.51 -37.61
CA PRO G 40 -42.87 -45.61 -36.89
C PRO G 40 -44.38 -45.43 -36.87
N LEU G 41 -45.09 -46.55 -36.81
CA LEU G 41 -46.54 -46.54 -36.86
C LEU G 41 -47.09 -45.75 -35.67
N GLY G 42 -47.73 -44.61 -35.96
CA GLY G 42 -48.38 -43.81 -34.94
C GLY G 42 -47.48 -42.84 -34.22
N LYS G 43 -46.19 -42.78 -34.54
CA LYS G 43 -45.24 -41.89 -33.89
C LYS G 43 -44.76 -40.84 -34.89
N GLN G 44 -43.93 -39.93 -34.40
CA GLN G 44 -43.41 -38.86 -35.24
C GLN G 44 -42.48 -39.42 -36.32
N PRO G 45 -42.46 -38.83 -37.51
CA PRO G 45 -41.54 -39.32 -38.54
C PRO G 45 -40.09 -39.09 -38.16
N GLU G 46 -39.23 -39.95 -38.69
CA GLU G 46 -37.78 -39.84 -38.53
C GLU G 46 -37.14 -39.67 -39.89
N TRP G 47 -36.19 -38.74 -39.98
CA TRP G 47 -35.52 -38.42 -41.23
C TRP G 47 -34.22 -39.21 -41.34
N ILE G 48 -34.13 -40.09 -42.34
CA ILE G 48 -32.89 -40.81 -42.59
C ILE G 48 -31.83 -39.86 -43.13
N GLY G 49 -32.20 -39.03 -44.09
CA GLY G 49 -31.31 -38.04 -44.66
C GLY G 49 -31.55 -37.90 -46.15
N TYR G 50 -30.50 -37.48 -46.85
CA TYR G 50 -30.54 -37.23 -48.27
C TYR G 50 -29.33 -37.86 -48.94
N VAL G 51 -29.52 -38.30 -50.18
CA VAL G 51 -28.44 -38.92 -50.96
C VAL G 51 -28.47 -38.33 -52.36
N HIS G 52 -27.29 -38.05 -52.90
CA HIS G 52 -27.14 -37.54 -54.25
C HIS G 52 -25.79 -37.99 -54.79
N ASP G 53 -25.73 -38.22 -56.09
CA ASP G 53 -24.52 -38.70 -56.73
C ASP G 53 -23.45 -37.61 -56.73
N SER G 54 -22.20 -38.04 -56.95
CA SER G 54 -21.06 -37.14 -57.05
C SER G 54 -20.83 -36.37 -55.75
N GLY G 55 -20.58 -37.13 -54.69
CA GLY G 55 -20.10 -36.55 -53.45
C GLY G 55 -21.13 -36.42 -52.35
N ASP G 56 -22.35 -36.01 -52.70
CA ASP G 56 -23.40 -35.73 -51.71
C ASP G 56 -24.08 -37.04 -51.31
N THR G 57 -23.30 -37.88 -50.60
CA THR G 57 -23.76 -39.19 -50.14
C THR G 57 -23.81 -39.24 -48.61
N ASN G 58 -24.21 -38.14 -47.98
CA ASN G 58 -24.30 -38.09 -46.53
C ASN G 58 -25.41 -39.02 -46.04
N TYR G 59 -25.12 -39.74 -44.96
CA TYR G 59 -26.06 -40.66 -44.35
C TYR G 59 -26.45 -40.15 -42.96
N ASN G 60 -27.25 -40.94 -42.26
CA ASN G 60 -27.71 -40.57 -40.93
C ASN G 60 -26.56 -40.66 -39.93
N PRO G 61 -26.17 -39.57 -39.26
CA PRO G 61 -25.04 -39.67 -38.32
C PRO G 61 -25.29 -40.63 -37.17
N SER G 62 -26.53 -40.80 -36.73
CA SER G 62 -26.79 -41.64 -35.56
C SER G 62 -26.52 -43.11 -35.85
N LEU G 63 -26.83 -43.56 -37.07
CA LEU G 63 -26.77 -45.00 -37.38
C LEU G 63 -25.41 -45.35 -37.98
N LYS G 64 -25.11 -44.80 -39.17
CA LYS G 64 -23.76 -44.77 -39.76
C LYS G 64 -23.03 -46.11 -39.63
N SER G 65 -23.76 -47.22 -39.64
CA SER G 65 -23.19 -48.56 -39.47
C SER G 65 -23.54 -49.50 -40.60
N ARG G 66 -24.82 -49.58 -40.97
CA ARG G 66 -25.30 -50.57 -41.94
C ARG G 66 -26.10 -49.94 -43.08
N VAL G 67 -26.30 -48.63 -43.07
CA VAL G 67 -27.05 -47.97 -44.13
C VAL G 67 -26.20 -47.92 -45.40
N HIS G 68 -26.83 -48.17 -46.54
CA HIS G 68 -26.14 -48.15 -47.83
C HIS G 68 -27.13 -47.68 -48.89
N LEU G 69 -26.79 -46.59 -49.56
CA LEU G 69 -27.62 -46.03 -50.63
C LEU G 69 -26.83 -46.04 -51.93
N SER G 70 -27.48 -46.47 -53.01
CA SER G 70 -26.86 -46.51 -54.33
C SER G 70 -27.85 -45.98 -55.36
N LEU G 71 -27.30 -45.54 -56.49
CA LEU G 71 -28.09 -44.96 -57.57
C LEU G 71 -27.78 -45.69 -58.88
N ASP G 72 -28.78 -45.75 -59.75
CA ASP G 72 -28.66 -46.38 -61.06
C ASP G 72 -29.15 -45.39 -62.10
N LYS G 73 -28.21 -44.65 -62.72
CA LYS G 73 -28.59 -43.66 -63.71
C LYS G 73 -29.24 -44.29 -64.94
N SER G 74 -28.73 -45.44 -65.38
CA SER G 74 -29.30 -46.09 -66.56
C SER G 74 -30.76 -46.47 -66.34
N LYS G 75 -31.08 -47.04 -65.17
CA LYS G 75 -32.44 -47.43 -64.85
C LYS G 75 -33.23 -46.33 -64.15
N ASN G 76 -32.60 -45.20 -63.82
CA ASN G 76 -33.26 -44.10 -63.12
C ASN G 76 -33.91 -44.59 -61.83
N LEU G 77 -33.17 -45.39 -61.09
CA LEU G 77 -33.65 -46.03 -59.86
C LEU G 77 -32.68 -45.77 -58.72
N VAL G 78 -33.23 -45.60 -57.52
CA VAL G 78 -32.44 -45.43 -56.31
C VAL G 78 -32.80 -46.57 -55.35
N SER G 79 -31.77 -47.23 -54.83
CA SER G 79 -31.93 -48.41 -53.99
C SER G 79 -31.46 -48.12 -52.58
N LEU G 80 -32.20 -48.64 -51.60
CA LEU G 80 -31.85 -48.54 -50.19
C LEU G 80 -31.69 -49.95 -49.63
N ARG G 81 -30.55 -50.23 -49.03
CA ARG G 81 -30.20 -51.56 -48.55
C ARG G 81 -29.78 -51.50 -47.09
N LEU G 82 -30.32 -52.40 -46.28
CA LEU G 82 -29.95 -52.55 -44.88
C LEU G 82 -29.49 -53.98 -44.62
N THR G 83 -28.43 -54.12 -43.83
CA THR G 83 -27.87 -55.42 -43.48
C THR G 83 -28.09 -55.67 -42.00
N GLY G 84 -28.67 -56.82 -41.67
CA GLY G 84 -28.93 -57.17 -40.30
C GLY G 84 -30.14 -56.47 -39.72
N VAL G 85 -31.32 -56.70 -40.31
CA VAL G 85 -32.54 -56.06 -39.84
C VAL G 85 -32.87 -56.58 -38.44
N THR G 86 -33.42 -55.70 -37.62
CA THR G 86 -33.81 -56.00 -36.25
C THR G 86 -35.33 -55.95 -36.12
N ALA G 87 -35.81 -56.15 -34.89
CA ALA G 87 -37.24 -56.15 -34.62
C ALA G 87 -37.83 -54.75 -34.56
N ALA G 88 -37.01 -53.71 -34.43
CA ALA G 88 -37.48 -52.33 -34.34
C ALA G 88 -37.54 -51.62 -35.69
N ASP G 89 -37.27 -52.32 -36.79
CA ASP G 89 -37.24 -51.72 -38.11
C ASP G 89 -38.59 -51.71 -38.80
N SER G 90 -39.64 -52.22 -38.15
CA SER G 90 -40.98 -52.25 -38.73
C SER G 90 -41.54 -50.83 -38.75
N ALA G 91 -41.47 -50.19 -39.91
CA ALA G 91 -41.95 -48.81 -40.06
C ALA G 91 -42.22 -48.55 -41.52
N ILE G 92 -43.02 -47.50 -41.76
CA ILE G 92 -43.33 -47.08 -43.13
C ILE G 92 -42.22 -46.15 -43.62
N TYR G 93 -41.75 -46.39 -44.84
CA TYR G 93 -40.70 -45.62 -45.46
C TYR G 93 -41.27 -44.77 -46.59
N TYR G 94 -40.58 -43.67 -46.89
CA TYR G 94 -41.01 -42.72 -47.90
C TYR G 94 -39.80 -42.17 -48.63
N CYS G 95 -39.75 -42.36 -49.93
CA CYS G 95 -38.72 -41.77 -50.79
C CYS G 95 -39.32 -40.59 -51.53
N ALA G 96 -38.71 -39.42 -51.39
CA ALA G 96 -39.26 -38.20 -51.96
C ALA G 96 -38.14 -37.22 -52.25
N THR G 97 -38.44 -36.23 -53.08
CA THR G 97 -37.48 -35.21 -53.46
C THR G 97 -37.42 -34.12 -52.39
N THR G 98 -36.45 -33.23 -52.55
CA THR G 98 -36.23 -32.16 -51.59
C THR G 98 -35.69 -30.93 -52.31
N LYS G 99 -35.85 -29.77 -51.67
CA LYS G 99 -35.42 -28.49 -52.22
C LYS G 99 -34.54 -27.77 -51.21
N HIS G 100 -33.53 -27.07 -51.72
CA HIS G 100 -32.56 -26.39 -50.88
C HIS G 100 -33.11 -25.05 -50.39
N GLY G 101 -32.39 -24.46 -49.43
CA GLY G 101 -32.73 -23.15 -48.90
C GLY G 101 -31.56 -22.58 -48.12
N ARG G 102 -31.25 -21.30 -48.35
CA ARG G 102 -30.08 -20.66 -47.78
C ARG G 102 -30.47 -19.51 -46.87
N ARG G 103 -29.68 -19.31 -45.81
CA ARG G 103 -29.84 -18.17 -44.91
C ARG G 103 -28.47 -17.80 -44.39
N ILE G 104 -28.17 -16.51 -44.39
CA ILE G 104 -26.89 -15.97 -43.93
C ILE G 104 -27.16 -15.08 -42.73
N TYR G 105 -26.33 -15.20 -41.70
CA TYR G 105 -26.49 -14.44 -40.48
C TYR G 105 -25.18 -13.82 -39.99
N GLY G 106 -24.14 -13.79 -40.81
CA GLY G 106 -22.86 -13.27 -40.39
C GLY G 106 -22.01 -12.83 -41.56
N VAL G 107 -20.70 -13.09 -41.45
CA VAL G 107 -19.75 -12.65 -42.46
C VAL G 107 -19.72 -13.66 -43.60
N VAL G 108 -19.63 -13.15 -44.83
CA VAL G 108 -19.73 -14.00 -46.00
C VAL G 108 -18.58 -15.01 -46.08
N ALA G 109 -17.44 -14.71 -45.48
CA ALA G 109 -16.26 -15.55 -45.58
C ALA G 109 -15.96 -16.36 -44.32
N PHE G 110 -16.82 -16.29 -43.30
CA PHE G 110 -16.59 -16.99 -42.04
C PHE G 110 -17.63 -18.08 -41.78
N LYS G 111 -18.35 -18.52 -42.81
CA LYS G 111 -19.19 -19.72 -42.74
C LYS G 111 -20.35 -19.55 -41.75
N GLU G 112 -21.01 -18.39 -41.82
CA GLU G 112 -22.23 -18.16 -41.04
C GLU G 112 -23.45 -18.36 -41.94
N TRP G 113 -23.62 -19.61 -42.38
CA TRP G 113 -24.81 -19.97 -43.13
C TRP G 113 -24.94 -21.48 -43.15
N PHE G 114 -26.17 -21.96 -43.02
CA PHE G 114 -26.48 -23.39 -43.09
C PHE G 114 -27.60 -23.60 -44.09
N THR G 115 -27.45 -24.62 -44.92
CA THR G 115 -28.46 -24.96 -45.91
C THR G 115 -29.56 -25.78 -45.25
N TYR G 116 -30.81 -25.33 -45.41
CA TYR G 116 -31.97 -26.01 -44.85
C TYR G 116 -32.82 -26.57 -45.99
N PHE G 117 -33.30 -27.79 -45.79
CA PHE G 117 -34.02 -28.54 -46.81
C PHE G 117 -35.47 -28.72 -46.42
N TYR G 118 -36.36 -28.59 -47.40
CA TYR G 118 -37.78 -28.83 -47.21
C TYR G 118 -38.29 -29.71 -48.35
N MET G 119 -39.16 -30.66 -48.00
CA MET G 119 -39.70 -31.62 -48.96
C MET G 119 -41.00 -31.07 -49.52
N ASP G 120 -40.97 -30.63 -50.78
CA ASP G 120 -42.18 -30.10 -51.41
C ASP G 120 -43.19 -31.20 -51.65
N VAL G 121 -42.73 -32.40 -52.00
CA VAL G 121 -43.60 -33.54 -52.31
C VAL G 121 -43.17 -34.72 -51.46
N TRP G 122 -44.09 -35.66 -51.26
CA TRP G 122 -43.84 -36.85 -50.46
C TRP G 122 -44.30 -38.08 -51.23
N GLY G 123 -43.59 -39.19 -51.01
CA GLY G 123 -43.88 -40.42 -51.72
C GLY G 123 -45.01 -41.21 -51.09
N LYS G 124 -45.50 -42.19 -51.86
CA LYS G 124 -46.59 -43.04 -51.37
C LYS G 124 -46.09 -44.01 -50.30
N GLY G 125 -44.91 -44.60 -50.51
CA GLY G 125 -44.31 -45.47 -49.52
C GLY G 125 -44.85 -46.89 -49.61
N THR G 126 -44.16 -47.78 -48.89
CA THR G 126 -44.55 -49.19 -48.81
C THR G 126 -44.29 -49.68 -47.40
N SER G 127 -45.11 -50.64 -46.97
CA SER G 127 -45.04 -51.16 -45.61
C SER G 127 -44.04 -52.29 -45.53
N VAL G 128 -43.16 -52.23 -44.52
CA VAL G 128 -42.15 -53.25 -44.27
C VAL G 128 -42.31 -53.71 -42.82
N THR G 129 -42.38 -55.03 -42.63
CA THR G 129 -42.53 -55.60 -41.30
C THR G 129 -41.63 -56.84 -41.19
N VAL G 130 -41.29 -57.17 -39.95
CA VAL G 130 -40.42 -58.30 -39.64
C VAL G 130 -41.17 -59.23 -38.68
N SER G 131 -41.15 -60.53 -39.00
CA SER G 131 -41.81 -61.53 -38.18
C SER G 131 -41.03 -62.83 -38.28
N SER G 132 -41.58 -63.89 -37.70
CA SER G 132 -40.94 -65.21 -37.72
C SER G 132 -41.83 -66.23 -38.43
N THR H 1 -50.44 -34.38 -26.11
CA THR H 1 -50.16 -33.43 -27.18
C THR H 1 -51.36 -33.29 -28.10
N PHE H 2 -52.56 -33.32 -27.50
CA PHE H 2 -53.81 -33.19 -28.24
C PHE H 2 -54.43 -31.83 -27.92
N VAL H 3 -54.80 -31.10 -28.96
CA VAL H 3 -55.37 -29.76 -28.84
C VAL H 3 -56.80 -29.81 -29.40
N SER H 4 -57.75 -29.31 -28.61
CA SER H 4 -59.16 -29.28 -28.96
C SER H 4 -59.57 -27.82 -29.14
N VAL H 5 -60.04 -27.48 -30.34
CA VAL H 5 -60.50 -26.13 -30.66
C VAL H 5 -61.82 -26.24 -31.41
N ALA H 6 -62.78 -25.42 -31.02
CA ALA H 6 -64.05 -25.38 -31.73
C ALA H 6 -63.86 -24.73 -33.10
N PRO H 7 -64.62 -25.15 -34.11
CA PRO H 7 -64.47 -24.56 -35.44
C PRO H 7 -64.79 -23.07 -35.44
N GLY H 8 -64.05 -22.33 -36.25
CA GLY H 8 -64.25 -20.90 -36.39
C GLY H 8 -63.55 -20.04 -35.36
N GLN H 9 -62.85 -20.65 -34.39
CA GLN H 9 -62.16 -19.92 -33.34
C GLN H 9 -60.67 -19.85 -33.66
N THR H 10 -59.89 -19.29 -32.73
CA THR H 10 -58.45 -19.16 -32.89
C THR H 10 -57.74 -20.29 -32.14
N ALA H 11 -56.59 -20.70 -32.69
CA ALA H 11 -55.81 -21.79 -32.13
C ALA H 11 -54.35 -21.39 -32.08
N ARG H 12 -53.65 -21.87 -31.05
CA ARG H 12 -52.22 -21.65 -30.88
C ARG H 12 -51.52 -22.97 -30.68
N ILE H 13 -50.44 -23.20 -31.42
CA ILE H 13 -49.65 -24.42 -31.36
C ILE H 13 -48.24 -24.06 -30.95
N THR H 14 -47.75 -24.73 -29.90
CA THR H 14 -46.40 -24.50 -29.38
C THR H 14 -45.53 -25.71 -29.67
N CYS H 15 -44.39 -25.48 -30.31
CA CYS H 15 -43.46 -26.54 -30.64
C CYS H 15 -42.05 -26.00 -30.56
N GLY H 16 -41.09 -26.91 -30.34
CA GLY H 16 -39.70 -26.56 -30.24
C GLY H 16 -39.29 -26.16 -28.83
N GLU H 17 -37.98 -26.06 -28.64
CA GLU H 17 -37.38 -25.70 -27.37
C GLU H 17 -37.11 -24.20 -27.32
N GLU H 18 -36.40 -23.77 -26.29
CA GLU H 18 -36.10 -22.35 -26.14
C GLU H 18 -35.20 -21.86 -27.28
N SER H 19 -35.32 -20.57 -27.59
CA SER H 19 -34.63 -19.98 -28.73
C SER H 19 -33.26 -19.48 -28.30
N LEU H 20 -32.28 -20.39 -28.27
CA LEU H 20 -30.91 -20.00 -27.99
C LEU H 20 -30.34 -19.16 -29.13
N GLY H 21 -30.51 -19.62 -30.37
CA GLY H 21 -30.08 -18.89 -31.55
C GLY H 21 -31.19 -18.71 -32.56
N SER H 22 -30.83 -18.44 -33.81
CA SER H 22 -31.81 -18.21 -34.85
C SER H 22 -32.33 -19.52 -35.42
N ARG H 23 -33.54 -19.47 -35.98
CA ARG H 23 -34.21 -20.63 -36.55
C ARG H 23 -34.71 -20.34 -37.95
N SER H 24 -34.89 -21.41 -38.73
CA SER H 24 -35.59 -21.39 -40.01
C SER H 24 -36.62 -22.51 -39.94
N VAL H 25 -37.79 -22.20 -39.37
CA VAL H 25 -38.76 -23.23 -39.05
C VAL H 25 -39.45 -23.73 -40.31
N ILE H 26 -39.70 -25.03 -40.35
CA ILE H 26 -40.43 -25.68 -41.43
C ILE H 26 -41.63 -26.40 -40.82
N TRP H 27 -42.82 -26.15 -41.39
CA TRP H 27 -44.06 -26.70 -40.86
C TRP H 27 -44.55 -27.82 -41.77
N TYR H 28 -44.92 -28.95 -41.18
CA TYR H 28 -45.39 -30.11 -41.90
C TYR H 28 -46.71 -30.59 -41.29
N GLN H 29 -47.50 -31.27 -42.11
CA GLN H 29 -48.78 -31.84 -41.69
C GLN H 29 -48.85 -33.28 -42.15
N GLN H 30 -49.54 -34.11 -41.37
CA GLN H 30 -49.73 -35.53 -41.65
C GLN H 30 -51.22 -35.81 -41.71
N ARG H 31 -51.68 -36.38 -42.82
CA ARG H 31 -53.08 -36.74 -42.97
C ARG H 31 -53.29 -38.21 -42.66
N PRO H 32 -54.38 -38.62 -41.99
CA PRO H 32 -54.59 -40.05 -41.73
C PRO H 32 -54.80 -40.81 -43.03
N GLY H 33 -53.90 -41.76 -43.31
CA GLY H 33 -54.01 -42.59 -44.49
C GLY H 33 -53.62 -41.93 -45.78
N GLN H 34 -53.00 -40.75 -45.73
CA GLN H 34 -52.60 -40.03 -46.93
C GLN H 34 -51.19 -39.50 -46.74
N ALA H 35 -50.51 -39.25 -47.86
CA ALA H 35 -49.14 -38.78 -47.82
C ALA H 35 -49.10 -37.37 -47.21
N PRO H 36 -47.99 -37.01 -46.56
CA PRO H 36 -47.89 -35.66 -46.00
C PRO H 36 -47.78 -34.62 -47.10
N SER H 37 -47.70 -33.36 -46.68
CA SER H 37 -47.54 -32.24 -47.59
C SER H 37 -46.79 -31.13 -46.85
N LEU H 38 -46.80 -29.93 -47.42
CA LEU H 38 -46.08 -28.79 -46.87
C LEU H 38 -47.02 -27.60 -46.74
N ILE H 39 -46.75 -26.74 -45.77
CA ILE H 39 -47.53 -25.53 -45.54
C ILE H 39 -46.62 -24.32 -45.64
N ILE H 40 -45.61 -24.26 -44.78
CA ILE H 40 -44.65 -23.16 -44.74
C ILE H 40 -43.26 -23.74 -44.99
N TYR H 41 -42.54 -23.14 -45.93
CA TYR H 41 -41.22 -23.61 -46.33
C TYR H 41 -40.09 -22.71 -45.83
N ASN H 42 -40.39 -21.75 -44.96
CA ASN H 42 -39.36 -20.87 -44.40
C ASN H 42 -39.87 -20.33 -43.07
N ASN H 43 -39.17 -19.33 -42.53
CA ASN H 43 -39.61 -18.72 -41.28
C ASN H 43 -40.97 -18.05 -41.46
N ASN H 44 -41.15 -17.30 -42.55
CA ASN H 44 -42.43 -16.67 -42.86
C ASN H 44 -42.84 -16.80 -44.31
N ASP H 45 -41.94 -17.17 -45.22
CA ASP H 45 -42.28 -17.33 -46.62
C ASP H 45 -43.13 -18.58 -46.83
N ARG H 46 -44.06 -18.51 -47.76
CA ARG H 46 -44.98 -19.60 -48.06
C ARG H 46 -44.99 -19.88 -49.55
N PRO H 47 -45.29 -21.10 -49.96
CA PRO H 47 -45.36 -21.44 -51.39
C PRO H 47 -46.72 -21.06 -51.96
N SER H 48 -46.90 -21.36 -53.24
CA SER H 48 -48.15 -21.10 -53.92
C SER H 48 -49.18 -22.18 -53.57
N GLY H 49 -50.43 -21.90 -53.91
CA GLY H 49 -51.52 -22.83 -53.65
C GLY H 49 -52.20 -22.67 -52.32
N ILE H 50 -51.72 -21.76 -51.46
CA ILE H 50 -52.33 -21.51 -50.15
C ILE H 50 -52.45 -20.00 -49.98
N PRO H 51 -53.56 -19.49 -49.44
CA PRO H 51 -53.67 -18.04 -49.21
C PRO H 51 -52.75 -17.60 -48.07
N ASP H 52 -52.79 -16.30 -47.78
CA ASP H 52 -51.94 -15.69 -46.77
C ASP H 52 -52.51 -15.81 -45.36
N ARG H 53 -53.49 -16.70 -45.15
CA ARG H 53 -54.04 -16.87 -43.80
C ARG H 53 -52.98 -17.37 -42.84
N PHE H 54 -52.18 -18.35 -43.26
CA PHE H 54 -51.17 -18.91 -42.37
C PHE H 54 -50.14 -17.85 -42.00
N SER H 55 -49.74 -17.85 -40.72
CA SER H 55 -48.78 -16.89 -40.21
C SER H 55 -47.79 -17.61 -39.30
N GLY H 56 -46.60 -17.02 -39.18
CA GLY H 56 -45.56 -17.58 -38.34
C GLY H 56 -44.66 -16.49 -37.81
N SER H 57 -43.81 -16.85 -36.86
CA SER H 57 -42.91 -15.90 -36.23
C SER H 57 -41.57 -15.86 -36.96
N PRO H 58 -40.85 -14.74 -36.95
CA PRO H 58 -39.54 -14.70 -37.60
C PRO H 58 -38.50 -15.43 -36.76
N GLY H 59 -37.33 -15.61 -37.37
CA GLY H 59 -36.22 -16.32 -36.75
C GLY H 59 -35.24 -15.46 -35.98
N SER H 60 -35.56 -14.18 -35.76
CA SER H 60 -34.67 -13.26 -35.05
C SER H 60 -35.02 -13.15 -33.57
N THR H 61 -35.54 -14.21 -32.97
CA THR H 61 -35.94 -14.22 -31.57
C THR H 61 -34.93 -14.99 -30.74
N PHE H 62 -34.69 -14.50 -29.53
CA PHE H 62 -33.78 -15.14 -28.58
C PHE H 62 -34.51 -15.36 -27.26
N GLY H 63 -34.51 -16.61 -26.79
CA GLY H 63 -35.15 -16.96 -25.54
C GLY H 63 -36.61 -17.29 -25.63
N THR H 64 -37.24 -17.12 -26.80
CA THR H 64 -38.64 -17.42 -26.98
C THR H 64 -38.81 -18.84 -27.52
N THR H 65 -40.04 -19.20 -27.88
CA THR H 65 -40.35 -20.51 -28.43
C THR H 65 -41.19 -20.33 -29.69
N ALA H 66 -40.90 -21.14 -30.71
CA ALA H 66 -41.64 -21.06 -31.95
C ALA H 66 -43.10 -21.41 -31.71
N THR H 67 -44.00 -20.61 -32.30
CA THR H 67 -45.43 -20.79 -32.14
C THR H 67 -46.12 -20.60 -33.49
N LEU H 68 -47.29 -21.22 -33.63
CA LEU H 68 -48.12 -21.11 -34.82
C LEU H 68 -49.51 -20.65 -34.43
N THR H 69 -50.03 -19.66 -35.14
CA THR H 69 -51.35 -19.09 -34.88
C THR H 69 -52.28 -19.47 -36.02
N ILE H 70 -53.41 -20.09 -35.69
CA ILE H 70 -54.42 -20.49 -36.66
C ILE H 70 -55.76 -19.91 -36.24
N THR H 71 -56.44 -19.27 -37.19
CA THR H 71 -57.76 -18.68 -36.94
C THR H 71 -58.74 -19.19 -37.98
N SER H 72 -60.02 -19.13 -37.63
CA SER H 72 -61.11 -19.62 -38.49
C SER H 72 -60.88 -21.09 -38.83
N VAL H 73 -60.87 -21.92 -37.79
CA VAL H 73 -60.63 -23.35 -37.97
C VAL H 73 -61.79 -23.96 -38.75
N GLU H 74 -61.47 -24.70 -39.80
CA GLU H 74 -62.44 -25.36 -40.65
C GLU H 74 -62.34 -26.87 -40.47
N ALA H 75 -63.20 -27.60 -41.18
CA ALA H 75 -63.20 -29.05 -41.10
C ALA H 75 -61.98 -29.68 -41.76
N GLY H 76 -61.30 -28.96 -42.65
CA GLY H 76 -60.14 -29.46 -43.33
C GLY H 76 -58.84 -29.35 -42.57
N ASP H 77 -58.87 -28.81 -41.36
CA ASP H 77 -57.68 -28.66 -40.54
C ASP H 77 -57.42 -29.84 -39.61
N GLU H 78 -58.24 -30.88 -39.69
CA GLU H 78 -58.10 -32.05 -38.83
C GLU H 78 -56.93 -32.88 -39.33
N ALA H 79 -55.72 -32.55 -38.85
CA ALA H 79 -54.52 -33.26 -39.24
C ALA H 79 -53.47 -33.05 -38.15
N ASP H 80 -52.48 -33.95 -38.15
CA ASP H 80 -51.39 -33.86 -37.19
C ASP H 80 -50.32 -32.91 -37.71
N TYR H 81 -49.99 -31.89 -36.92
CA TYR H 81 -49.02 -30.88 -37.30
C TYR H 81 -47.68 -31.18 -36.63
N TYR H 82 -46.60 -31.04 -37.40
CA TYR H 82 -45.25 -31.29 -36.92
C TYR H 82 -44.39 -30.05 -37.18
N CYS H 83 -43.43 -29.83 -36.30
CA CYS H 83 -42.49 -28.72 -36.40
C CYS H 83 -41.08 -29.25 -36.59
N HIS H 84 -40.29 -28.52 -37.36
CA HIS H 84 -38.90 -28.89 -37.63
C HIS H 84 -38.03 -27.66 -37.42
N ILE H 85 -37.26 -27.66 -36.35
CA ILE H 85 -36.39 -26.53 -36.02
C ILE H 85 -35.08 -26.67 -36.80
N TRP H 86 -34.50 -25.52 -37.15
CA TRP H 86 -33.20 -25.47 -37.84
C TRP H 86 -32.36 -24.41 -37.13
N ASP H 87 -31.64 -24.84 -36.09
CA ASP H 87 -30.84 -23.95 -35.27
C ASP H 87 -29.38 -23.96 -35.72
N SER H 88 -28.74 -22.80 -35.64
CA SER H 88 -27.31 -22.72 -35.90
C SER H 88 -26.48 -23.16 -34.70
N ARG H 89 -27.09 -23.35 -33.54
CA ARG H 89 -26.37 -23.83 -32.36
C ARG H 89 -26.15 -25.34 -32.43
N ARG H 90 -27.24 -26.10 -32.44
CA ARG H 90 -27.14 -27.55 -32.45
C ARG H 90 -26.99 -28.05 -33.89
N PRO H 91 -26.43 -29.25 -34.07
CA PRO H 91 -26.40 -29.85 -35.41
C PRO H 91 -27.82 -30.09 -35.93
N THR H 92 -27.89 -30.54 -37.18
CA THR H 92 -29.18 -30.80 -37.79
C THR H 92 -29.87 -31.96 -37.09
N ASN H 93 -31.07 -31.71 -36.57
CA ASN H 93 -31.83 -32.73 -35.84
C ASN H 93 -32.69 -33.51 -36.83
N TRP H 94 -32.51 -34.83 -36.84
CA TRP H 94 -33.23 -35.70 -37.75
C TRP H 94 -34.52 -36.26 -37.15
N VAL H 95 -34.85 -35.91 -35.91
CA VAL H 95 -36.06 -36.35 -35.24
C VAL H 95 -36.97 -35.16 -35.05
N PHE H 96 -38.23 -35.29 -35.48
CA PHE H 96 -39.19 -34.21 -35.35
C PHE H 96 -39.68 -34.10 -33.91
N GLY H 97 -40.31 -32.97 -33.62
CA GLY H 97 -40.79 -32.68 -32.28
C GLY H 97 -42.10 -33.40 -31.99
N GLU H 98 -42.67 -33.06 -30.83
CA GLU H 98 -43.91 -33.67 -30.38
C GLU H 98 -45.05 -33.20 -31.27
N GLY H 99 -45.50 -34.05 -32.18
CA GLY H 99 -46.59 -33.72 -33.08
C GLY H 99 -47.88 -33.39 -32.34
N THR H 100 -48.51 -32.29 -32.72
CA THR H 100 -49.77 -31.86 -32.13
C THR H 100 -50.92 -32.25 -33.06
N THR H 101 -51.85 -33.04 -32.53
CA THR H 101 -53.01 -33.48 -33.30
C THR H 101 -54.15 -32.49 -33.09
N LEU H 102 -54.61 -31.89 -34.19
CA LEU H 102 -55.73 -30.94 -34.13
C LEU H 102 -57.03 -31.69 -34.42
N ILE H 103 -57.98 -31.60 -33.49
CA ILE H 103 -59.27 -32.26 -33.61
C ILE H 103 -60.36 -31.20 -33.52
N VAL H 104 -61.31 -31.26 -34.45
CA VAL H 104 -62.40 -30.30 -34.54
C VAL H 104 -63.71 -31.01 -34.25
N LEU H 105 -64.52 -30.41 -33.38
CA LEU H 105 -65.81 -30.99 -33.00
C LEU H 105 -66.82 -30.82 -34.14
N LEU I 9 -10.41 47.53 15.68
CA LEU I 9 -9.09 47.75 15.11
C LEU I 9 -8.30 46.45 15.07
N GLY I 10 -7.55 46.25 13.98
CA GLY I 10 -6.77 45.05 13.79
C GLY I 10 -6.95 44.45 12.42
N PHE I 11 -7.00 43.13 12.34
CA PHE I 11 -7.19 42.44 11.06
C PHE I 11 -8.54 42.86 10.48
N LEU I 12 -8.50 43.55 9.34
CA LEU I 12 -9.70 44.14 8.74
C LEU I 12 -10.41 45.08 9.71
N GLY I 13 -9.62 45.74 10.56
CA GLY I 13 -10.19 46.69 11.49
C GLY I 13 -10.73 47.92 10.78
N ALA I 14 -11.74 48.53 11.40
CA ALA I 14 -12.37 49.74 10.85
C ALA I 14 -12.93 49.49 9.47
N ALA I 15 -13.45 48.28 9.25
CA ALA I 15 -14.03 47.94 7.96
C ALA I 15 -15.26 48.79 7.66
N GLY I 16 -16.11 49.01 8.67
CA GLY I 16 -17.29 49.84 8.53
C GLY I 16 -17.07 51.30 8.82
N SER I 17 -15.81 51.74 8.92
CA SER I 17 -15.49 53.12 9.24
C SER I 17 -15.62 53.99 8.00
N THR I 18 -15.10 55.22 8.07
CA THR I 18 -15.33 56.21 7.03
C THR I 18 -14.83 55.71 5.67
N MET I 19 -15.20 56.45 4.62
CA MET I 19 -14.88 56.06 3.26
C MET I 19 -13.44 56.38 2.90
N GLY I 20 -13.02 57.64 3.10
CA GLY I 20 -11.70 58.09 2.69
C GLY I 20 -10.77 58.34 3.84
N ALA I 21 -11.31 58.72 4.99
CA ALA I 21 -10.51 58.98 6.18
C ALA I 21 -10.20 57.72 6.97
N ALA I 22 -10.53 56.54 6.44
CA ALA I 22 -10.21 55.27 7.07
C ALA I 22 -8.90 54.67 6.54
N SER I 23 -7.98 55.52 6.10
CA SER I 23 -6.71 55.04 5.58
C SER I 23 -5.81 54.45 6.65
N LEU I 24 -6.14 54.64 7.94
CA LEU I 24 -5.30 54.13 9.01
C LEU I 24 -5.23 52.60 9.00
N THR I 25 -6.20 51.92 8.40
CA THR I 25 -6.22 50.47 8.35
C THR I 25 -5.53 49.91 7.10
N LEU I 26 -4.92 50.77 6.29
CA LEU I 26 -4.21 50.27 5.11
C LEU I 26 -3.01 49.42 5.50
N THR I 27 -2.17 49.92 6.40
CA THR I 27 -0.96 49.19 6.77
C THR I 27 -1.26 47.88 7.47
N VAL I 28 -2.24 47.87 8.38
CA VAL I 28 -2.56 46.64 9.09
C VAL I 28 -3.14 45.59 8.15
N GLN I 29 -3.82 46.00 7.08
CA GLN I 29 -4.29 45.03 6.10
C GLN I 29 -3.14 44.44 5.30
N ALA I 30 -2.15 45.26 4.96
CA ALA I 30 -1.03 44.78 4.14
C ALA I 30 -0.13 43.82 4.90
N ARG I 31 0.17 44.13 6.17
CA ARG I 31 1.08 43.28 6.93
C ARG I 31 0.50 41.89 7.13
N LEU I 32 -0.78 41.79 7.47
CA LEU I 32 -1.40 40.51 7.78
C LEU I 32 -1.84 39.75 6.53
N LEU I 33 -1.48 40.21 5.34
CA LEU I 33 -1.91 39.55 4.12
C LEU I 33 -1.12 38.28 3.83
N LEU I 34 0.16 38.21 4.25
CA LEU I 34 0.97 37.01 4.09
C LEU I 34 1.58 36.51 5.39
N SER I 35 2.04 37.41 6.26
CA SER I 35 2.69 36.98 7.49
C SER I 35 1.72 36.25 8.39
N GLY I 36 0.49 36.75 8.53
CA GLY I 36 -0.50 36.11 9.37
C GLY I 36 -0.20 36.26 10.85
N THR I 58 0.68 13.52 6.54
CA THR I 58 -0.66 13.22 7.05
C THR I 58 -1.72 13.95 6.25
N VAL I 59 -2.97 13.87 6.70
CA VAL I 59 -4.06 14.50 5.98
C VAL I 59 -3.90 16.02 5.97
N TRP I 60 -3.55 16.59 7.13
CA TRP I 60 -3.38 18.04 7.19
C TRP I 60 -2.14 18.50 6.45
N GLY I 61 -1.08 17.68 6.46
CA GLY I 61 0.16 18.08 5.80
C GLY I 61 -0.02 18.34 4.31
N ILE I 62 -0.70 17.42 3.62
CA ILE I 62 -0.99 17.65 2.21
C ILE I 62 -1.88 18.87 2.05
N LYS I 63 -2.86 19.02 2.95
CA LYS I 63 -3.72 20.20 2.92
C LYS I 63 -2.92 21.48 3.20
N GLN I 64 -1.94 21.41 4.11
CA GLN I 64 -1.11 22.57 4.38
C GLN I 64 -0.33 22.99 3.14
N LEU I 65 0.17 22.02 2.38
CA LEU I 65 0.87 22.34 1.15
C LEU I 65 -0.04 23.09 0.17
N GLN I 66 -1.27 22.62 0.02
CA GLN I 66 -2.29 23.38 -0.72
C GLN I 66 -3.08 24.28 0.22
N ALA I 67 -2.36 24.96 1.11
CA ALA I 67 -2.89 26.07 1.89
C ALA I 67 -1.89 27.21 2.05
N ARG I 68 -0.59 26.95 1.93
CA ARG I 68 0.45 27.94 2.07
C ARG I 68 0.94 28.49 0.74
N VAL I 69 1.03 27.63 -0.28
CA VAL I 69 1.37 28.10 -1.62
C VAL I 69 0.29 29.04 -2.13
N LEU I 70 -0.98 28.73 -1.83
CA LEU I 70 -2.07 29.61 -2.25
C LEU I 70 -1.92 30.99 -1.62
N ALA I 71 -1.56 31.03 -0.33
CA ALA I 71 -1.36 32.31 0.33
C ALA I 71 -0.20 33.09 -0.30
N ILE I 72 0.81 32.39 -0.81
CA ILE I 72 1.97 33.08 -1.38
C ILE I 72 1.59 33.78 -2.68
N GLU I 73 1.06 33.03 -3.65
CA GLU I 73 0.72 33.61 -4.94
C GLU I 73 -0.38 34.66 -4.82
N ARG I 74 -1.26 34.53 -3.82
CA ARG I 74 -2.28 35.55 -3.62
C ARG I 74 -1.64 36.91 -3.34
N TYR I 75 -0.61 36.93 -2.50
CA TYR I 75 0.10 38.18 -2.24
C TYR I 75 0.84 38.66 -3.48
N LEU I 76 1.49 37.74 -4.21
CA LEU I 76 2.23 38.14 -5.40
C LEU I 76 1.31 38.62 -6.51
N LYS I 77 0.17 37.96 -6.70
CA LYS I 77 -0.75 38.37 -7.76
C LYS I 77 -1.21 39.80 -7.55
N ASP I 78 -1.59 40.14 -6.32
CA ASP I 78 -1.96 41.53 -6.03
C ASP I 78 -0.77 42.45 -6.17
N GLN I 79 0.41 42.03 -5.73
CA GLN I 79 1.60 42.85 -5.88
C GLN I 79 2.05 42.97 -7.33
N GLN I 80 1.65 42.03 -8.18
CA GLN I 80 2.03 42.12 -9.59
C GLN I 80 1.43 43.36 -10.24
N LEU I 81 0.15 43.63 -9.99
CA LEU I 81 -0.50 44.80 -10.59
C LEU I 81 0.15 46.09 -10.11
N LEU I 82 0.46 46.18 -8.82
CA LEU I 82 1.06 47.40 -8.29
C LEU I 82 2.44 47.63 -8.87
N GLY I 83 3.22 46.55 -9.05
CA GLY I 83 4.59 46.72 -9.50
C GLY I 83 4.70 47.28 -10.91
N ILE I 84 3.88 46.76 -11.84
CA ILE I 84 4.01 47.15 -13.23
C ILE I 84 3.53 48.59 -13.43
N TRP I 85 2.58 49.04 -12.64
CA TRP I 85 2.04 50.39 -12.82
C TRP I 85 2.95 51.48 -12.31
N GLY I 86 4.20 51.20 -11.95
CA GLY I 86 5.09 52.24 -11.46
C GLY I 86 4.73 52.77 -10.10
N CYS I 87 3.97 51.99 -9.32
CA CYS I 87 3.49 52.41 -8.01
C CYS I 87 3.63 51.27 -7.01
N SER I 88 4.82 50.67 -6.97
CA SER I 88 5.11 49.57 -6.06
C SER I 88 5.47 50.11 -4.69
N GLY I 89 4.84 49.58 -3.65
CA GLY I 89 5.21 49.89 -2.29
C GLY I 89 5.02 51.33 -1.88
N LYS I 90 3.88 51.93 -2.23
CA LYS I 90 3.56 53.30 -1.86
C LYS I 90 2.17 53.48 -1.28
N LEU I 91 1.23 52.57 -1.57
CA LEU I 91 -0.16 52.67 -1.09
C LEU I 91 -0.92 53.81 -1.76
N ILE I 92 -0.27 54.53 -2.69
CA ILE I 92 -0.93 55.48 -3.56
C ILE I 92 -0.31 55.29 -4.94
N CYS I 93 -1.17 55.26 -5.96
CA CYS I 93 -0.72 54.88 -7.31
C CYS I 93 -1.09 56.02 -8.24
N THR I 94 -0.19 57.00 -8.32
CA THR I 94 -0.41 58.16 -9.19
C THR I 94 -0.38 57.71 -10.65
N THR I 95 -1.31 58.22 -11.43
CA THR I 95 -1.47 57.82 -12.83
C THR I 95 -1.72 59.05 -13.69
N THR I 96 -1.81 58.82 -15.00
CA THR I 96 -2.07 59.87 -15.98
C THR I 96 -3.40 59.69 -16.70
N VAL I 97 -3.95 58.49 -16.72
CA VAL I 97 -5.22 58.25 -17.44
C VAL I 97 -6.35 58.95 -16.70
N PRO I 98 -7.11 59.84 -17.33
CA PRO I 98 -8.20 60.52 -16.62
C PRO I 98 -9.44 59.64 -16.54
N TRP I 99 -10.47 60.18 -15.91
CA TRP I 99 -11.73 59.47 -15.79
C TRP I 99 -12.43 59.37 -17.15
N ASN I 100 -13.37 58.43 -17.24
CA ASN I 100 -14.17 58.23 -18.43
C ASN I 100 -15.65 58.23 -18.06
N THR I 101 -16.47 58.79 -18.94
CA THR I 101 -17.89 58.93 -18.66
C THR I 101 -18.59 57.58 -18.50
N SER I 102 -18.01 56.50 -19.01
CA SER I 102 -18.67 55.20 -19.00
C SER I 102 -18.65 54.53 -17.63
N TRP I 103 -17.82 55.00 -16.69
CA TRP I 103 -17.76 54.35 -15.39
C TRP I 103 -18.99 54.71 -14.55
N SER I 104 -19.15 55.99 -14.22
CA SER I 104 -20.27 56.49 -13.44
C SER I 104 -20.07 57.98 -13.24
N ASN I 105 -21.10 58.63 -12.68
CA ASN I 105 -21.02 60.03 -12.26
C ASN I 105 -21.15 60.07 -10.76
N LYS I 106 -20.07 60.41 -10.06
CA LYS I 106 -20.08 60.52 -8.61
C LYS I 106 -19.36 61.79 -8.20
N SER I 107 -20.04 62.62 -7.42
CA SER I 107 -19.49 63.90 -7.03
C SER I 107 -18.38 63.72 -6.00
N TYR I 108 -17.71 64.83 -5.69
CA TYR I 108 -16.57 64.85 -4.77
C TYR I 108 -17.00 65.48 -3.45
N ASP I 109 -16.58 64.86 -2.35
CA ASP I 109 -16.82 65.29 -0.97
C ASP I 109 -18.25 65.01 -0.51
N TYR I 110 -19.13 64.51 -1.37
CA TYR I 110 -20.48 64.13 -1.00
C TYR I 110 -20.69 62.62 -1.06
N ILE I 111 -20.21 61.97 -2.13
CA ILE I 111 -20.19 60.51 -2.18
C ILE I 111 -19.08 59.92 -1.34
N TRP I 112 -18.16 60.75 -0.85
CA TRP I 112 -16.98 60.29 -0.14
C TRP I 112 -17.13 60.34 1.38
N ASN I 113 -18.35 60.58 1.88
CA ASN I 113 -18.62 60.56 3.32
C ASN I 113 -19.75 59.63 3.71
N ASN I 114 -20.63 59.25 2.78
CA ASN I 114 -21.71 58.30 3.09
C ASN I 114 -21.91 57.40 1.87
N MET I 115 -21.22 56.26 1.88
CA MET I 115 -21.41 55.23 0.86
C MET I 115 -20.69 53.97 1.32
N THR I 116 -21.34 52.82 1.10
CA THR I 116 -20.72 51.55 1.47
C THR I 116 -19.68 51.16 0.42
N TRP I 117 -18.43 50.98 0.87
CA TRP I 117 -17.36 50.62 -0.04
C TRP I 117 -17.63 49.31 -0.75
N MET I 118 -18.36 48.40 -0.12
CA MET I 118 -18.83 47.19 -0.81
C MET I 118 -19.54 47.53 -2.10
N GLN I 119 -20.56 48.40 -2.04
CA GLN I 119 -21.34 48.68 -3.23
C GLN I 119 -20.53 49.40 -4.29
N TRP I 120 -19.54 50.20 -3.89
CA TRP I 120 -18.74 50.94 -4.86
C TRP I 120 -18.01 49.99 -5.80
N GLU I 121 -17.42 48.92 -5.25
CA GLU I 121 -16.72 47.97 -6.10
C GLU I 121 -17.68 47.21 -7.01
N ARG I 122 -18.86 46.85 -6.49
CA ARG I 122 -19.85 46.15 -7.30
C ARG I 122 -20.21 46.95 -8.54
N GLU I 123 -20.23 48.27 -8.44
CA GLU I 123 -20.62 49.10 -9.58
C GLU I 123 -19.63 49.00 -10.73
N ILE I 124 -18.35 48.75 -10.42
CA ILE I 124 -17.29 48.81 -11.41
C ILE I 124 -16.71 47.44 -11.74
N ASP I 125 -17.07 46.39 -10.99
CA ASP I 125 -16.46 45.08 -11.20
C ASP I 125 -16.61 44.61 -12.64
N ASN I 126 -17.82 44.71 -13.19
CA ASN I 126 -18.04 44.25 -14.56
C ASN I 126 -17.24 45.05 -15.57
N TYR I 127 -16.77 46.23 -15.20
CA TYR I 127 -15.95 47.06 -16.08
C TYR I 127 -14.59 47.42 -15.48
N THR I 128 -14.16 46.72 -14.43
CA THR I 128 -12.89 47.03 -13.78
C THR I 128 -11.68 46.61 -14.59
N GLY I 129 -11.78 45.52 -15.37
CA GLY I 129 -10.60 44.93 -15.97
C GLY I 129 -9.92 45.76 -17.04
N PHE I 130 -10.65 46.71 -17.65
CA PHE I 130 -10.05 47.49 -18.72
C PHE I 130 -9.01 48.46 -18.20
N ILE I 131 -9.15 48.92 -16.96
CA ILE I 131 -8.22 49.92 -16.43
C ILE I 131 -6.82 49.36 -16.31
N TYR I 132 -6.69 48.07 -15.97
CA TYR I 132 -5.37 47.49 -15.76
C TYR I 132 -4.52 47.57 -17.02
N THR I 133 -5.11 47.22 -18.17
CA THR I 133 -4.37 47.30 -19.42
C THR I 133 -4.08 48.75 -19.81
N LEU I 134 -5.04 49.66 -19.58
CA LEU I 134 -4.87 51.03 -20.01
C LEU I 134 -3.74 51.73 -19.27
N ILE I 135 -3.64 51.51 -17.95
CA ILE I 135 -2.59 52.19 -17.18
C ILE I 135 -1.22 51.75 -17.65
N GLU I 136 -1.03 50.44 -17.86
CA GLU I 136 0.27 49.96 -18.29
C GLU I 136 0.65 50.51 -19.65
N GLU I 137 -0.33 50.64 -20.55
CA GLU I 137 -0.05 51.29 -21.83
C GLU I 137 0.41 52.72 -21.63
N SER I 138 -0.21 53.43 -20.68
CA SER I 138 0.22 54.78 -20.36
C SER I 138 1.51 54.77 -19.55
N GLN I 139 1.69 53.78 -18.67
CA GLN I 139 2.89 53.73 -17.85
C GLN I 139 4.15 53.57 -18.70
N ASN I 140 4.04 52.90 -19.84
CA ASN I 140 5.17 52.72 -20.72
C ASN I 140 5.51 53.99 -21.51
N GLN I 141 4.65 55.01 -21.48
CA GLN I 141 4.91 56.21 -22.26
C GLN I 141 5.98 57.07 -21.61
N GLN I 142 5.73 57.56 -20.39
CA GLN I 142 6.73 58.33 -19.68
C GLN I 142 7.92 57.50 -19.24
N GLU I 143 7.79 56.17 -19.25
CA GLU I 143 8.95 55.32 -19.05
C GLU I 143 9.97 55.53 -20.15
N LYS I 144 9.51 55.61 -21.40
CA LYS I 144 10.42 55.87 -22.51
C LYS I 144 10.88 57.33 -22.52
N ASN I 145 9.96 58.26 -22.23
CA ASN I 145 10.31 59.68 -22.27
C ASN I 145 11.31 60.05 -21.18
N GLU I 146 11.44 59.24 -20.13
CA GLU I 146 12.40 59.56 -19.07
C GLU I 146 13.81 59.62 -19.62
N LEU I 147 14.19 58.64 -20.44
CA LEU I 147 15.50 58.68 -21.08
C LEU I 147 15.61 59.85 -22.05
N GLU I 148 14.55 60.10 -22.82
CA GLU I 148 14.59 61.19 -23.80
C GLU I 148 14.66 62.55 -23.11
N LEU I 149 13.83 62.76 -22.08
CA LEU I 149 13.82 64.04 -21.38
C LEU I 149 15.08 64.25 -20.55
N LEU I 150 15.82 63.18 -20.25
CA LEU I 150 17.06 63.28 -19.48
C LEU I 150 16.79 63.88 -18.11
N GLU J 2 -14.58 67.75 -14.51
CA GLU J 2 -13.24 68.25 -14.23
C GLU J 2 -12.19 67.36 -14.88
N GLN J 3 -10.92 67.79 -14.83
CA GLN J 3 -9.81 67.00 -15.33
C GLN J 3 -9.45 65.91 -14.31
N LEU J 4 -10.41 65.05 -14.04
CA LEU J 4 -10.30 64.09 -12.95
C LEU J 4 -9.33 62.98 -13.33
N TRP J 5 -8.35 62.73 -12.47
CA TRP J 5 -7.40 61.65 -12.65
C TRP J 5 -7.87 60.43 -11.85
N VAL J 6 -7.00 59.42 -11.76
CA VAL J 6 -7.31 58.20 -11.04
C VAL J 6 -6.10 57.76 -10.22
N THR J 7 -6.38 57.04 -9.14
CA THR J 7 -5.34 56.43 -8.32
C THR J 7 -5.90 55.15 -7.72
N VAL J 8 -4.99 54.27 -7.32
CA VAL J 8 -5.33 52.93 -6.83
C VAL J 8 -4.92 52.84 -5.37
N TYR J 9 -5.84 52.38 -4.54
CA TYR J 9 -5.58 52.14 -3.12
C TYR J 9 -5.50 50.63 -2.90
N TYR J 10 -4.42 50.21 -2.26
CA TYR J 10 -4.17 48.79 -1.98
C TYR J 10 -4.25 48.57 -0.48
N GLY J 11 -4.89 47.46 -0.09
CA GLY J 11 -5.10 47.15 1.29
C GLY J 11 -6.43 47.59 1.85
N VAL J 12 -7.43 47.81 1.00
CA VAL J 12 -8.73 48.31 1.42
C VAL J 12 -9.67 47.14 1.64
N PRO J 13 -10.61 47.20 2.59
CA PRO J 13 -11.48 46.04 2.86
C PRO J 13 -12.55 45.88 1.80
N VAL J 14 -12.43 44.83 0.99
CA VAL J 14 -13.46 44.42 0.04
C VAL J 14 -13.51 42.90 0.05
N TRP J 15 -14.71 42.35 -0.09
CA TRP J 15 -14.99 40.96 0.19
C TRP J 15 -15.40 40.22 -1.09
N ARG J 16 -15.38 38.89 -0.99
CA ARG J 16 -15.81 38.00 -2.06
C ARG J 16 -15.84 36.59 -1.49
N GLU J 17 -16.86 35.82 -1.87
CA GLU J 17 -17.02 34.46 -1.40
C GLU J 17 -16.20 33.52 -2.29
N ALA J 18 -15.30 32.74 -1.67
CA ALA J 18 -14.39 31.88 -2.41
C ALA J 18 -14.18 30.59 -1.64
N ASN J 19 -14.68 29.49 -2.19
CA ASN J 19 -14.40 28.17 -1.64
C ASN J 19 -12.90 27.91 -1.62
N THR J 20 -12.40 27.41 -0.49
CA THR J 20 -10.97 27.18 -0.32
C THR J 20 -10.77 26.17 0.80
N THR J 21 -9.51 25.94 1.17
CA THR J 21 -9.14 24.99 2.20
C THR J 21 -9.01 25.67 3.55
N LEU J 22 -9.01 24.84 4.61
CA LEU J 22 -8.90 25.31 5.98
C LEU J 22 -7.75 24.60 6.68
N PHE J 23 -7.12 25.28 7.63
CA PHE J 23 -6.08 24.69 8.44
C PHE J 23 -6.68 23.94 9.63
N CYS J 24 -5.81 23.40 10.49
CA CYS J 24 -6.21 22.80 11.75
C CYS J 24 -5.30 23.33 12.85
N ALA J 25 -5.87 23.56 14.03
CA ALA J 25 -5.14 24.00 15.20
C ALA J 25 -5.42 23.07 16.36
N SER J 26 -4.36 22.55 16.98
CA SER J 26 -4.54 21.59 18.07
C SER J 26 -5.11 22.26 19.31
N ASP J 27 -4.55 23.41 19.70
CA ASP J 27 -4.98 24.13 20.89
C ASP J 27 -4.85 23.22 22.12
N ALA J 28 -3.61 22.84 22.41
CA ALA J 28 -3.32 21.96 23.53
C ALA J 28 -1.87 22.11 23.96
N GLU J 34 -1.34 11.35 25.35
CA GLU J 34 -1.15 12.17 24.15
C GLU J 34 -0.09 11.55 23.25
N VAL J 35 -0.27 10.28 22.92
CA VAL J 35 0.67 9.55 22.06
C VAL J 35 0.14 9.46 20.64
N HIS J 36 -1.13 9.13 20.48
CA HIS J 36 -1.78 9.14 19.18
C HIS J 36 -3.25 9.52 19.36
N ASN J 37 -3.87 9.86 18.23
CA ASN J 37 -5.28 10.23 18.21
C ASN J 37 -5.79 10.12 16.79
N VAL J 38 -7.04 9.63 16.65
CA VAL J 38 -7.60 9.45 15.32
C VAL J 38 -7.69 10.79 14.60
N TRP J 39 -8.13 11.83 15.30
CA TRP J 39 -7.94 13.19 14.84
C TRP J 39 -6.51 13.57 15.16
N ALA J 40 -5.76 14.03 14.15
CA ALA J 40 -4.31 14.13 14.26
C ALA J 40 -3.90 14.93 15.48
N THR J 41 -4.23 16.22 15.50
CA THR J 41 -3.98 17.09 16.64
C THR J 41 -2.50 17.13 17.04
N HIS J 42 -1.61 16.70 16.15
CA HIS J 42 -0.17 16.73 16.40
C HIS J 42 0.53 17.44 15.26
N ALA J 43 0.03 17.26 14.03
CA ALA J 43 0.48 18.04 12.90
C ALA J 43 -0.18 19.41 12.84
N CYS J 44 -1.27 19.61 13.58
CA CYS J 44 -1.93 20.91 13.63
C CYS J 44 -1.06 21.92 14.37
N VAL J 45 -1.11 23.16 13.93
CA VAL J 45 -0.35 24.24 14.55
C VAL J 45 -0.96 24.50 15.93
N PRO J 46 -0.22 24.36 17.03
CA PRO J 46 -0.84 24.59 18.35
C PRO J 46 -0.97 26.06 18.72
N THR J 47 -0.17 26.94 18.13
CA THR J 47 -0.09 28.32 18.60
C THR J 47 -1.37 29.07 18.25
N ASP J 48 -2.00 29.66 19.27
CA ASP J 48 -3.11 30.58 19.10
C ASP J 48 -2.89 31.77 20.02
N PRO J 49 -1.87 32.60 19.73
CA PRO J 49 -1.48 33.63 20.72
C PRO J 49 -2.45 34.82 20.79
N ASN J 50 -3.51 34.63 21.58
CA ASN J 50 -4.43 35.73 21.90
C ASN J 50 -5.05 36.31 20.64
N PRO J 51 -5.97 35.60 19.99
CA PRO J 51 -6.60 36.16 18.79
C PRO J 51 -7.29 37.48 19.08
N GLN J 52 -7.35 38.33 18.06
CA GLN J 52 -7.84 39.69 18.24
C GLN J 52 -9.36 39.76 18.33
N GLU J 53 -10.07 38.86 17.64
CA GLU J 53 -11.52 38.92 17.45
C GLU J 53 -11.97 40.36 17.21
N VAL J 54 -11.44 40.94 16.14
CA VAL J 54 -11.68 42.36 15.85
C VAL J 54 -13.17 42.59 15.65
N VAL J 55 -13.67 43.66 16.26
CA VAL J 55 -15.11 43.96 16.25
C VAL J 55 -15.42 44.86 15.07
N MET J 56 -16.03 44.30 14.03
CA MET J 56 -16.55 45.10 12.94
C MET J 56 -17.89 45.69 13.34
N GLY J 57 -18.38 46.62 12.52
CA GLY J 57 -19.64 47.28 12.80
C GLY J 57 -20.29 47.83 11.55
N ASN J 58 -21.60 47.99 11.62
CA ASN J 58 -22.38 48.62 10.55
C ASN J 58 -22.18 47.90 9.22
N VAL J 59 -22.17 46.57 9.27
CA VAL J 59 -22.04 45.73 8.10
C VAL J 59 -23.32 44.93 7.91
N THR J 60 -23.94 45.08 6.74
CA THR J 60 -25.13 44.31 6.38
C THR J 60 -24.70 43.16 5.48
N GLU J 61 -24.13 42.14 6.11
CA GLU J 61 -23.63 40.97 5.40
C GLU J 61 -24.61 39.82 5.52
N ASP J 62 -24.76 39.06 4.44
CA ASP J 62 -25.69 37.94 4.38
C ASP J 62 -24.93 36.63 4.52
N PHE J 63 -25.46 35.74 5.37
CA PHE J 63 -24.92 34.40 5.55
C PHE J 63 -25.92 33.38 5.03
N ASN J 64 -25.43 32.41 4.26
CA ASN J 64 -26.22 31.29 3.78
C ASN J 64 -25.76 30.03 4.50
N MET J 65 -26.69 29.36 5.16
CA MET J 65 -26.36 28.21 6.00
C MET J 65 -26.52 26.88 5.28
N TRP J 66 -27.53 26.74 4.42
CA TRP J 66 -27.61 25.54 3.59
C TRP J 66 -26.50 25.51 2.54
N LYS J 67 -26.23 26.66 1.92
CA LYS J 67 -25.29 26.73 0.81
C LYS J 67 -23.83 26.80 1.24
N ASN J 68 -23.55 26.99 2.53
CA ASN J 68 -22.17 27.07 2.99
C ASN J 68 -21.45 25.76 2.75
N ASN J 69 -20.24 25.84 2.20
CA ASN J 69 -19.42 24.65 1.93
C ASN J 69 -18.34 24.39 2.98
N MET J 70 -18.30 25.17 4.06
CA MET J 70 -17.38 24.81 5.14
C MET J 70 -17.72 23.44 5.70
N VAL J 71 -19.02 23.15 5.85
CA VAL J 71 -19.42 21.83 6.32
C VAL J 71 -19.01 20.76 5.32
N GLU J 72 -19.29 20.98 4.03
CA GLU J 72 -18.92 20.00 3.02
C GLU J 72 -17.42 19.79 2.97
N GLN J 73 -16.65 20.88 3.06
CA GLN J 73 -15.21 20.75 3.16
C GLN J 73 -14.81 19.96 4.40
N MET J 74 -15.46 20.24 5.53
CA MET J 74 -15.17 19.51 6.75
C MET J 74 -15.68 18.07 6.68
N HIS J 75 -16.81 17.84 6.02
CA HIS J 75 -17.35 16.49 5.96
C HIS J 75 -16.37 15.53 5.30
N GLU J 76 -15.73 15.97 4.21
CA GLU J 76 -14.73 15.14 3.58
C GLU J 76 -13.47 15.02 4.43
N ASP J 77 -13.12 16.08 5.18
CA ASP J 77 -11.94 16.01 6.03
C ASP J 77 -12.07 14.92 7.08
N ILE J 78 -13.23 14.83 7.73
CA ILE J 78 -13.40 13.84 8.80
C ILE J 78 -13.27 12.43 8.25
N ILE J 79 -13.91 12.15 7.11
CA ILE J 79 -13.81 10.82 6.52
C ILE J 79 -12.36 10.48 6.23
N SER J 80 -11.59 11.45 5.73
CA SER J 80 -10.19 11.20 5.42
C SER J 80 -9.41 10.82 6.67
N LEU J 81 -9.68 11.50 7.79
CA LEU J 81 -8.94 11.20 9.03
C LEU J 81 -9.24 9.78 9.51
N TRP J 82 -10.52 9.41 9.62
CA TRP J 82 -10.87 8.07 10.07
C TRP J 82 -10.28 7.02 9.13
N CYS J 83 -10.55 7.14 7.84
CA CYS J 83 -10.18 6.07 6.91
C CYS J 83 -8.68 5.98 6.73
N GLN J 84 -7.96 7.10 6.79
CA GLN J 84 -6.51 7.09 6.67
C GLN J 84 -5.81 6.69 7.96
N SER J 85 -6.49 6.76 9.10
CA SER J 85 -5.88 6.41 10.37
C SER J 85 -5.99 4.91 10.68
N LEU J 86 -6.65 4.14 9.82
CA LEU J 86 -6.79 2.70 10.04
C LEU J 86 -5.80 1.88 9.23
N LYS J 87 -5.37 2.35 8.06
CA LYS J 87 -4.56 1.53 7.18
C LYS J 87 -3.24 1.10 7.80
N PRO J 88 -2.47 1.98 8.49
CA PRO J 88 -1.15 1.54 8.95
C PRO J 88 -1.17 0.69 10.22
N CYS J 89 -2.11 -0.25 10.34
CA CYS J 89 -2.17 -1.15 11.47
C CYS J 89 -2.86 -2.44 11.02
N VAL J 90 -2.97 -3.41 11.93
CA VAL J 90 -3.38 -4.76 11.58
C VAL J 90 -4.78 -4.76 10.99
N LYS J 91 -5.10 -5.83 10.27
CA LYS J 91 -6.42 -6.07 9.71
C LYS J 91 -6.98 -7.38 10.22
N LEU J 92 -8.30 -7.42 10.37
CA LEU J 92 -8.96 -8.61 10.92
C LEU J 92 -8.71 -9.83 10.07
N THR J 93 -8.86 -9.71 8.75
CA THR J 93 -8.70 -10.87 7.89
C THR J 93 -7.26 -11.36 7.95
N PRO J 94 -7.04 -12.69 7.93
CA PRO J 94 -8.01 -13.79 7.92
C PRO J 94 -8.59 -14.08 9.31
N LEU J 95 -9.84 -13.71 9.56
CA LEU J 95 -10.56 -14.21 10.74
C LEU J 95 -12.02 -14.53 10.49
N CYS J 96 -12.64 -14.06 9.41
CA CYS J 96 -14.07 -14.28 9.21
C CYS J 96 -14.35 -15.60 8.52
N VAL J 97 -13.86 -16.68 9.12
CA VAL J 97 -14.22 -18.04 8.72
C VAL J 97 -15.44 -18.46 9.52
N THR J 98 -16.16 -19.48 9.04
CA THR J 98 -17.31 -19.98 9.79
C THR J 98 -16.85 -20.44 11.16
N LEU J 99 -17.57 -20.00 12.19
CA LEU J 99 -17.21 -20.24 13.57
C LEU J 99 -18.04 -21.39 14.11
N HIS J 100 -17.39 -22.44 14.59
CA HIS J 100 -18.08 -23.51 15.31
C HIS J 100 -18.49 -22.93 16.66
N CYS J 101 -19.71 -22.42 16.72
CA CYS J 101 -20.06 -21.41 17.71
C CYS J 101 -21.39 -21.78 18.34
N THR J 102 -21.45 -21.80 19.66
CA THR J 102 -22.53 -22.46 20.38
C THR J 102 -22.96 -21.60 21.56
N ASN J 103 -23.75 -22.20 22.45
CA ASN J 103 -24.22 -21.53 23.65
C ASN J 103 -23.04 -21.19 24.56
N VAL J 104 -23.34 -20.53 25.67
CA VAL J 104 -22.34 -20.09 26.63
C VAL J 104 -22.41 -20.99 27.85
N THR J 105 -21.26 -21.48 28.29
CA THR J 105 -21.18 -22.35 29.46
C THR J 105 -20.85 -21.53 30.71
N THR J 117 -23.43 -17.38 35.09
CA THR J 117 -22.94 -17.57 33.73
C THR J 117 -23.14 -16.31 32.89
N MET J 118 -22.07 -15.82 32.28
CA MET J 118 -22.18 -14.68 31.39
C MET J 118 -23.15 -15.00 30.26
N ARG J 119 -24.02 -14.05 29.94
CA ARG J 119 -25.23 -14.36 29.20
C ARG J 119 -25.61 -13.18 28.30
N GLU J 120 -26.82 -13.26 27.76
CA GLU J 120 -27.45 -12.21 26.96
C GLU J 120 -26.76 -12.17 25.60
N GLU J 121 -26.06 -11.09 25.23
CA GLU J 121 -25.43 -11.05 23.91
C GLU J 121 -24.23 -11.98 23.80
N MET J 122 -23.51 -12.24 24.88
CA MET J 122 -22.27 -12.99 24.81
C MET J 122 -22.55 -14.43 24.37
N LYS J 123 -21.79 -14.89 23.38
CA LYS J 123 -22.06 -16.15 22.71
C LYS J 123 -20.75 -16.94 22.52
N ASN J 124 -20.04 -17.16 23.63
CA ASN J 124 -18.66 -17.65 23.67
C ASN J 124 -18.38 -18.64 22.54
N CYS J 125 -17.37 -18.33 21.72
CA CYS J 125 -17.35 -18.71 20.33
C CYS J 125 -15.94 -19.12 19.90
N SER J 126 -15.85 -20.01 18.92
CA SER J 126 -14.58 -20.60 18.50
C SER J 126 -14.20 -20.15 17.10
N PHE J 127 -12.89 -20.17 16.81
CA PHE J 127 -12.33 -19.59 15.60
C PHE J 127 -11.86 -20.63 14.58
N ASN J 128 -10.94 -21.50 14.95
CA ASN J 128 -10.40 -22.52 14.03
C ASN J 128 -9.66 -21.85 12.87
N THR J 129 -8.64 -21.06 13.21
CA THR J 129 -7.98 -20.22 12.21
C THR J 129 -6.48 -20.16 12.46
N THR J 130 -5.82 -19.24 11.75
CA THR J 130 -4.37 -19.11 11.69
C THR J 130 -3.56 -19.21 12.99
N THR J 131 -2.37 -19.81 12.91
CA THR J 131 -1.55 -20.06 14.10
C THR J 131 -0.69 -18.86 14.50
N VAL J 132 0.25 -18.44 13.63
CA VAL J 132 1.29 -17.43 13.87
C VAL J 132 2.57 -17.85 13.14
N ILE J 133 2.75 -19.15 12.96
CA ILE J 133 3.91 -19.69 12.25
C ILE J 133 3.48 -20.10 10.85
N ARG J 134 2.50 -19.38 10.30
CA ARG J 134 1.96 -19.59 8.96
C ARG J 134 1.11 -20.85 8.90
N ASP J 135 1.72 -22.03 9.11
CA ASP J 135 1.00 -23.28 8.96
C ASP J 135 0.98 -24.16 10.21
N LYS J 136 -0.23 -24.54 10.61
CA LYS J 136 -0.52 -25.40 11.76
C LYS J 136 -2.01 -25.26 12.07
N ILE J 137 -2.45 -24.01 12.26
CA ILE J 137 -3.86 -23.70 12.48
C ILE J 137 -4.31 -24.34 13.79
N GLN J 138 -4.39 -23.53 14.85
CA GLN J 138 -4.86 -23.98 16.15
C GLN J 138 -6.30 -23.51 16.35
N LYS J 139 -7.03 -24.23 17.20
CA LYS J 139 -8.45 -23.97 17.42
C LYS J 139 -8.64 -23.11 18.66
N GLU J 140 -8.34 -21.82 18.50
CA GLU J 140 -8.54 -20.86 19.57
C GLU J 140 -9.98 -20.38 19.58
N TYR J 141 -10.33 -19.57 20.59
CA TYR J 141 -11.70 -19.14 20.79
C TYR J 141 -11.70 -17.74 21.40
N ALA J 142 -12.82 -17.05 21.22
CA ALA J 142 -13.02 -15.74 21.81
C ALA J 142 -14.51 -15.41 21.80
N LEU J 143 -14.90 -14.47 22.65
CA LEU J 143 -16.29 -14.08 22.76
C LEU J 143 -16.70 -13.14 21.62
N PHE J 144 -18.02 -12.95 21.49
CA PHE J 144 -18.57 -12.02 20.52
C PHE J 144 -19.98 -11.66 20.94
N TYR J 145 -20.47 -10.55 20.39
CA TYR J 145 -21.82 -10.09 20.67
C TYR J 145 -22.78 -10.58 19.60
N LYS J 146 -24.05 -10.73 20.00
CA LYS J 146 -25.06 -11.22 19.06
C LYS J 146 -25.25 -10.26 17.89
N LEU J 147 -25.21 -8.96 18.14
CA LEU J 147 -25.33 -7.99 17.06
C LEU J 147 -24.17 -8.13 16.07
N ASP J 148 -22.96 -8.33 16.59
CA ASP J 148 -21.79 -8.45 15.71
C ASP J 148 -21.91 -9.66 14.79
N ILE J 149 -22.35 -10.79 15.33
CA ILE J 149 -22.38 -12.06 14.61
C ILE J 149 -23.71 -12.20 13.89
N VAL J 150 -23.67 -12.88 12.74
CA VAL J 150 -24.85 -13.06 11.89
C VAL J 150 -24.91 -14.52 11.46
N PRO J 151 -26.09 -15.13 11.31
CA PRO J 151 -26.14 -16.49 10.78
C PRO J 151 -25.89 -16.50 9.27
N ILE J 152 -25.42 -17.64 8.77
CA ILE J 152 -25.18 -17.82 7.35
C ILE J 152 -26.52 -18.05 6.65
N ASN J 156 -24.50 -25.12 9.26
CA ASN J 156 -25.22 -26.10 10.07
C ASN J 156 -26.52 -25.47 10.59
N THR J 157 -27.09 -26.07 11.64
CA THR J 157 -28.38 -25.60 12.15
C THR J 157 -28.25 -24.21 12.77
N ASN J 158 -27.42 -24.08 13.81
CA ASN J 158 -27.26 -22.81 14.52
C ASN J 158 -25.79 -22.50 14.83
N THR J 159 -24.86 -23.20 14.17
CA THR J 159 -23.43 -22.93 14.35
C THR J 159 -22.83 -22.12 13.19
N SER J 160 -23.54 -22.03 12.06
CA SER J 160 -23.02 -21.28 10.92
C SER J 160 -23.12 -19.78 11.20
N TYR J 161 -22.17 -19.26 11.96
CA TYR J 161 -22.21 -17.89 12.48
C TYR J 161 -20.89 -17.22 12.16
N ARG J 162 -20.94 -16.17 11.34
CA ARG J 162 -19.77 -15.39 10.95
C ARG J 162 -20.01 -13.91 11.23
N LEU J 163 -19.05 -13.08 10.86
CA LEU J 163 -19.15 -11.65 11.11
C LEU J 163 -20.16 -11.01 10.17
N ILE J 164 -20.73 -9.90 10.62
CA ILE J 164 -21.84 -9.29 9.89
C ILE J 164 -21.37 -8.58 8.62
N ASN J 165 -20.11 -8.19 8.55
CA ASN J 165 -19.61 -7.40 7.42
C ASN J 165 -18.59 -8.14 6.57
N CYS J 166 -18.23 -9.38 6.90
CA CYS J 166 -17.31 -10.12 6.05
C CYS J 166 -17.94 -10.43 4.70
N ASN J 167 -19.28 -10.40 4.60
CA ASN J 167 -19.94 -10.65 3.32
C ASN J 167 -19.79 -9.49 2.35
N THR J 168 -19.58 -8.27 2.84
CA THR J 168 -19.63 -7.07 2.02
C THR J 168 -18.26 -6.44 1.79
N SER J 169 -17.53 -6.12 2.85
CA SER J 169 -16.28 -5.38 2.73
C SER J 169 -15.27 -5.94 3.72
N VAL J 170 -13.99 -5.72 3.41
CA VAL J 170 -12.92 -6.14 4.30
C VAL J 170 -13.05 -5.43 5.64
N ILE J 171 -12.55 -6.07 6.69
CA ILE J 171 -12.68 -5.59 8.06
C ILE J 171 -11.30 -5.33 8.62
N THR J 172 -11.12 -4.15 9.21
CA THR J 172 -9.85 -3.73 9.79
C THR J 172 -10.02 -3.44 11.28
N GLN J 173 -8.97 -3.74 12.04
CA GLN J 173 -8.97 -3.57 13.48
C GLN J 173 -8.51 -2.17 13.84
N ALA J 174 -9.22 -1.55 14.79
CA ALA J 174 -8.76 -0.29 15.35
C ALA J 174 -7.39 -0.50 15.98
N CYS J 175 -6.50 0.45 15.74
CA CYS J 175 -5.12 0.28 16.17
C CYS J 175 -5.02 0.66 17.65
N PRO J 176 -4.52 -0.23 18.52
CA PRO J 176 -4.80 -0.07 19.95
C PRO J 176 -4.31 1.23 20.56
N LYS J 177 -3.17 1.76 20.13
CA LYS J 177 -2.67 3.00 20.70
C LYS J 177 -3.46 4.22 20.28
N VAL J 178 -4.21 4.13 19.18
CA VAL J 178 -4.98 5.26 18.69
C VAL J 178 -6.15 5.50 19.62
N SER J 179 -6.26 6.73 20.13
CA SER J 179 -7.36 7.11 21.00
C SER J 179 -8.57 7.54 20.17
N PHE J 180 -9.65 7.90 20.87
CA PHE J 180 -10.88 8.28 20.22
C PHE J 180 -11.57 9.49 20.84
N GLU J 181 -11.03 10.05 21.92
CA GLU J 181 -11.70 11.16 22.57
C GLU J 181 -11.75 12.36 21.63
N PRO J 182 -12.86 13.11 21.60
CA PRO J 182 -12.94 14.26 20.68
C PRO J 182 -12.18 15.48 21.19
N ILE J 183 -10.87 15.49 20.96
CA ILE J 183 -10.05 16.63 21.36
C ILE J 183 -10.46 17.84 20.52
N PRO J 184 -10.75 19.01 21.13
CA PRO J 184 -11.21 20.13 20.32
C PRO J 184 -10.16 20.58 19.32
N ILE J 185 -10.65 21.05 18.17
CA ILE J 185 -9.81 21.56 17.10
C ILE J 185 -10.38 22.90 16.63
N HIS J 186 -9.60 23.59 15.80
CA HIS J 186 -10.00 24.87 15.22
C HIS J 186 -9.67 24.87 13.73
N TYR J 187 -10.55 25.47 12.94
CA TYR J 187 -10.35 25.62 11.50
C TYR J 187 -10.22 27.10 11.18
N CYS J 188 -9.33 27.42 10.24
CA CYS J 188 -9.22 28.80 9.76
C CYS J 188 -8.39 28.85 8.50
N ALA J 189 -8.77 29.76 7.60
CA ALA J 189 -8.14 29.88 6.30
C ALA J 189 -6.74 30.49 6.42
N PRO J 190 -5.89 30.27 5.42
CA PRO J 190 -4.54 30.85 5.48
C PRO J 190 -4.54 32.37 5.40
N ALA J 191 -3.36 32.98 5.41
CA ALA J 191 -3.26 34.43 5.28
C ALA J 191 -3.82 34.86 3.92
N GLY J 192 -4.42 36.04 3.91
CA GLY J 192 -5.16 36.51 2.75
C GLY J 192 -6.63 36.16 2.76
N PHE J 193 -7.10 35.47 3.80
CA PHE J 193 -8.51 35.10 3.94
C PHE J 193 -8.98 35.48 5.33
N ALA J 194 -10.28 35.73 5.45
CA ALA J 194 -10.88 36.17 6.69
C ALA J 194 -12.05 35.28 7.06
N ILE J 195 -12.45 35.36 8.32
CA ILE J 195 -13.58 34.60 8.85
C ILE J 195 -14.60 35.60 9.40
N LEU J 196 -15.85 35.45 8.99
CA LEU J 196 -16.93 36.33 9.40
C LEU J 196 -17.84 35.61 10.38
N LYS J 197 -18.00 36.19 11.57
CA LYS J 197 -18.87 35.65 12.61
C LYS J 197 -19.71 36.80 13.15
N CYS J 198 -21.03 36.65 13.11
CA CYS J 198 -21.94 37.67 13.62
C CYS J 198 -22.44 37.26 15.01
N ASN J 199 -22.11 38.09 16.00
CA ASN J 199 -22.25 37.74 17.41
C ASN J 199 -23.59 38.25 17.93
N ASN J 200 -24.63 37.47 17.67
CA ASN J 200 -25.96 37.76 18.19
C ASN J 200 -26.83 36.53 18.00
N LYS J 201 -27.41 36.03 19.09
CA LYS J 201 -28.14 34.77 19.06
C LYS J 201 -29.61 35.04 18.78
N THR J 202 -29.88 35.56 17.58
CA THR J 202 -31.25 35.65 17.09
C THR J 202 -31.32 35.34 15.59
N PHE J 203 -30.37 34.58 15.05
CA PHE J 203 -30.19 34.42 13.61
C PHE J 203 -30.43 32.97 13.21
N ASN J 204 -31.40 32.77 12.31
CA ASN J 204 -31.52 31.55 11.53
C ASN J 204 -30.90 31.82 10.16
N GLY J 205 -29.56 31.83 10.11
CA GLY J 205 -28.87 32.57 9.08
C GLY J 205 -29.24 32.18 7.65
N LYS J 206 -30.05 33.05 7.05
CA LYS J 206 -30.29 33.08 5.62
C LYS J 206 -30.40 34.50 5.10
N GLY J 207 -30.21 35.51 5.95
CA GLY J 207 -30.33 36.90 5.57
C GLY J 207 -29.26 37.73 6.24
N PRO J 208 -29.56 38.96 6.62
CA PRO J 208 -28.50 39.88 7.05
C PRO J 208 -28.10 39.69 8.50
N CYS J 209 -26.79 39.64 8.74
CA CYS J 209 -26.21 39.86 10.06
C CYS J 209 -25.73 41.30 10.13
N ARG J 210 -25.90 41.92 11.30
CA ARG J 210 -25.49 43.30 11.51
C ARG J 210 -24.22 43.41 12.34
N ASN J 211 -24.19 42.78 13.51
CA ASN J 211 -23.03 42.85 14.41
C ASN J 211 -22.03 41.75 14.03
N VAL J 212 -21.36 41.98 12.90
CA VAL J 212 -20.40 41.02 12.36
C VAL J 212 -19.04 41.29 12.99
N SER J 213 -18.18 40.27 13.03
CA SER J 213 -16.86 40.39 13.60
C SER J 213 -15.89 39.45 12.89
N THR J 214 -14.61 39.77 12.96
CA THR J 214 -13.55 38.95 12.40
C THR J 214 -12.77 38.29 13.52
N VAL J 215 -12.41 37.03 13.32
CA VAL J 215 -11.57 36.28 14.25
C VAL J 215 -10.41 35.67 13.46
N GLN J 216 -9.24 35.66 14.08
CA GLN J 216 -8.07 35.09 13.43
C GLN J 216 -8.28 33.61 13.13
N CYS J 217 -8.85 32.87 14.06
CA CYS J 217 -9.18 31.48 13.83
C CYS J 217 -10.41 31.08 14.62
N THR J 218 -11.03 29.98 14.20
CA THR J 218 -12.27 29.52 14.79
C THR J 218 -12.06 29.13 16.24
N HIS J 219 -13.11 29.29 17.05
CA HIS J 219 -13.04 28.90 18.45
C HIS J 219 -13.17 27.38 18.57
N GLY J 220 -13.31 26.91 19.80
CA GLY J 220 -13.41 25.48 20.05
C GLY J 220 -14.61 24.83 19.38
N ILE J 221 -14.34 23.79 18.59
CA ILE J 221 -15.38 22.91 18.05
C ILE J 221 -14.92 21.47 18.24
N LYS J 222 -15.80 20.65 18.80
CA LYS J 222 -15.47 19.26 19.13
C LYS J 222 -16.07 18.33 18.09
N PRO J 223 -15.27 17.65 17.25
CA PRO J 223 -15.86 16.76 16.24
C PRO J 223 -16.37 15.45 16.82
N VAL J 224 -17.59 15.48 17.35
CA VAL J 224 -18.23 14.32 17.94
C VAL J 224 -19.20 13.73 16.92
N VAL J 225 -19.35 12.40 16.93
CA VAL J 225 -20.21 11.68 16.02
C VAL J 225 -21.33 11.05 16.84
N SER J 226 -22.56 11.29 16.42
CA SER J 226 -23.75 10.76 17.10
C SER J 226 -24.91 10.94 16.13
N THR J 227 -26.11 10.59 16.56
CA THR J 227 -27.28 10.74 15.70
C THR J 227 -28.51 10.93 16.59
N GLN J 228 -29.34 11.90 16.21
CA GLN J 228 -30.48 12.39 16.97
C GLN J 228 -30.11 13.14 18.24
N LEU J 229 -28.83 13.16 18.61
CA LEU J 229 -28.39 13.83 19.84
C LEU J 229 -27.00 14.38 19.60
N LEU J 230 -26.85 15.69 19.74
CA LEU J 230 -25.56 16.35 19.62
C LEU J 230 -25.02 16.62 21.02
N LEU J 231 -23.82 16.13 21.30
CA LEU J 231 -23.25 16.16 22.64
C LEU J 231 -22.03 17.05 22.69
N ASN J 232 -21.77 17.64 23.86
CA ASN J 232 -20.60 18.48 24.07
C ASN J 232 -20.54 19.63 23.06
N GLY J 233 -21.68 20.30 22.87
CA GLY J 233 -21.79 21.37 21.90
C GLY J 233 -21.60 22.74 22.50
N SER J 234 -22.15 23.74 21.83
CA SER J 234 -22.01 25.12 22.27
C SER J 234 -22.87 25.39 23.50
N LEU J 235 -22.47 26.42 24.26
CA LEU J 235 -23.19 26.81 25.48
C LEU J 235 -24.26 27.83 25.09
N ALA J 236 -25.53 27.46 25.31
CA ALA J 236 -26.62 28.34 24.95
C ALA J 236 -26.79 29.46 25.99
N GLU J 237 -27.18 30.63 25.52
CA GLU J 237 -27.40 31.80 26.37
C GLU J 237 -28.86 31.86 26.82
N GLU J 238 -29.32 30.75 27.40
CA GLU J 238 -30.69 30.63 27.90
C GLU J 238 -31.70 30.93 26.81
N ASP J 239 -31.42 30.47 25.59
CA ASP J 239 -32.27 30.68 24.44
C ASP J 239 -32.39 29.40 23.63
N ILE J 240 -33.54 29.22 23.00
CA ILE J 240 -33.83 28.07 22.14
C ILE J 240 -33.98 28.59 20.72
N ILE J 241 -33.25 27.99 19.78
CA ILE J 241 -33.21 28.42 18.39
C ILE J 241 -33.50 27.23 17.50
N ILE J 242 -34.37 27.41 16.53
CA ILE J 242 -34.67 26.42 15.50
C ILE J 242 -34.31 27.03 14.15
N ARG J 243 -33.47 26.34 13.39
CA ARG J 243 -32.93 26.86 12.13
C ARG J 243 -33.24 25.88 11.02
N SER J 244 -34.10 26.29 10.09
CA SER J 244 -34.38 25.52 8.89
C SER J 244 -34.94 26.49 7.85
N GLU J 245 -34.53 26.31 6.59
CA GLU J 245 -34.92 27.26 5.55
C GLU J 245 -36.42 27.31 5.38
N ASN J 246 -37.06 26.14 5.30
CA ASN J 246 -38.51 26.04 5.11
C ASN J 246 -39.06 25.12 6.18
N PHE J 247 -39.84 25.67 7.11
CA PHE J 247 -40.39 24.86 8.19
C PHE J 247 -41.29 23.75 7.68
N THR J 248 -41.82 23.87 6.47
CA THR J 248 -42.60 22.81 5.83
C THR J 248 -41.79 22.10 4.75
N ASN J 249 -40.48 22.05 4.92
CA ASN J 249 -39.62 21.36 3.94
C ASN J 249 -39.90 19.86 3.96
N ASN J 250 -39.96 19.27 2.76
CA ASN J 250 -40.15 17.83 2.64
C ASN J 250 -38.86 17.04 2.78
N GLY J 251 -37.71 17.70 2.73
CA GLY J 251 -36.42 17.03 2.86
C GLY J 251 -35.89 17.08 4.28
N LYS J 252 -34.80 17.83 4.48
CA LYS J 252 -34.22 17.95 5.81
C LYS J 252 -35.18 18.67 6.75
N ASN J 253 -35.02 18.41 8.04
CA ASN J 253 -36.02 18.82 9.02
C ASN J 253 -35.40 19.57 10.20
N ILE J 254 -36.19 19.78 11.26
CA ILE J 254 -35.85 20.74 12.30
C ILE J 254 -34.50 20.40 12.93
N ILE J 255 -33.74 21.44 13.25
CA ILE J 255 -32.53 21.33 14.07
C ILE J 255 -32.71 22.26 15.25
N VAL J 256 -32.44 21.76 16.45
CA VAL J 256 -32.76 22.44 17.69
C VAL J 256 -31.48 22.67 18.49
N GLN J 257 -31.36 23.87 19.07
CA GLN J 257 -30.35 24.16 20.08
C GLN J 257 -31.05 24.25 21.43
N LEU J 258 -30.51 23.54 22.41
CA LEU J 258 -31.23 23.28 23.65
C LEU J 258 -30.88 24.31 24.72
N LYS J 259 -31.44 24.13 25.91
CA LYS J 259 -31.20 24.98 27.06
C LYS J 259 -29.78 24.73 27.56
N GLU J 260 -29.40 25.38 28.68
CA GLU J 260 -28.18 25.11 29.42
C GLU J 260 -27.92 23.60 29.42
N PRO J 261 -26.67 23.16 29.20
CA PRO J 261 -26.44 21.72 28.99
C PRO J 261 -26.95 20.87 30.14
N VAL J 262 -27.51 19.72 29.78
CA VAL J 262 -28.05 18.75 30.74
C VAL J 262 -27.03 17.64 30.91
N LYS J 263 -26.76 17.26 32.16
CA LYS J 263 -25.76 16.24 32.46
C LYS J 263 -26.33 14.86 32.15
N ILE J 264 -25.86 14.25 31.07
CA ILE J 264 -26.25 12.89 30.68
C ILE J 264 -25.08 11.97 30.95
N ASN J 265 -25.34 10.83 31.58
CA ASN J 265 -24.30 9.90 32.01
C ASN J 265 -24.62 8.50 31.52
N CYS J 266 -23.63 7.84 30.92
CA CYS J 266 -23.76 6.47 30.47
C CYS J 266 -22.54 5.69 30.93
N THR J 267 -22.74 4.41 31.21
CA THR J 267 -21.66 3.58 31.73
C THR J 267 -21.99 2.11 31.48
N ARG J 268 -20.92 1.31 31.40
CA ARG J 268 -21.02 -0.14 31.25
C ARG J 268 -20.09 -0.79 32.28
N PRO J 269 -20.45 -0.74 33.56
CA PRO J 269 -19.56 -1.32 34.59
C PRO J 269 -19.49 -2.84 34.48
N GLY J 270 -18.90 -3.31 33.39
CA GLY J 270 -18.82 -4.73 33.10
C GLY J 270 -17.40 -5.23 32.99
N ASN J 271 -16.53 -4.79 33.90
CA ASN J 271 -15.08 -4.97 33.82
C ASN J 271 -14.69 -6.28 33.15
N ASN J 272 -13.88 -6.17 32.10
CA ASN J 272 -13.50 -7.30 31.25
C ASN J 272 -11.99 -7.45 31.23
N THR J 273 -11.55 -8.65 30.88
CA THR J 273 -10.15 -8.94 30.64
C THR J 273 -9.86 -8.86 29.14
N ARG J 274 -8.58 -8.74 28.81
CA ARG J 274 -8.11 -8.58 27.44
C ARG J 274 -7.30 -9.81 27.04
N ARG J 275 -7.68 -10.42 25.92
CA ARG J 275 -7.07 -11.66 25.46
C ARG J 275 -6.32 -11.40 24.16
N SER J 276 -5.16 -12.04 24.03
CA SER J 276 -4.34 -11.95 22.83
C SER J 276 -4.44 -13.26 22.05
N ILE J 277 -4.67 -13.15 20.75
CA ILE J 277 -4.88 -14.32 19.91
C ILE J 277 -3.73 -14.56 18.93
N ASN J 278 -3.02 -13.52 18.50
CA ASN J 278 -1.95 -13.66 17.53
C ASN J 278 -2.45 -14.31 16.24
N ILE J 279 -3.36 -13.58 15.58
CA ILE J 279 -3.99 -14.08 14.37
C ILE J 279 -2.99 -14.28 13.24
N GLY J 280 -1.86 -13.58 13.27
CA GLY J 280 -0.86 -13.70 12.22
C GLY J 280 0.50 -13.21 12.66
N PRO J 281 1.46 -13.22 11.74
CA PRO J 281 2.80 -12.75 12.10
C PRO J 281 2.81 -11.28 12.50
N GLY J 282 3.12 -11.00 13.76
CA GLY J 282 3.15 -9.63 14.23
C GLY J 282 1.82 -8.92 14.11
N ARG J 283 0.73 -9.61 14.46
CA ARG J 283 -0.62 -9.06 14.32
C ARG J 283 -1.30 -8.87 15.67
N ALA J 284 -1.39 -9.91 16.48
CA ALA J 284 -1.92 -9.82 17.84
C ALA J 284 -3.36 -9.31 17.86
N PHE J 285 -4.24 -10.11 17.25
CA PHE J 285 -5.66 -9.82 17.31
C PHE J 285 -6.16 -9.87 18.74
N TYR J 286 -7.12 -8.99 19.06
CA TYR J 286 -7.65 -8.87 20.40
C TYR J 286 -9.16 -9.11 20.39
N ALA J 287 -9.66 -9.62 21.51
CA ALA J 287 -11.08 -9.93 21.65
C ALA J 287 -11.42 -9.97 23.13
N THR J 288 -12.72 -9.96 23.43
CA THR J 288 -13.18 -9.93 24.82
C THR J 288 -12.78 -11.20 25.54
N GLY J 289 -12.22 -11.05 26.74
CA GLY J 289 -11.76 -12.18 27.52
C GLY J 289 -12.86 -12.91 28.27
N ALA J 290 -13.50 -12.23 29.21
CA ALA J 290 -14.52 -12.86 30.05
C ALA J 290 -15.17 -11.77 30.89
N ILE J 291 -16.04 -12.19 31.80
CA ILE J 291 -16.72 -11.29 32.74
C ILE J 291 -16.38 -11.73 34.15
N ILE J 292 -15.96 -10.77 34.98
CA ILE J 292 -15.63 -11.04 36.38
C ILE J 292 -16.31 -10.03 37.29
N GLY J 293 -17.31 -9.33 36.77
CA GLY J 293 -18.03 -8.33 37.54
C GLY J 293 -19.45 -8.74 37.85
N ASP J 294 -20.41 -8.11 37.18
CA ASP J 294 -21.82 -8.45 37.32
C ASP J 294 -22.50 -8.24 35.98
N ILE J 295 -23.44 -9.12 35.65
CA ILE J 295 -24.13 -9.05 34.37
C ILE J 295 -25.12 -7.89 34.42
N ARG J 296 -24.70 -6.74 33.91
CA ARG J 296 -25.49 -5.51 33.94
C ARG J 296 -25.31 -4.82 32.61
N LYS J 297 -26.37 -4.76 31.81
CA LYS J 297 -26.28 -4.17 30.48
C LYS J 297 -26.00 -2.67 30.57
N ALA J 298 -25.42 -2.14 29.50
CA ALA J 298 -25.14 -0.71 29.44
C ALA J 298 -26.42 0.10 29.53
N HIS J 299 -26.34 1.23 30.20
CA HIS J 299 -27.50 2.09 30.41
C HIS J 299 -27.05 3.54 30.46
N CYS J 300 -27.97 4.44 30.16
CA CYS J 300 -27.74 5.88 30.19
C CYS J 300 -28.64 6.52 31.22
N ASN J 301 -28.13 7.55 31.89
CA ASN J 301 -28.79 8.20 33.02
C ASN J 301 -29.04 9.66 32.66
N ILE J 302 -30.30 10.00 32.41
CA ILE J 302 -30.72 11.38 32.26
C ILE J 302 -31.66 11.71 33.41
N SER J 303 -31.66 12.97 33.83
CA SER J 303 -32.57 13.39 34.87
C SER J 303 -34.02 13.29 34.38
N THR J 304 -34.94 13.22 35.32
CA THR J 304 -36.35 13.01 34.99
C THR J 304 -37.07 14.29 34.64
N GLU J 305 -36.68 15.43 35.23
CA GLU J 305 -37.34 16.70 34.96
C GLU J 305 -36.68 17.51 33.86
N GLN J 306 -35.42 17.20 33.51
CA GLN J 306 -34.75 17.97 32.47
C GLN J 306 -35.47 17.84 31.14
N TRP J 307 -35.91 16.63 30.80
CA TRP J 307 -36.56 16.41 29.50
C TRP J 307 -37.88 17.16 29.40
N ASN J 308 -38.58 17.36 30.51
CA ASN J 308 -39.75 18.21 30.54
C ASN J 308 -39.38 19.69 30.52
N ASN J 309 -38.24 20.05 31.12
CA ASN J 309 -37.81 21.45 31.09
C ASN J 309 -37.59 21.92 29.67
N THR J 310 -36.81 21.17 28.89
CA THR J 310 -36.61 21.52 27.49
C THR J 310 -37.87 21.31 26.66
N LEU J 311 -38.75 20.41 27.09
CA LEU J 311 -39.98 20.18 26.35
C LEU J 311 -40.83 21.44 26.28
N THR J 312 -41.09 22.06 27.44
CA THR J 312 -41.96 23.23 27.47
C THR J 312 -41.39 24.37 26.65
N GLN J 313 -40.06 24.43 26.49
CA GLN J 313 -39.45 25.52 25.74
C GLN J 313 -39.71 25.36 24.25
N ILE J 314 -39.35 24.22 23.67
CA ILE J 314 -39.57 24.00 22.25
C ILE J 314 -41.07 23.97 21.95
N VAL J 315 -41.87 23.43 22.87
CA VAL J 315 -43.31 23.39 22.68
C VAL J 315 -43.88 24.80 22.55
N ASP J 316 -43.50 25.71 23.47
CA ASP J 316 -44.02 27.07 23.41
C ASP J 316 -43.60 27.77 22.14
N LYS J 317 -42.34 27.60 21.74
CA LYS J 317 -41.88 28.20 20.49
C LYS J 317 -42.51 27.52 19.28
N LEU J 318 -42.76 26.22 19.36
CA LEU J 318 -43.40 25.51 18.25
C LEU J 318 -44.80 26.04 17.98
N ARG J 319 -45.48 26.58 18.98
CA ARG J 319 -46.82 27.14 18.78
C ARG J 319 -46.81 28.30 17.81
N GLU J 320 -45.67 28.96 17.62
CA GLU J 320 -45.57 30.09 16.70
C GLU J 320 -45.45 29.63 15.26
N GLN J 321 -44.41 28.83 14.96
CA GLN J 321 -44.22 28.36 13.59
C GLN J 321 -45.32 27.39 13.17
N PHE J 322 -45.77 26.55 14.09
CA PHE J 322 -46.78 25.54 13.81
C PHE J 322 -48.01 25.81 14.68
N GLY J 323 -49.16 25.31 14.21
CA GLY J 323 -50.40 25.47 14.94
C GLY J 323 -50.35 24.87 16.33
N ASN J 324 -50.77 25.64 17.32
CA ASN J 324 -50.75 25.18 18.70
C ASN J 324 -51.69 24.00 18.91
N LYS J 326 -52.82 19.63 24.47
CA LYS J 326 -51.57 18.91 24.19
C LYS J 326 -51.70 18.14 22.88
N THR J 327 -51.56 18.87 21.76
CA THR J 327 -51.64 18.28 20.43
C THR J 327 -50.28 17.81 19.91
N ILE J 328 -49.22 17.96 20.70
CA ILE J 328 -47.88 17.58 20.26
C ILE J 328 -47.65 16.11 20.58
N ILE J 329 -47.26 15.34 19.57
CA ILE J 329 -47.07 13.90 19.68
C ILE J 329 -45.65 13.57 19.24
N PHE J 330 -44.93 12.84 20.09
CA PHE J 330 -43.60 12.32 19.77
C PHE J 330 -43.70 10.82 19.58
N ASN J 331 -43.34 10.34 18.39
CA ASN J 331 -43.46 8.95 18.02
C ASN J 331 -42.12 8.46 17.48
N GLN J 332 -41.87 7.17 17.67
CA GLN J 332 -40.62 6.58 17.19
C GLN J 332 -40.62 6.48 15.67
N SER J 333 -39.42 6.44 15.09
CA SER J 333 -39.29 6.32 13.65
C SER J 333 -39.79 4.96 13.18
N SER J 334 -40.24 4.91 11.92
CA SER J 334 -40.76 3.66 11.37
C SER J 334 -39.69 2.59 11.33
N GLY J 335 -38.48 2.94 10.94
CA GLY J 335 -37.36 2.03 10.87
C GLY J 335 -36.88 1.79 9.45
N GLY J 336 -35.81 1.01 9.35
CA GLY J 336 -35.21 0.69 8.07
C GLY J 336 -33.70 0.75 8.09
N ASP J 337 -33.14 1.54 9.02
CA ASP J 337 -31.69 1.68 9.14
C ASP J 337 -31.29 1.67 10.61
N PRO J 338 -30.54 0.68 11.09
CA PRO J 338 -30.16 0.67 12.51
C PRO J 338 -29.40 1.92 12.95
N GLU J 339 -28.63 2.53 12.05
CA GLU J 339 -27.87 3.73 12.41
C GLU J 339 -28.75 4.93 12.75
N VAL J 340 -30.05 4.86 12.42
CA VAL J 340 -30.96 5.97 12.65
C VAL J 340 -31.97 5.65 13.76
N VAL J 341 -32.41 4.40 13.84
CA VAL J 341 -33.47 4.06 14.79
C VAL J 341 -33.00 4.27 16.22
N MET J 342 -31.82 3.74 16.56
CA MET J 342 -31.29 3.83 17.91
C MET J 342 -30.24 4.93 18.01
N HIS J 343 -30.27 5.66 19.12
CA HIS J 343 -29.31 6.73 19.37
C HIS J 343 -27.90 6.16 19.41
N THR J 344 -26.97 6.87 18.76
CA THR J 344 -25.58 6.44 18.64
C THR J 344 -24.72 7.20 19.63
N PHE J 345 -23.88 6.48 20.36
CA PHE J 345 -23.01 7.04 21.39
C PHE J 345 -21.57 6.69 21.07
N ASN J 346 -20.65 7.46 21.65
CA ASN J 346 -19.21 7.19 21.48
C ASN J 346 -18.48 7.78 22.67
N CYS J 347 -18.08 6.93 23.61
CA CYS J 347 -17.27 7.35 24.75
C CYS J 347 -16.37 6.21 25.15
N GLY J 348 -15.12 6.54 25.51
CA GLY J 348 -14.19 5.54 25.97
C GLY J 348 -13.78 4.52 24.93
N GLY J 349 -14.02 4.80 23.64
CA GLY J 349 -13.71 3.88 22.59
C GLY J 349 -14.79 2.88 22.25
N GLU J 350 -15.90 2.87 23.00
CA GLU J 350 -17.01 1.99 22.70
C GLU J 350 -17.95 2.65 21.70
N PHE J 351 -18.99 1.91 21.30
CA PHE J 351 -20.01 2.41 20.39
C PHE J 351 -21.35 1.82 20.84
N PHE J 352 -22.06 2.54 21.68
CA PHE J 352 -23.33 2.06 22.18
C PHE J 352 -24.43 2.25 21.14
N TYR J 353 -25.55 1.59 21.37
CA TYR J 353 -26.75 1.71 20.54
C TYR J 353 -27.94 1.71 21.49
N CYS J 354 -28.38 2.90 21.88
CA CYS J 354 -29.40 3.05 22.91
C CYS J 354 -30.78 3.11 22.29
N ASN J 355 -31.67 2.25 22.78
CA ASN J 355 -33.08 2.30 22.37
C ASN J 355 -33.69 3.59 22.89
N SER J 356 -34.06 4.49 21.97
CA SER J 356 -34.49 5.84 22.30
C SER J 356 -36.01 5.95 22.44
N THR J 357 -36.67 4.88 22.88
CA THR J 357 -38.13 4.92 22.98
C THR J 357 -38.59 5.98 23.97
N GLN J 358 -37.96 6.04 25.15
CA GLN J 358 -38.44 6.93 26.20
C GLN J 358 -38.14 8.38 25.90
N LEU J 359 -37.07 8.66 25.15
CA LEU J 359 -36.68 10.05 24.90
C LEU J 359 -37.75 10.78 24.09
N PHE J 360 -38.35 10.11 23.12
CA PHE J 360 -39.34 10.72 22.22
C PHE J 360 -40.71 10.06 22.37
N ASN J 361 -41.12 9.81 23.62
CA ASN J 361 -42.45 9.30 23.92
C ASN J 361 -43.39 10.38 24.45
N SER J 362 -42.95 11.65 24.45
CA SER J 362 -43.74 12.76 24.98
C SER J 362 -44.07 12.54 26.46
N THR J 363 -43.02 12.47 27.26
CA THR J 363 -43.16 12.28 28.70
C THR J 363 -42.90 13.59 29.46
N ASP J 377 -36.26 11.15 40.99
CA ASP J 377 -35.96 9.91 40.29
C ASP J 377 -34.88 10.13 39.22
N ASN J 378 -34.42 9.04 38.63
CA ASN J 378 -33.38 9.08 37.59
C ASN J 378 -33.69 7.98 36.60
N ILE J 379 -34.36 8.33 35.50
CA ILE J 379 -34.82 7.34 34.54
C ILE J 379 -33.62 6.65 33.89
N THR J 380 -33.77 5.36 33.60
CA THR J 380 -32.71 4.55 33.03
C THR J 380 -33.06 4.22 31.59
N LEU J 381 -32.08 4.39 30.69
CA LEU J 381 -32.28 4.20 29.26
C LEU J 381 -31.44 3.01 28.80
N PRO J 382 -32.04 1.90 28.33
CA PRO J 382 -31.22 0.74 27.97
C PRO J 382 -30.33 1.01 26.78
N CYS J 383 -29.18 0.34 26.76
CA CYS J 383 -28.21 0.48 25.67
C CYS J 383 -27.49 -0.84 25.45
N ARG J 384 -27.32 -1.20 24.18
CA ARG J 384 -26.56 -2.37 23.76
C ARG J 384 -25.25 -1.93 23.12
N ILE J 385 -24.36 -2.89 22.90
CA ILE J 385 -23.03 -2.62 22.36
C ILE J 385 -22.76 -3.60 21.23
N LYS J 386 -22.24 -3.08 20.11
CA LYS J 386 -21.74 -3.89 19.03
C LYS J 386 -20.36 -3.40 18.64
N GLN J 387 -19.41 -4.34 18.54
CA GLN J 387 -18.03 -3.97 18.28
C GLN J 387 -17.84 -3.45 16.86
N VAL J 388 -18.35 -4.18 15.87
CA VAL J 388 -18.09 -3.84 14.47
C VAL J 388 -19.06 -2.75 14.04
N ILE J 389 -18.51 -1.69 13.45
CA ILE J 389 -19.30 -0.59 12.90
C ILE J 389 -18.79 -0.29 11.50
N ASN J 390 -19.73 -0.17 10.56
CA ASN J 390 -19.43 0.18 9.18
C ASN J 390 -19.80 1.63 8.91
N MET J 391 -19.70 2.48 9.93
CA MET J 391 -20.14 3.86 9.81
C MET J 391 -19.34 4.61 8.75
N TRP J 392 -18.07 4.23 8.56
CA TRP J 392 -17.17 4.89 7.63
C TRP J 392 -16.94 4.05 6.37
N GLN J 393 -17.78 3.06 6.12
CA GLN J 393 -17.75 2.28 4.88
C GLN J 393 -18.81 2.72 3.88
N GLU J 394 -19.98 3.15 4.36
CA GLU J 394 -21.05 3.62 3.49
C GLU J 394 -20.98 5.11 3.21
N VAL J 395 -20.05 5.83 3.81
CA VAL J 395 -19.96 7.28 3.66
C VAL J 395 -18.88 7.68 2.66
N GLY J 396 -17.68 7.10 2.76
CA GLY J 396 -16.63 7.38 1.80
C GLY J 396 -16.08 6.12 1.15
N GLY J 397 -16.13 5.00 1.88
CA GLY J 397 -15.77 3.72 1.33
C GLY J 397 -14.37 3.24 1.69
N CYS J 398 -14.28 2.37 2.69
CA CYS J 398 -13.08 1.60 3.00
C CYS J 398 -13.45 0.64 4.12
N GLY J 399 -12.45 -0.10 4.61
CA GLY J 399 -12.72 -1.21 5.50
C GLY J 399 -13.50 -0.78 6.74
N ALA J 400 -14.44 -1.62 7.15
CA ALA J 400 -15.21 -1.37 8.36
C ALA J 400 -14.31 -1.47 9.58
N MET J 401 -14.67 -0.75 10.64
CA MET J 401 -13.88 -0.66 11.86
C MET J 401 -14.57 -1.39 12.99
N TYR J 402 -13.77 -1.84 13.96
CA TYR J 402 -14.30 -2.42 15.19
C TYR J 402 -13.31 -2.17 16.30
N ALA J 403 -13.77 -1.59 17.39
CA ALA J 403 -12.85 -1.28 18.46
C ALA J 403 -12.53 -2.54 19.26
N PRO J 404 -11.34 -2.66 19.83
CA PRO J 404 -11.08 -3.77 20.74
C PRO J 404 -11.68 -3.48 22.11
N PRO J 405 -11.90 -4.51 22.93
CA PRO J 405 -12.45 -4.26 24.26
C PRO J 405 -11.52 -3.39 25.11
N ILE J 406 -12.12 -2.60 25.99
CA ILE J 406 -11.38 -1.74 26.91
C ILE J 406 -11.31 -2.44 28.26
N ARG J 407 -10.11 -2.55 28.81
CA ARG J 407 -9.90 -3.34 30.02
C ARG J 407 -10.52 -2.71 31.26
N GLY J 408 -10.68 -1.39 31.28
CA GLY J 408 -11.13 -0.68 32.46
C GLY J 408 -12.57 -0.20 32.37
N GLN J 409 -12.98 0.48 33.44
CA GLN J 409 -14.30 1.08 33.50
C GLN J 409 -14.41 2.24 32.50
N ILE J 410 -15.64 2.63 32.21
CA ILE J 410 -15.88 3.78 31.33
C ILE J 410 -16.39 4.95 32.17
N ASP J 411 -17.58 4.79 32.73
CA ASP J 411 -18.22 5.82 33.56
C ASP J 411 -18.18 7.19 32.87
N CYS J 412 -18.44 7.19 31.56
CA CYS J 412 -18.32 8.41 30.78
C CYS J 412 -19.52 9.31 31.02
N SER J 413 -19.24 10.60 31.28
CA SER J 413 -20.26 11.62 31.46
C SER J 413 -20.15 12.65 30.35
N SER J 414 -21.27 13.24 29.98
CA SER J 414 -21.28 14.18 28.87
C SER J 414 -22.44 15.15 29.01
N ASN J 415 -22.37 16.23 28.23
CA ASN J 415 -23.43 17.22 28.13
C ASN J 415 -24.33 16.88 26.94
N ILE J 416 -25.39 17.66 26.80
CA ILE J 416 -26.25 17.62 25.62
C ILE J 416 -26.73 19.04 25.35
N THR J 417 -26.59 19.48 24.09
CA THR J 417 -26.98 20.83 23.71
C THR J 417 -27.75 20.89 22.40
N GLY J 418 -27.82 19.80 21.63
CA GLY J 418 -28.53 19.77 20.38
C GLY J 418 -29.59 18.69 20.38
N LEU J 419 -30.42 18.72 19.33
CA LEU J 419 -31.53 17.79 19.22
C LEU J 419 -32.07 17.87 17.80
N ILE J 420 -32.46 16.72 17.26
CA ILE J 420 -32.91 16.60 15.86
C ILE J 420 -34.28 15.94 15.86
N LEU J 421 -35.16 16.45 15.01
CA LEU J 421 -36.50 15.89 14.83
C LEU J 421 -36.88 15.94 13.36
N THR J 422 -37.91 15.18 13.01
CA THR J 422 -38.41 15.13 11.65
C THR J 422 -39.92 15.32 11.66
N ARG J 423 -40.43 15.91 10.58
CA ARG J 423 -41.85 16.21 10.44
C ARG J 423 -42.48 15.21 9.49
N ASP J 424 -43.60 14.61 9.92
CA ASP J 424 -44.30 13.63 9.10
C ASP J 424 -45.07 14.30 7.98
N ASN J 432 -53.07 18.19 13.58
CA ASN J 432 -52.05 17.72 14.51
C ASN J 432 -50.73 17.44 13.78
N GLU J 433 -49.62 17.81 14.40
CA GLU J 433 -48.28 17.57 13.87
C GLU J 433 -47.53 16.65 14.83
N THR J 434 -46.94 15.60 14.28
CA THR J 434 -46.17 14.63 15.06
C THR J 434 -44.71 14.66 14.62
N PHE J 435 -43.81 14.62 15.60
CA PHE J 435 -42.38 14.64 15.35
C PHE J 435 -41.79 13.27 15.65
N ARG J 436 -40.83 12.86 14.83
CA ARG J 436 -40.19 11.56 14.95
C ARG J 436 -38.68 11.71 14.86
N PRO J 437 -37.92 10.78 15.43
CA PRO J 437 -36.46 10.84 15.27
C PRO J 437 -36.06 10.62 13.82
N GLY J 438 -34.94 11.24 13.45
CA GLY J 438 -34.46 11.12 12.08
C GLY J 438 -32.99 11.48 11.93
N GLY J 439 -32.68 12.16 10.83
CA GLY J 439 -31.30 12.46 10.49
C GLY J 439 -30.82 11.61 9.33
N GLY J 440 -29.98 10.62 9.62
CA GLY J 440 -29.48 9.72 8.61
C GLY J 440 -28.32 10.31 7.84
N ASN J 441 -28.54 11.44 7.18
CA ASN J 441 -27.48 12.10 6.44
C ASN J 441 -26.38 12.56 7.39
N MET J 442 -25.12 12.34 6.98
CA MET J 442 -24.00 12.76 7.81
C MET J 442 -23.96 14.26 8.01
N LYS J 443 -24.36 15.05 7.02
CA LYS J 443 -24.22 16.50 7.09
C LYS J 443 -25.34 17.13 7.91
N ASP J 444 -25.49 16.64 9.14
CA ASP J 444 -26.49 17.15 10.07
C ASP J 444 -25.88 17.39 11.45
N ASN J 445 -24.95 16.51 11.85
CA ASN J 445 -24.39 16.59 13.20
C ASN J 445 -23.42 17.75 13.35
N TRP J 446 -23.00 18.38 12.26
CA TRP J 446 -22.02 19.45 12.29
C TRP J 446 -22.60 20.80 11.90
N ARG J 447 -23.86 20.86 11.48
CA ARG J 447 -24.45 22.13 11.10
C ARG J 447 -24.80 23.00 12.31
N SER J 448 -24.84 22.41 13.51
CA SER J 448 -25.23 23.15 14.70
C SER J 448 -24.11 23.99 15.28
N GLU J 449 -22.89 23.91 14.75
CA GLU J 449 -21.75 24.64 15.27
C GLU J 449 -21.08 25.54 14.25
N LEU J 450 -21.35 25.38 12.96
CA LEU J 450 -20.78 26.22 11.91
C LEU J 450 -21.81 27.12 11.25
N TYR J 451 -22.96 27.33 11.89
CA TYR J 451 -23.96 28.22 11.32
C TYR J 451 -23.47 29.66 11.28
N LYS J 452 -22.63 30.05 12.24
CA LYS J 452 -22.17 31.43 12.38
C LYS J 452 -20.73 31.59 11.88
N TYR J 453 -20.37 30.91 10.79
CA TYR J 453 -19.04 31.01 10.22
C TYR J 453 -19.13 30.95 8.71
N LYS J 454 -18.28 31.74 8.04
CA LYS J 454 -18.25 31.79 6.60
C LYS J 454 -16.86 32.22 6.14
N VAL J 455 -16.37 31.58 5.08
CA VAL J 455 -15.08 31.91 4.50
C VAL J 455 -15.27 33.01 3.47
N VAL J 456 -14.48 34.07 3.58
CA VAL J 456 -14.60 35.24 2.71
C VAL J 456 -13.22 35.60 2.18
N LYS J 457 -13.20 36.07 0.93
CA LYS J 457 -11.98 36.42 0.22
C LYS J 457 -11.80 37.93 0.20
N ILE J 458 -10.56 38.38 0.41
CA ILE J 458 -10.26 39.81 0.40
C ILE J 458 -10.01 40.26 -1.03
N GLU J 459 -10.39 41.50 -1.32
CA GLU J 459 -10.21 42.12 -2.63
C GLU J 459 -9.55 43.47 -2.44
N PRO J 460 -8.27 43.48 -2.04
CA PRO J 460 -7.64 44.74 -1.62
C PRO J 460 -7.51 45.78 -2.73
N LEU J 461 -7.82 45.45 -3.98
CA LEU J 461 -7.66 46.41 -5.08
C LEU J 461 -8.86 47.32 -5.19
N GLY J 462 -8.60 48.61 -5.42
CA GLY J 462 -9.64 49.59 -5.62
C GLY J 462 -9.11 50.84 -6.30
N ILE J 463 -9.98 51.53 -7.03
CA ILE J 463 -9.61 52.72 -7.80
C ILE J 463 -10.34 53.93 -7.25
N ALA J 464 -9.64 55.06 -7.16
CA ALA J 464 -10.21 56.30 -6.66
C ALA J 464 -9.77 57.47 -7.53
N PRO J 465 -10.61 58.50 -7.69
CA PRO J 465 -10.17 59.70 -8.42
C PRO J 465 -9.58 60.77 -7.51
N THR J 466 -8.41 61.28 -7.86
CA THR J 466 -7.78 62.39 -7.14
C THR J 466 -7.02 63.22 -8.17
N ARG J 467 -6.15 64.12 -7.68
CA ARG J 467 -5.27 64.89 -8.54
C ARG J 467 -3.94 64.15 -8.71
N ALA J 468 -3.38 64.25 -9.91
CA ALA J 468 -2.24 63.43 -10.29
C ALA J 468 -1.38 64.23 -11.28
N LYS J 469 -0.52 63.52 -12.02
CA LYS J 469 0.39 64.13 -13.00
C LYS J 469 1.54 64.86 -12.30
N ARG J 470 2.01 64.29 -11.19
CA ARG J 470 3.26 64.77 -10.61
C ARG J 470 4.46 64.28 -11.42
N ARG J 471 4.33 63.13 -12.07
CA ARG J 471 5.41 62.57 -12.86
C ARG J 471 5.47 63.26 -14.22
N VAL J 472 6.35 62.77 -15.09
CA VAL J 472 6.50 63.30 -16.42
C VAL J 472 5.34 62.86 -17.30
N GLN K 1 -42.25 -20.30 72.22
CA GLN K 1 -42.32 -21.80 72.28
C GLN K 1 -43.06 -22.34 71.06
N VAL K 2 -42.31 -22.98 70.16
CA VAL K 2 -42.86 -23.56 68.94
C VAL K 2 -42.49 -25.04 68.92
N HIS K 3 -43.51 -25.90 68.77
CA HIS K 3 -43.30 -27.33 68.67
C HIS K 3 -44.28 -27.89 67.63
N LEU K 4 -43.90 -29.03 67.07
CA LEU K 4 -44.71 -29.66 66.03
C LEU K 4 -44.58 -31.18 66.14
N GLN K 5 -45.54 -31.88 65.55
CA GLN K 5 -45.62 -33.33 65.58
C GLN K 5 -45.66 -33.86 64.16
N GLU K 6 -44.92 -34.95 63.92
CA GLU K 6 -44.88 -35.62 62.64
C GLU K 6 -45.46 -37.03 62.78
N SER K 7 -45.42 -37.79 61.69
CA SER K 7 -45.96 -39.15 61.66
C SER K 7 -45.14 -39.98 60.69
N GLY K 8 -45.47 -41.26 60.61
CA GLY K 8 -44.81 -42.18 59.71
C GLY K 8 -44.88 -43.61 60.21
N PRO K 9 -44.98 -44.58 59.28
CA PRO K 9 -45.10 -45.98 59.71
C PRO K 9 -43.80 -46.60 60.20
N GLY K 10 -42.67 -45.94 59.99
CA GLY K 10 -41.39 -46.51 60.39
C GLY K 10 -40.76 -47.37 59.31
N LEU K 11 -41.42 -48.47 58.97
CA LEU K 11 -40.98 -49.38 57.92
C LEU K 11 -41.83 -49.14 56.68
N VAL K 12 -41.18 -48.87 55.55
CA VAL K 12 -41.85 -48.59 54.29
C VAL K 12 -41.38 -49.61 53.27
N LYS K 13 -42.32 -50.26 52.60
CA LYS K 13 -41.98 -51.23 51.58
C LYS K 13 -41.42 -50.51 50.35
N PRO K 14 -40.53 -51.16 49.59
CA PRO K 14 -40.07 -50.55 48.34
C PRO K 14 -41.20 -50.41 47.33
N SER K 15 -41.08 -49.40 46.48
CA SER K 15 -42.07 -49.13 45.43
C SER K 15 -43.47 -48.95 46.01
N GLU K 16 -43.57 -48.07 47.00
CA GLU K 16 -44.82 -47.76 47.67
C GLU K 16 -45.03 -46.25 47.69
N THR K 17 -46.29 -45.84 47.51
CA THR K 17 -46.63 -44.41 47.50
C THR K 17 -46.63 -43.89 48.93
N LEU K 18 -45.42 -43.60 49.42
CA LEU K 18 -45.27 -43.11 50.79
C LEU K 18 -45.84 -41.70 50.90
N SER K 19 -46.49 -41.44 52.03
CA SER K 19 -47.06 -40.13 52.34
C SER K 19 -46.58 -39.68 53.72
N LEU K 20 -46.25 -38.39 53.82
CA LEU K 20 -45.78 -37.79 55.05
C LEU K 20 -46.58 -36.53 55.34
N THR K 21 -46.80 -36.26 56.62
CA THR K 21 -47.62 -35.14 57.07
C THR K 21 -46.84 -34.27 58.04
N CYS K 22 -47.18 -32.99 58.07
CA CYS K 22 -46.56 -32.03 58.97
C CYS K 22 -47.59 -30.98 59.35
N ASN K 23 -47.77 -30.77 60.65
CA ASN K 23 -48.77 -29.84 61.16
C ASN K 23 -48.13 -28.47 61.37
N VAL K 24 -48.89 -27.55 61.96
CA VAL K 24 -48.43 -26.18 62.21
C VAL K 24 -48.52 -25.89 63.70
N SER K 25 -48.14 -24.68 64.10
CA SER K 25 -48.20 -24.27 65.51
C SER K 25 -48.50 -22.77 65.54
N GLY K 26 -49.78 -22.44 65.68
CA GLY K 26 -50.20 -21.05 65.78
C GLY K 26 -50.26 -20.34 64.45
N THR K 27 -49.12 -20.21 63.78
CA THR K 27 -49.07 -19.48 62.52
C THR K 27 -49.86 -20.22 61.45
N LEU K 28 -50.72 -19.47 60.75
CA LEU K 28 -51.49 -20.07 59.66
C LEU K 28 -50.62 -20.28 58.43
N VAL K 29 -51.09 -21.16 57.55
CA VAL K 29 -50.32 -21.48 56.34
C VAL K 29 -50.47 -20.41 55.26
N ARG K 30 -51.55 -19.63 55.29
CA ARG K 30 -51.78 -18.64 54.24
C ARG K 30 -50.70 -17.56 54.26
N ASP K 31 -50.32 -17.09 55.45
CA ASP K 31 -49.38 -15.98 55.60
C ASP K 31 -47.99 -16.47 56.02
N ASN K 32 -47.57 -17.63 55.54
CA ASN K 32 -46.26 -18.16 55.86
C ASN K 32 -45.79 -19.07 54.73
N TYR K 33 -44.48 -19.23 54.62
CA TYR K 33 -43.85 -20.10 53.62
C TYR K 33 -43.15 -21.24 54.32
N TRP K 34 -43.32 -22.45 53.80
CA TRP K 34 -42.77 -23.66 54.39
C TRP K 34 -41.76 -24.28 53.43
N SER K 35 -40.77 -24.97 54.01
CA SER K 35 -39.73 -25.64 53.24
C SER K 35 -39.43 -26.98 53.88
N TRP K 36 -38.94 -27.91 53.05
CA TRP K 36 -38.58 -29.25 53.48
C TRP K 36 -37.08 -29.47 53.24
N ILE K 37 -36.43 -30.12 54.21
CA ILE K 37 -35.00 -30.39 54.14
C ILE K 37 -34.78 -31.87 54.38
N ARG K 38 -34.02 -32.51 53.48
CA ARG K 38 -33.66 -33.92 53.58
C ARG K 38 -32.17 -34.01 53.87
N GLN K 39 -31.82 -34.75 54.93
CA GLN K 39 -30.43 -34.89 55.35
C GLN K 39 -30.07 -36.37 55.44
N PRO K 40 -29.14 -36.89 54.64
CA PRO K 40 -28.68 -38.26 54.86
C PRO K 40 -27.96 -38.39 56.19
N LEU K 41 -28.01 -39.60 56.75
CA LEU K 41 -27.46 -39.85 58.08
C LEU K 41 -25.96 -39.56 58.08
N GLY K 42 -25.57 -38.50 58.78
CA GLY K 42 -24.17 -38.17 58.94
C GLY K 42 -23.57 -37.30 57.86
N LYS K 43 -24.30 -37.01 56.79
CA LYS K 43 -23.81 -36.23 55.67
C LYS K 43 -24.46 -34.84 55.69
N GLN K 44 -24.05 -34.01 54.74
CA GLN K 44 -24.56 -32.65 54.67
C GLN K 44 -26.05 -32.66 54.33
N PRO K 45 -26.84 -31.73 54.87
CA PRO K 45 -28.26 -31.68 54.51
C PRO K 45 -28.46 -31.32 53.05
N GLU K 46 -29.58 -31.79 52.50
CA GLU K 46 -30.00 -31.48 51.14
C GLU K 46 -31.35 -30.77 51.18
N TRP K 47 -31.48 -29.72 50.38
CA TRP K 47 -32.67 -28.88 50.40
C TRP K 47 -33.63 -29.32 49.30
N ILE K 48 -34.83 -29.74 49.70
CA ILE K 48 -35.85 -30.08 48.71
C ILE K 48 -36.38 -28.82 48.04
N GLY K 49 -36.69 -27.80 48.83
CA GLY K 49 -37.17 -26.54 48.33
C GLY K 49 -38.24 -25.97 49.24
N TYR K 50 -39.07 -25.10 48.67
CA TYR K 50 -40.14 -24.43 49.39
C TYR K 50 -41.43 -24.56 48.59
N VAL K 51 -42.55 -24.67 49.30
CA VAL K 51 -43.87 -24.80 48.70
C VAL K 51 -44.81 -23.81 49.38
N HIS K 52 -45.67 -23.18 48.58
CA HIS K 52 -46.66 -22.26 49.12
C HIS K 52 -47.85 -22.23 48.18
N ASP K 53 -49.03 -22.01 48.74
CA ASP K 53 -50.26 -22.02 47.96
C ASP K 53 -50.32 -20.80 47.04
N SER K 54 -51.19 -20.89 46.03
CA SER K 54 -51.43 -19.80 45.09
C SER K 54 -50.17 -19.47 44.29
N GLY K 55 -49.69 -20.46 43.55
CA GLY K 55 -48.66 -20.24 42.55
C GLY K 55 -47.25 -20.66 42.96
N ASP K 56 -46.87 -20.40 44.21
CA ASP K 56 -45.50 -20.66 44.67
C ASP K 56 -45.38 -22.13 45.07
N THR K 57 -45.44 -22.99 44.04
CA THR K 57 -45.35 -24.43 44.20
C THR K 57 -44.10 -24.99 43.53
N ASN K 58 -43.00 -24.24 43.64
CA ASN K 58 -41.75 -24.70 43.03
C ASN K 58 -41.21 -25.92 43.76
N TYR K 59 -40.72 -26.88 43.00
CA TYR K 59 -40.16 -28.12 43.51
C TYR K 59 -38.67 -28.17 43.21
N ASN K 60 -38.04 -29.28 43.58
CA ASN K 60 -36.60 -29.45 43.38
C ASN K 60 -36.31 -29.65 41.90
N PRO K 61 -35.51 -28.79 41.25
CA PRO K 61 -35.23 -29.00 39.82
C PRO K 61 -34.51 -30.31 39.53
N SER K 62 -33.67 -30.80 40.44
CA SER K 62 -32.88 -31.99 40.15
C SER K 62 -33.77 -33.22 39.97
N LEU K 63 -34.81 -33.35 40.78
CA LEU K 63 -35.67 -34.55 40.74
C LEU K 63 -36.84 -34.33 39.80
N LYS K 64 -37.72 -33.39 40.13
CA LYS K 64 -38.84 -32.96 39.27
C LYS K 64 -39.57 -34.12 38.62
N SER K 65 -39.58 -35.29 39.28
CA SER K 65 -40.17 -36.49 38.70
C SER K 65 -41.33 -37.04 39.52
N ARG K 66 -41.14 -37.27 40.82
CA ARG K 66 -42.11 -37.94 41.66
C ARG K 66 -42.51 -37.14 42.90
N VAL K 67 -41.95 -35.95 43.09
CA VAL K 67 -42.28 -35.13 44.25
C VAL K 67 -43.67 -34.52 44.05
N HIS K 68 -44.45 -34.51 45.13
CA HIS K 68 -45.79 -33.94 45.09
C HIS K 68 -46.11 -33.36 46.46
N LEU K 69 -46.31 -32.05 46.52
CA LEU K 69 -46.63 -31.34 47.76
C LEU K 69 -48.05 -30.81 47.66
N SER K 70 -48.81 -30.96 48.75
CA SER K 70 -50.18 -30.49 48.83
C SER K 70 -50.42 -29.82 50.18
N LEU K 71 -51.42 -28.95 50.21
CA LEU K 71 -51.78 -28.20 51.41
C LEU K 71 -53.25 -28.40 51.73
N ASP K 72 -53.57 -28.35 53.02
CA ASP K 72 -54.94 -28.49 53.51
C ASP K 72 -55.22 -27.32 54.45
N LYS K 73 -55.86 -26.28 53.92
CA LYS K 73 -56.16 -25.10 54.73
C LYS K 73 -57.13 -25.43 55.86
N SER K 74 -58.14 -26.26 55.59
CA SER K 74 -59.12 -26.57 56.62
C SER K 74 -58.47 -27.28 57.81
N LYS K 75 -57.58 -28.24 57.53
CA LYS K 75 -56.89 -28.97 58.58
C LYS K 75 -55.57 -28.33 58.99
N ASN K 76 -55.13 -27.28 58.29
CA ASN K 76 -53.87 -26.61 58.59
C ASN K 76 -52.72 -27.61 58.56
N LEU K 77 -52.70 -28.43 57.52
CA LEU K 77 -51.72 -29.50 57.36
C LEU K 77 -51.11 -29.44 55.98
N VAL K 78 -49.81 -29.77 55.90
CA VAL K 78 -49.07 -29.86 54.64
C VAL K 78 -48.58 -31.28 54.49
N SER K 79 -48.82 -31.86 53.32
CA SER K 79 -48.53 -33.26 53.04
C SER K 79 -47.45 -33.37 51.97
N LEU K 80 -46.53 -34.31 52.18
CA LEU K 80 -45.47 -34.62 51.23
C LEU K 80 -45.60 -36.08 50.81
N ARG K 81 -45.63 -36.33 49.51
CA ARG K 81 -45.88 -37.65 48.95
C ARG K 81 -44.85 -37.96 47.89
N LEU K 82 -44.31 -39.18 47.95
CA LEU K 82 -43.40 -39.71 46.93
C LEU K 82 -43.95 -41.02 46.39
N THR K 83 -43.77 -41.23 45.09
CA THR K 83 -44.21 -42.45 44.43
C THR K 83 -42.98 -43.21 43.93
N GLY K 84 -42.88 -44.48 44.30
CA GLY K 84 -41.76 -45.31 43.90
C GLY K 84 -40.51 -45.05 44.71
N VAL K 85 -40.59 -45.30 46.02
CA VAL K 85 -39.44 -45.08 46.89
C VAL K 85 -38.33 -46.06 46.52
N THR K 86 -37.09 -45.62 46.65
CA THR K 86 -35.91 -46.41 46.34
C THR K 86 -35.13 -46.70 47.64
N ALA K 87 -33.99 -47.36 47.49
CA ALA K 87 -33.15 -47.71 48.62
C ALA K 87 -32.33 -46.55 49.14
N ALA K 88 -32.18 -45.47 48.36
CA ALA K 88 -31.39 -44.32 48.76
C ALA K 88 -32.21 -43.23 49.45
N ASP K 89 -33.50 -43.47 49.70
CA ASP K 89 -34.37 -42.48 50.31
C ASP K 89 -34.33 -42.51 51.83
N SER K 90 -33.53 -43.39 52.44
CA SER K 90 -33.45 -43.47 53.89
C SER K 90 -32.70 -42.26 54.41
N ALA K 91 -33.45 -41.28 54.91
CA ALA K 91 -32.86 -40.05 55.43
C ALA K 91 -33.86 -39.38 56.36
N ILE K 92 -33.36 -38.46 57.18
CA ILE K 92 -34.18 -37.69 58.10
C ILE K 92 -34.72 -36.46 57.37
N TYR K 93 -36.01 -36.21 57.56
CA TYR K 93 -36.69 -35.08 56.92
C TYR K 93 -37.06 -34.04 57.96
N TYR K 94 -37.20 -32.79 57.50
CA TYR K 94 -37.50 -31.66 58.38
C TYR K 94 -38.41 -30.70 57.66
N CYS K 95 -39.58 -30.45 58.23
CA CYS K 95 -40.50 -29.43 57.74
C CYS K 95 -40.41 -28.22 58.65
N ALA K 96 -40.12 -27.05 58.06
CA ALA K 96 -39.92 -25.85 58.84
C ALA K 96 -40.22 -24.64 57.98
N THR K 97 -40.39 -23.50 58.64
CA THR K 97 -40.69 -22.25 57.96
C THR K 97 -39.40 -21.62 57.42
N THR K 98 -39.57 -20.57 56.63
CA THR K 98 -38.45 -19.85 56.04
C THR K 98 -38.81 -18.38 55.89
N LYS K 99 -37.79 -17.54 55.80
CA LYS K 99 -37.94 -16.10 55.69
C LYS K 99 -37.20 -15.60 54.46
N HIS K 100 -37.81 -14.64 53.75
CA HIS K 100 -37.26 -14.12 52.52
C HIS K 100 -36.13 -13.13 52.81
N GLY K 101 -35.45 -12.73 51.74
CA GLY K 101 -34.40 -11.72 51.81
C GLY K 101 -34.04 -11.23 50.42
N ARG K 102 -33.95 -9.91 50.25
CA ARG K 102 -33.78 -9.31 48.94
C ARG K 102 -32.40 -8.66 48.83
N ARG K 103 -31.84 -8.69 47.63
CA ARG K 103 -30.56 -8.04 47.33
C ARG K 103 -30.62 -7.50 45.91
N ILE K 104 -30.28 -6.24 45.74
CA ILE K 104 -30.25 -5.58 44.43
C ILE K 104 -28.81 -5.16 44.16
N TYR K 105 -28.30 -5.50 42.98
CA TYR K 105 -26.93 -5.18 42.60
C TYR K 105 -26.85 -4.49 41.25
N GLY K 106 -27.95 -3.95 40.74
CA GLY K 106 -27.93 -3.29 39.44
C GLY K 106 -29.14 -2.44 39.17
N VAL K 107 -29.65 -2.49 37.94
CA VAL K 107 -30.78 -1.67 37.55
C VAL K 107 -32.07 -2.29 38.05
N VAL K 108 -32.95 -1.45 38.62
CA VAL K 108 -34.16 -1.96 39.24
C VAL K 108 -35.08 -2.62 38.21
N ALA K 109 -35.00 -2.20 36.95
CA ALA K 109 -35.91 -2.68 35.92
C ALA K 109 -35.32 -3.79 35.05
N PHE K 110 -34.08 -4.21 35.30
CA PHE K 110 -33.42 -5.21 34.48
C PHE K 110 -33.15 -6.52 35.22
N LYS K 111 -33.90 -6.78 36.30
CA LYS K 111 -33.91 -8.10 36.95
C LYS K 111 -32.55 -8.47 37.53
N GLU K 112 -31.88 -7.51 38.16
CA GLU K 112 -30.66 -7.79 38.91
C GLU K 112 -30.97 -7.90 40.41
N TRP K 113 -31.76 -8.90 40.75
CA TRP K 113 -32.02 -9.22 42.15
C TRP K 113 -32.54 -10.64 42.24
N PHE K 114 -32.05 -11.38 43.24
CA PHE K 114 -32.47 -12.75 43.51
C PHE K 114 -32.85 -12.86 44.98
N THR K 115 -34.03 -13.40 45.24
CA THR K 115 -34.49 -13.60 46.60
C THR K 115 -33.76 -14.78 47.23
N TYR K 116 -33.25 -14.59 48.45
CA TYR K 116 -32.56 -15.62 49.19
C TYR K 116 -33.35 -15.97 50.44
N PHE K 117 -33.40 -17.26 50.77
CA PHE K 117 -34.19 -17.77 51.87
C PHE K 117 -33.30 -18.29 52.98
N TYR K 118 -33.67 -17.99 54.22
CA TYR K 118 -32.99 -18.51 55.40
C TYR K 118 -34.03 -19.04 56.36
N MET K 119 -33.74 -20.19 56.98
CA MET K 119 -34.66 -20.86 57.88
C MET K 119 -34.38 -20.42 59.31
N ASP K 120 -35.24 -19.56 59.85
CA ASP K 120 -35.06 -19.09 61.22
C ASP K 120 -35.24 -20.23 62.22
N VAL K 121 -36.19 -21.13 61.96
CA VAL K 121 -36.50 -22.23 62.85
C VAL K 121 -36.45 -23.53 62.05
N TRP K 122 -36.25 -24.64 62.77
CA TRP K 122 -36.15 -25.96 62.15
C TRP K 122 -37.07 -26.92 62.88
N GLY K 123 -37.55 -27.93 62.14
CA GLY K 123 -38.48 -28.88 62.70
C GLY K 123 -37.79 -30.03 63.42
N LYS K 124 -38.58 -30.79 64.18
CA LYS K 124 -38.05 -31.94 64.90
C LYS K 124 -37.77 -33.11 63.96
N GLY K 125 -38.67 -33.35 63.00
CA GLY K 125 -38.47 -34.38 62.01
C GLY K 125 -38.87 -35.76 62.50
N THR K 126 -38.92 -36.69 61.54
CA THR K 126 -39.24 -38.08 61.83
C THR K 126 -38.41 -38.98 60.93
N SER K 127 -37.91 -40.08 61.49
CA SER K 127 -37.02 -40.99 60.77
C SER K 127 -37.82 -41.86 59.82
N VAL K 128 -37.32 -41.99 58.59
CA VAL K 128 -37.92 -42.83 57.55
C VAL K 128 -36.83 -43.75 57.01
N THR K 129 -37.14 -45.05 56.95
CA THR K 129 -36.20 -46.03 56.45
C THR K 129 -36.94 -47.04 55.58
N VAL K 130 -36.19 -47.69 54.70
CA VAL K 130 -36.73 -48.69 53.77
C VAL K 130 -35.97 -50.00 53.97
N SER K 131 -36.73 -51.09 54.06
CA SER K 131 -36.15 -52.41 54.26
C SER K 131 -37.06 -53.43 53.59
N SER K 132 -36.74 -54.71 53.79
CA SER K 132 -37.52 -55.80 53.21
C SER K 132 -38.10 -56.69 54.31
N THR L 1 -12.36 -32.73 56.71
CA THR L 1 -13.03 -31.47 56.99
C THR L 1 -13.21 -31.29 58.49
N PHE L 2 -12.20 -31.68 59.26
CA PHE L 2 -12.21 -31.58 60.72
C PHE L 2 -11.18 -30.55 61.16
N VAL L 3 -11.62 -29.61 61.99
CA VAL L 3 -10.77 -28.53 62.48
C VAL L 3 -10.64 -28.67 63.99
N SER L 4 -9.40 -28.63 64.49
CA SER L 4 -9.11 -28.75 65.91
C SER L 4 -8.53 -27.42 66.39
N VAL L 5 -9.24 -26.75 67.29
CA VAL L 5 -8.84 -25.46 67.84
C VAL L 5 -8.93 -25.54 69.36
N ALA L 6 -7.87 -25.09 70.04
CA ALA L 6 -7.87 -25.10 71.48
C ALA L 6 -8.84 -24.05 72.03
N PRO L 7 -9.37 -24.24 73.24
CA PRO L 7 -10.27 -23.23 73.80
C PRO L 7 -9.58 -21.88 73.97
N GLY L 8 -10.33 -20.82 73.74
CA GLY L 8 -9.84 -19.47 73.94
C GLY L 8 -8.98 -18.91 72.83
N GLN L 9 -8.78 -19.65 71.75
CA GLN L 9 -7.95 -19.22 70.63
C GLN L 9 -8.83 -18.81 69.45
N THR L 10 -8.19 -18.32 68.40
CA THR L 10 -8.88 -17.91 67.19
C THR L 10 -9.00 -19.08 66.23
N ALA L 11 -10.08 -19.06 65.43
CA ALA L 11 -10.35 -20.12 64.47
C ALA L 11 -10.78 -19.50 63.15
N ARG L 12 -10.41 -20.15 62.04
CA ARG L 12 -10.78 -19.72 60.70
C ARG L 12 -11.41 -20.91 59.98
N ILE L 13 -12.57 -20.67 59.36
CA ILE L 13 -13.31 -21.69 58.62
C ILE L 13 -13.44 -21.22 57.18
N THR L 14 -13.04 -22.08 56.25
CA THR L 14 -13.09 -21.79 54.81
C THR L 14 -14.16 -22.67 54.18
N CYS L 15 -15.10 -22.04 53.49
CA CYS L 15 -16.17 -22.76 52.81
C CYS L 15 -16.52 -22.03 51.52
N GLY L 16 -17.07 -22.78 50.57
CA GLY L 16 -17.47 -22.23 49.30
C GLY L 16 -16.34 -22.24 48.28
N GLU L 17 -16.71 -21.94 47.03
CA GLU L 17 -15.78 -21.90 45.93
C GLU L 17 -15.29 -20.46 45.71
N GLU L 18 -14.58 -20.24 44.60
CA GLU L 18 -14.05 -18.92 44.31
C GLU L 18 -15.18 -17.93 44.08
N SER L 19 -14.91 -16.65 44.38
CA SER L 19 -15.91 -15.60 44.32
C SER L 19 -15.98 -15.05 42.89
N LEU L 20 -16.66 -15.82 42.03
CA LEU L 20 -16.86 -15.37 40.65
C LEU L 20 -17.76 -14.13 40.61
N GLY L 21 -18.85 -14.13 41.37
CA GLY L 21 -19.73 -12.99 41.47
C GLY L 21 -20.12 -12.69 42.90
N SER L 22 -21.10 -11.82 43.10
CA SER L 22 -21.52 -11.44 44.44
C SER L 22 -22.20 -12.62 45.15
N ARG L 23 -22.10 -12.62 46.48
CA ARG L 23 -22.66 -13.67 47.31
C ARG L 23 -23.48 -13.10 48.45
N SER L 24 -24.41 -13.90 48.93
CA SER L 24 -25.18 -13.62 50.15
C SER L 24 -25.09 -14.88 51.01
N VAL L 25 -24.02 -14.98 51.80
CA VAL L 25 -23.73 -16.22 52.52
C VAL L 25 -24.69 -16.36 53.70
N ILE L 26 -25.15 -17.59 53.92
CA ILE L 26 -25.98 -17.94 55.07
C ILE L 26 -25.25 -19.02 55.85
N TRP L 27 -25.12 -18.80 57.16
CA TRP L 27 -24.38 -19.70 58.04
C TRP L 27 -25.35 -20.53 58.87
N TYR L 28 -25.12 -21.83 58.93
CA TYR L 28 -25.95 -22.76 59.67
C TYR L 28 -25.06 -23.63 60.56
N GLN L 29 -25.66 -24.17 61.62
CA GLN L 29 -24.99 -25.06 62.54
C GLN L 29 -25.87 -26.28 62.80
N GLN L 30 -25.23 -27.42 63.05
CA GLN L 30 -25.91 -28.67 63.33
C GLN L 30 -25.41 -29.20 64.67
N ARG L 31 -26.34 -29.49 65.58
CA ARG L 31 -26.01 -30.04 66.89
C ARG L 31 -26.31 -31.54 66.92
N PRO L 32 -25.41 -32.41 67.38
CA PRO L 32 -25.72 -33.84 67.37
C PRO L 32 -26.92 -34.15 68.25
N GLY L 33 -27.94 -34.76 67.64
CA GLY L 33 -29.14 -35.13 68.37
C GLY L 33 -30.11 -34.00 68.63
N GLN L 34 -29.91 -32.83 68.01
CA GLN L 34 -30.78 -31.68 68.23
C GLN L 34 -31.01 -30.98 66.90
N ALA L 35 -32.12 -30.25 66.82
CA ALA L 35 -32.48 -29.57 65.58
C ALA L 35 -31.47 -28.46 65.28
N PRO L 36 -31.27 -28.13 64.00
CA PRO L 36 -30.34 -27.04 63.67
C PRO L 36 -30.91 -25.69 64.10
N SER L 37 -30.12 -24.65 63.86
CA SER L 37 -30.51 -23.28 64.17
C SER L 37 -29.80 -22.37 63.18
N LEU L 38 -29.80 -21.07 63.48
CA LEU L 38 -29.22 -20.05 62.60
C LEU L 38 -28.28 -19.16 63.39
N ILE L 39 -27.28 -18.63 62.71
CA ILE L 39 -26.31 -17.73 63.33
C ILE L 39 -26.33 -16.40 62.59
N ILE L 40 -26.01 -16.41 61.30
CA ILE L 40 -25.99 -15.22 60.46
C ILE L 40 -26.99 -15.43 59.34
N TYR L 41 -27.90 -14.47 59.17
CA TYR L 41 -28.97 -14.55 58.17
C TYR L 41 -28.69 -13.71 56.93
N ASN L 42 -27.50 -13.14 56.81
CA ASN L 42 -27.14 -12.33 55.64
C ASN L 42 -25.62 -12.36 55.51
N ASN L 43 -25.09 -11.49 54.63
CA ASN L 43 -23.64 -11.42 54.47
C ASN L 43 -22.97 -10.98 55.76
N ASN L 44 -23.51 -9.95 56.41
CA ASN L 44 -22.97 -9.48 57.69
C ASN L 44 -24.05 -9.18 58.73
N ASP L 45 -25.32 -9.05 58.35
CA ASP L 45 -26.37 -8.79 59.31
C ASP L 45 -26.65 -10.04 60.13
N ARG L 46 -26.99 -9.83 61.41
CA ARG L 46 -27.25 -10.92 62.34
C ARG L 46 -28.58 -10.71 63.03
N PRO L 47 -29.24 -11.77 63.47
CA PRO L 47 -30.51 -11.63 64.19
C PRO L 47 -30.27 -11.35 65.67
N SER L 48 -31.37 -11.24 66.41
CA SER L 48 -31.30 -11.03 67.85
C SER L 48 -30.97 -12.33 68.57
N GLY L 49 -30.61 -12.19 69.84
CA GLY L 49 -30.27 -13.34 70.66
C GLY L 49 -28.81 -13.75 70.65
N ILE L 50 -27.99 -13.10 69.83
CA ILE L 50 -26.57 -13.40 69.75
C ILE L 50 -25.79 -12.08 69.80
N PRO L 51 -24.70 -11.98 70.54
CA PRO L 51 -23.92 -10.73 70.56
C PRO L 51 -23.20 -10.52 69.23
N ASP L 52 -22.45 -9.43 69.16
CA ASP L 52 -21.71 -9.04 67.97
C ASP L 52 -20.36 -9.73 67.87
N ARG L 53 -20.14 -10.82 68.62
CA ARG L 53 -18.87 -11.53 68.54
C ARG L 53 -18.65 -12.11 67.16
N PHE L 54 -19.70 -12.67 66.55
CA PHE L 54 -19.58 -13.26 65.23
C PHE L 54 -19.28 -12.19 64.19
N SER L 55 -18.49 -12.55 63.19
CA SER L 55 -18.12 -11.64 62.11
C SER L 55 -18.04 -12.42 60.81
N GLY L 56 -18.20 -11.70 59.70
CA GLY L 56 -18.15 -12.29 58.38
C GLY L 56 -17.65 -11.31 57.35
N SER L 57 -17.43 -11.83 56.14
CA SER L 57 -16.92 -11.02 55.05
C SER L 57 -18.07 -10.50 54.18
N PRO L 58 -17.95 -9.32 53.59
CA PRO L 58 -19.01 -8.84 52.70
C PRO L 58 -19.04 -9.60 51.39
N GLY L 59 -20.13 -9.41 50.65
CA GLY L 59 -20.35 -10.07 49.38
C GLY L 59 -19.83 -9.33 48.17
N SER L 60 -19.08 -8.25 48.36
CA SER L 60 -18.56 -7.44 47.26
C SER L 60 -17.14 -7.84 46.86
N THR L 61 -16.78 -9.11 47.03
CA THR L 61 -15.46 -9.61 46.73
C THR L 61 -15.49 -10.44 45.46
N PHE L 62 -14.47 -10.29 44.63
CA PHE L 62 -14.32 -11.04 43.37
C PHE L 62 -13.04 -11.84 43.41
N GLY L 63 -13.15 -13.15 43.18
CA GLY L 63 -12.00 -14.02 43.14
C GLY L 63 -11.57 -14.56 44.48
N THR L 64 -12.17 -14.11 45.58
CA THR L 64 -11.81 -14.58 46.91
C THR L 64 -12.71 -15.77 47.30
N THR L 65 -12.63 -16.18 48.55
CA THR L 65 -13.44 -17.27 49.09
C THR L 65 -14.05 -16.84 50.42
N ALA L 66 -15.30 -17.24 50.64
CA ALA L 66 -15.98 -16.90 51.88
C ALA L 66 -15.27 -17.55 53.06
N THR L 67 -15.07 -16.78 54.13
CA THR L 67 -14.39 -17.25 55.33
C THR L 67 -15.12 -16.77 56.56
N LEU L 68 -14.99 -17.53 57.65
CA LEU L 68 -15.58 -17.19 58.94
C LEU L 68 -14.48 -17.17 59.99
N THR L 69 -14.48 -16.12 60.81
CA THR L 69 -13.49 -15.93 61.87
C THR L 69 -14.19 -16.09 63.21
N ILE L 70 -13.67 -16.99 64.04
CA ILE L 70 -14.21 -17.25 65.37
C ILE L 70 -13.08 -17.06 66.38
N THR L 71 -13.37 -16.32 67.45
CA THR L 71 -12.41 -16.02 68.49
C THR L 71 -12.99 -16.38 69.85
N SER L 72 -12.11 -16.72 70.79
CA SER L 72 -12.51 -17.12 72.14
C SER L 72 -13.46 -18.31 72.10
N VAL L 73 -12.95 -19.43 71.59
CA VAL L 73 -13.75 -20.64 71.47
C VAL L 73 -14.11 -21.13 72.86
N GLU L 74 -15.39 -21.47 73.04
CA GLU L 74 -15.94 -21.93 74.30
C GLU L 74 -16.38 -23.39 74.18
N ALA L 75 -16.88 -23.93 75.30
CA ALA L 75 -17.33 -25.32 75.31
C ALA L 75 -18.56 -25.52 74.46
N GLY L 76 -19.41 -24.50 74.32
CA GLY L 76 -20.62 -24.61 73.53
C GLY L 76 -20.42 -24.43 72.05
N ASP L 77 -19.19 -24.21 71.59
CA ASP L 77 -18.91 -24.05 70.18
C ASP L 77 -18.77 -25.37 69.44
N GLU L 78 -18.80 -26.50 70.14
CA GLU L 78 -18.63 -27.80 69.50
C GLU L 78 -19.86 -28.17 68.70
N ALA L 79 -19.84 -27.86 67.40
CA ALA L 79 -20.95 -28.20 66.52
C ALA L 79 -20.46 -28.20 65.09
N ASP L 80 -21.21 -28.85 64.22
CA ASP L 80 -20.88 -28.90 62.80
C ASP L 80 -21.39 -27.64 62.11
N TYR L 81 -20.50 -26.96 61.39
CA TYR L 81 -20.81 -25.71 60.72
C TYR L 81 -20.96 -25.92 59.22
N TYR L 82 -22.00 -25.32 58.65
CA TYR L 82 -22.28 -25.44 57.23
C TYR L 82 -22.40 -24.05 56.62
N CYS L 83 -22.06 -23.96 55.33
CA CYS L 83 -22.14 -22.72 54.57
C CYS L 83 -23.09 -22.90 53.41
N HIS L 84 -23.78 -21.82 53.05
CA HIS L 84 -24.74 -21.81 51.95
C HIS L 84 -24.47 -20.59 51.09
N ILE L 85 -23.90 -20.80 49.93
CA ILE L 85 -23.58 -19.71 49.00
C ILE L 85 -24.82 -19.35 48.21
N TRP L 86 -24.88 -18.11 47.76
CA TRP L 86 -25.99 -17.61 46.94
C TRP L 86 -25.41 -16.68 45.88
N ASP L 87 -25.10 -17.24 44.72
CA ASP L 87 -24.46 -16.51 43.64
C ASP L 87 -25.46 -16.09 42.58
N SER L 88 -25.24 -14.92 42.00
CA SER L 88 -26.04 -14.48 40.86
C SER L 88 -25.62 -15.16 39.56
N ARG L 89 -24.45 -15.80 39.53
CA ARG L 89 -24.01 -16.51 38.34
C ARG L 89 -24.69 -17.87 38.23
N ARG L 90 -24.43 -18.74 39.19
CA ARG L 90 -24.99 -20.08 39.15
C ARG L 90 -26.43 -20.08 39.69
N PRO L 91 -27.27 -21.00 39.23
CA PRO L 91 -28.61 -21.12 39.83
C PRO L 91 -28.54 -21.48 41.31
N THR L 92 -29.68 -21.47 41.99
CA THR L 92 -29.71 -21.78 43.41
C THR L 92 -29.25 -23.23 43.62
N ASN L 93 -28.20 -23.39 44.43
CA ASN L 93 -27.66 -24.71 44.73
C ASN L 93 -28.41 -25.28 45.93
N TRP L 94 -29.00 -26.47 45.74
CA TRP L 94 -29.80 -27.10 46.78
C TRP L 94 -28.99 -28.07 47.64
N VAL L 95 -27.68 -28.17 47.44
CA VAL L 95 -26.82 -29.03 48.23
C VAL L 95 -25.80 -28.14 48.94
N PHE L 96 -25.67 -28.32 50.26
CA PHE L 96 -24.75 -27.53 51.05
C PHE L 96 -23.31 -27.99 50.81
N GLY L 97 -22.38 -27.15 51.23
CA GLY L 97 -20.97 -27.42 51.03
C GLY L 97 -20.43 -28.41 52.05
N GLU L 98 -19.11 -28.57 52.02
CA GLU L 98 -18.44 -29.52 52.91
C GLU L 98 -18.52 -29.00 54.35
N GLY L 99 -19.38 -29.61 55.14
CA GLY L 99 -19.54 -29.23 56.53
C GLY L 99 -18.25 -29.40 57.32
N THR L 100 -17.89 -28.37 58.09
CA THR L 100 -16.67 -28.40 58.91
C THR L 100 -17.06 -28.70 60.36
N THR L 101 -16.60 -29.85 60.85
CA THR L 101 -16.87 -30.25 62.23
C THR L 101 -15.76 -29.71 63.12
N LEU L 102 -16.07 -28.68 63.89
CA LEU L 102 -15.11 -28.02 64.77
C LEU L 102 -15.20 -28.68 66.14
N ILE L 103 -14.10 -29.29 66.58
CA ILE L 103 -14.04 -30.01 67.85
C ILE L 103 -13.19 -29.22 68.83
N VAL L 104 -13.56 -29.26 70.10
CA VAL L 104 -12.90 -28.52 71.16
C VAL L 104 -12.33 -29.50 72.17
N LEU L 105 -11.07 -29.30 72.54
CA LEU L 105 -10.40 -30.17 73.51
C LEU L 105 -10.86 -29.84 74.92
#